data_9QEZ
#
_entry.id   9QEZ
#
_cell.length_a   81.687
_cell.length_b   164.962
_cell.length_c   165.114
_cell.angle_alpha   90.000
_cell.angle_beta   90.000
_cell.angle_gamma   90.000
#
_symmetry.space_group_name_H-M   'P 2 21 21'
#
loop_
_entity.id
_entity.type
_entity.pdbx_description
1 polymer 'Carbonic anhydrase mutant'
2 polymer Peptide
3 non-polymer 'ZINC ION'
4 non-polymer 'SODIUM ION'
5 non-polymer '4-(2-HYDROXYETHYL)-1-PIPERAZINE ETHANESULFONIC ACID'
6 non-polymer 'MAGNESIUM ION'
7 water water
#
loop_
_entity_poly.entity_id
_entity_poly.type
_entity_poly.pdbx_seq_one_letter_code
_entity_poly.pdbx_strand_id
1 'polypeptide(L)'
;MEHKYKNHLPKIHETTFVAEGVHIIGDVEIGEDSNIWFNAVLRGDENSIKIGRGTNIQDNATLHASEVYHEEEIEQSPTI
IGDYVTVGHNCIIHGCKIGDYSLIGMGSIILDNAEIGEYTIIGAGSLVTQNKKIPPRVLCMGSPAKVIRELTEEEIEYLK
NSAKHNIELSKNYRHHHHHH
;
D,B,F,E,H,C,A,I,G
2 'polypeptide(L)' WVAVWGDR L
#
# COMPACT_ATOMS: atom_id res chain seq x y z
N MET A 1 17.45 -11.52 -37.06
CA MET A 1 17.68 -10.82 -35.79
C MET A 1 18.81 -9.81 -35.91
N GLU A 2 20.04 -10.28 -36.20
CA GLU A 2 21.14 -9.37 -36.55
C GLU A 2 21.22 -9.22 -38.06
N HIS A 3 21.48 -7.99 -38.51
CA HIS A 3 21.59 -7.70 -39.92
C HIS A 3 22.83 -6.86 -40.16
N LYS A 4 23.54 -7.16 -41.23
CA LYS A 4 24.66 -6.33 -41.65
C LYS A 4 24.16 -5.08 -42.35
N TYR A 5 24.89 -3.98 -42.18
CA TYR A 5 24.66 -2.79 -42.99
C TYR A 5 26.00 -2.22 -43.40
N LYS A 6 26.28 -2.22 -44.70
CA LYS A 6 27.61 -1.93 -45.24
C LYS A 6 28.64 -2.81 -44.53
N ASN A 7 29.62 -2.21 -43.85
CA ASN A 7 30.63 -2.98 -43.15
C ASN A 7 30.43 -2.95 -41.63
N HIS A 8 29.19 -2.85 -41.19
CA HIS A 8 28.87 -2.85 -39.76
C HIS A 8 28.08 -4.11 -39.44
N LEU A 9 28.61 -4.88 -38.51
CA LEU A 9 27.88 -5.96 -37.87
C LEU A 9 27.66 -5.61 -36.40
N PRO A 10 26.49 -5.91 -35.83
CA PRO A 10 26.26 -5.59 -34.42
C PRO A 10 27.34 -6.17 -33.51
N LYS A 11 27.72 -5.40 -32.50
CA LYS A 11 28.60 -5.85 -31.43
C LYS A 11 27.76 -6.07 -30.16
N ILE A 12 27.41 -7.33 -29.90
CA ILE A 12 26.51 -7.70 -28.82
C ILE A 12 27.30 -8.49 -27.79
N HIS A 13 27.28 -8.04 -26.55
CA HIS A 13 27.90 -8.82 -25.48
C HIS A 13 27.21 -10.17 -25.38
N GLU A 14 28.00 -11.19 -25.00
CA GLU A 14 27.50 -12.56 -25.00
C GLU A 14 26.49 -12.83 -23.89
N THR A 15 26.42 -11.99 -22.86
CA THR A 15 25.33 -12.07 -21.87
C THR A 15 24.10 -11.24 -22.24
N THR A 16 24.11 -10.53 -23.38
CA THR A 16 22.94 -9.76 -23.78
C THR A 16 21.78 -10.69 -24.13
N PHE A 17 20.59 -10.37 -23.63
CA PHE A 17 19.38 -11.10 -23.97
C PHE A 17 18.67 -10.40 -25.12
N VAL A 18 18.47 -11.11 -26.22
CA VAL A 18 17.78 -10.57 -27.39
C VAL A 18 16.58 -11.47 -27.67
N ALA A 19 15.38 -10.95 -27.42
CA ALA A 19 14.14 -11.71 -27.55
C ALA A 19 13.78 -11.91 -29.03
N GLU A 20 12.79 -12.77 -29.28
CA GLU A 20 12.33 -13.02 -30.65
C GLU A 20 11.67 -11.79 -31.26
N GLY A 21 11.72 -11.72 -32.58
CA GLY A 21 11.17 -10.61 -33.33
C GLY A 21 12.02 -9.35 -33.30
N VAL A 22 13.12 -9.35 -32.54
CA VAL A 22 14.03 -8.20 -32.54
C VAL A 22 14.80 -8.13 -33.86
N HIS A 23 15.05 -6.92 -34.33
CA HIS A 23 15.98 -6.69 -35.43
C HIS A 23 17.01 -5.66 -35.00
N ILE A 24 18.27 -6.05 -35.03
CA ILE A 24 19.40 -5.19 -34.72
C ILE A 24 20.25 -5.06 -35.98
N ILE A 25 20.43 -3.84 -36.47
CA ILE A 25 21.01 -3.61 -37.78
C ILE A 25 22.25 -2.75 -37.67
N GLY A 26 23.35 -3.21 -38.26
CA GLY A 26 24.47 -2.30 -38.52
C GLY A 26 25.23 -1.89 -37.27
N ASP A 27 25.47 -0.58 -37.16
CA ASP A 27 26.43 -0.05 -36.19
C ASP A 27 25.76 0.08 -34.81
N VAL A 28 25.64 -1.06 -34.14
CA VAL A 28 24.96 -1.15 -32.86
C VAL A 28 25.86 -1.91 -31.88
N GLU A 29 26.08 -1.32 -30.71
CA GLU A 29 26.90 -1.98 -29.70
C GLU A 29 26.08 -2.08 -28.43
N ILE A 30 26.02 -3.28 -27.84
CA ILE A 30 25.13 -3.52 -26.72
C ILE A 30 25.93 -4.20 -25.61
N GLY A 31 25.85 -3.64 -24.41
CA GLY A 31 26.69 -4.08 -23.32
C GLY A 31 26.16 -5.27 -22.55
N GLU A 32 27.01 -5.72 -21.62
CA GLU A 32 26.76 -6.86 -20.77
C GLU A 32 25.42 -6.75 -20.05
N ASP A 33 24.73 -7.87 -19.94
CA ASP A 33 23.47 -8.01 -19.19
C ASP A 33 22.34 -7.11 -19.69
N SER A 34 22.47 -6.47 -20.85
CA SER A 34 21.35 -5.71 -21.38
C SER A 34 20.28 -6.65 -21.98
N ASN A 35 19.05 -6.17 -22.05
CA ASN A 35 17.94 -6.99 -22.54
C ASN A 35 17.17 -6.22 -23.59
N ILE A 36 17.04 -6.82 -24.77
CA ILE A 36 16.27 -6.27 -25.87
C ILE A 36 15.02 -7.14 -26.01
N TRP A 37 13.86 -6.56 -25.75
CA TRP A 37 12.62 -7.31 -25.63
C TRP A 37 11.87 -7.40 -26.98
N PHE A 38 10.80 -8.17 -26.98
CA PHE A 38 10.15 -8.64 -28.21
C PHE A 38 9.78 -7.51 -29.16
N ASN A 39 10.15 -7.69 -30.42
CA ASN A 39 9.77 -6.85 -31.55
C ASN A 39 10.42 -5.47 -31.54
N ALA A 40 11.42 -5.23 -30.69
CA ALA A 40 12.15 -3.97 -30.77
C ALA A 40 12.99 -3.90 -32.04
N VAL A 41 13.15 -2.69 -32.58
CA VAL A 41 14.02 -2.47 -33.73
C VAL A 41 15.11 -1.47 -33.34
N LEU A 42 16.36 -1.89 -33.50
CA LEU A 42 17.53 -1.02 -33.26
C LEU A 42 18.25 -0.84 -34.59
N ARG A 43 18.00 0.25 -35.29
CA ARG A 43 18.48 0.38 -36.67
C ARG A 43 19.68 1.32 -36.70
N GLY A 44 20.89 0.74 -36.75
CA GLY A 44 22.08 1.56 -36.75
C GLY A 44 22.65 1.82 -38.14
N ASP A 45 21.84 2.33 -39.06
CA ASP A 45 22.33 2.59 -40.41
C ASP A 45 22.66 4.06 -40.67
N GLU A 46 21.81 5.01 -40.25
CA GLU A 46 22.17 6.42 -40.41
C GLU A 46 23.30 6.81 -39.46
N ASN A 47 23.36 6.21 -38.28
CA ASN A 47 24.34 6.58 -37.27
C ASN A 47 24.46 5.42 -36.30
N SER A 48 25.41 5.54 -35.39
CA SER A 48 25.67 4.47 -34.45
C SER A 48 24.65 4.47 -33.32
N ILE A 49 24.43 3.29 -32.76
CA ILE A 49 23.66 3.10 -31.54
C ILE A 49 24.56 2.42 -30.52
N LYS A 50 24.66 2.98 -29.33
CA LYS A 50 25.47 2.38 -28.29
C LYS A 50 24.63 2.26 -27.02
N ILE A 51 24.59 1.06 -26.46
CA ILE A 51 23.82 0.74 -25.27
C ILE A 51 24.75 0.13 -24.24
N GLY A 52 24.70 0.65 -23.01
CA GLY A 52 25.58 0.22 -21.94
C GLY A 52 25.21 -1.11 -21.31
N ARG A 53 25.57 -1.24 -20.04
CA ARG A 53 25.39 -2.46 -19.28
C ARG A 53 24.05 -2.45 -18.55
N GLY A 54 23.39 -3.61 -18.53
CA GLY A 54 22.17 -3.76 -17.75
C GLY A 54 21.02 -2.87 -18.17
N THR A 55 21.01 -2.41 -19.41
CA THR A 55 19.94 -1.55 -19.90
C THR A 55 18.86 -2.40 -20.58
N ASN A 56 17.61 -2.02 -20.39
CA ASN A 56 16.46 -2.74 -20.96
CA ASN A 56 16.50 -2.75 -20.99
C ASN A 56 15.82 -1.87 -22.03
N ILE A 57 15.70 -2.41 -23.25
CA ILE A 57 14.95 -1.80 -24.35
C ILE A 57 13.68 -2.62 -24.51
N GLN A 58 12.53 -2.06 -24.13
CA GLN A 58 11.34 -2.90 -23.98
C GLN A 58 10.62 -3.12 -25.31
N ASP A 59 9.51 -3.84 -25.24
CA ASP A 59 8.87 -4.41 -26.42
C ASP A 59 8.38 -3.35 -27.39
N ASN A 60 8.47 -3.66 -28.69
CA ASN A 60 7.93 -2.83 -29.77
C ASN A 60 8.57 -1.45 -29.85
N ALA A 61 9.71 -1.22 -29.20
CA ALA A 61 10.34 0.09 -29.29
C ALA A 61 11.18 0.18 -30.58
N THR A 62 11.56 1.43 -30.92
CA THR A 62 12.39 1.73 -32.09
C THR A 62 13.49 2.69 -31.68
N LEU A 63 14.73 2.30 -31.99
CA LEU A 63 15.89 3.18 -31.84
C LEU A 63 16.45 3.46 -33.22
N HIS A 64 16.63 4.74 -33.53
CA HIS A 64 17.17 5.14 -34.82
C HIS A 64 17.87 6.49 -34.64
N ALA A 65 18.37 7.05 -35.73
CA ALA A 65 18.94 8.40 -35.73
C ALA A 65 18.73 9.04 -37.09
N SER A 66 18.81 10.36 -37.13
CA SER A 66 18.63 11.06 -38.40
C SER A 66 19.88 10.94 -39.26
N GLU A 67 19.68 11.18 -40.56
CA GLU A 67 20.80 11.22 -41.50
C GLU A 67 21.79 12.31 -41.08
N VAL A 68 23.09 11.97 -41.11
CA VAL A 68 24.16 12.90 -40.74
C VAL A 68 24.38 13.92 -41.86
N TYR A 69 24.73 15.16 -41.47
CA TYR A 69 24.90 16.25 -42.44
C TYR A 69 26.32 16.83 -42.45
N HIS A 70 26.42 18.13 -42.72
CA HIS A 70 27.67 18.84 -42.93
C HIS A 70 28.30 19.30 -41.62
N GLU A 75 25.19 19.66 -35.78
CA GLU A 75 25.90 18.41 -36.08
C GLU A 75 25.25 17.23 -35.38
N GLN A 76 24.96 16.19 -36.16
CA GLN A 76 24.08 15.11 -35.72
C GLN A 76 24.70 14.30 -34.57
N SER A 77 23.92 14.10 -33.52
CA SER A 77 24.28 13.23 -32.39
C SER A 77 23.84 11.80 -32.68
N PRO A 78 24.71 10.80 -32.42
CA PRO A 78 24.25 9.41 -32.50
C PRO A 78 23.36 9.05 -31.31
N THR A 79 22.95 7.79 -31.20
CA THR A 79 22.13 7.35 -30.08
C THR A 79 23.02 6.70 -29.04
N ILE A 80 23.09 7.30 -27.86
CA ILE A 80 23.94 6.81 -26.77
C ILE A 80 23.09 6.63 -25.52
N ILE A 81 23.02 5.40 -25.03
CA ILE A 81 22.25 5.06 -23.86
C ILE A 81 23.20 4.46 -22.82
N GLY A 82 23.19 5.00 -21.61
CA GLY A 82 24.11 4.60 -20.57
C GLY A 82 23.75 3.27 -19.95
N ASP A 83 24.19 3.08 -18.70
CA ASP A 83 23.97 1.85 -17.96
C ASP A 83 22.65 1.89 -17.18
N TYR A 84 22.04 0.71 -17.00
CA TYR A 84 20.87 0.52 -16.15
C TYR A 84 19.71 1.45 -16.52
N VAL A 85 19.59 1.74 -17.80
CA VAL A 85 18.51 2.54 -18.33
C VAL A 85 17.33 1.64 -18.64
N THR A 86 16.12 2.16 -18.46
CA THR A 86 14.90 1.46 -18.84
C THR A 86 14.23 2.29 -19.92
N VAL A 87 14.19 1.75 -21.14
CA VAL A 87 13.44 2.35 -22.23
C VAL A 87 12.12 1.58 -22.34
N GLY A 88 11.00 2.24 -21.98
CA GLY A 88 9.72 1.56 -21.85
C GLY A 88 9.12 1.10 -23.17
N HIS A 89 8.03 0.34 -23.06
CA HIS A 89 7.40 -0.24 -24.24
C HIS A 89 7.07 0.80 -25.27
N ASN A 90 7.32 0.45 -26.53
CA ASN A 90 6.83 1.22 -27.66
C ASN A 90 7.44 2.61 -27.71
N CYS A 91 8.56 2.85 -27.03
CA CYS A 91 9.20 4.17 -27.14
C CYS A 91 9.85 4.34 -28.51
N ILE A 92 10.02 5.60 -28.90
CA ILE A 92 10.85 5.95 -30.06
C ILE A 92 12.04 6.75 -29.53
N ILE A 93 13.24 6.19 -29.69
CA ILE A 93 14.47 6.78 -29.20
C ILE A 93 15.30 7.17 -30.41
N HIS A 94 15.42 8.48 -30.67
CA HIS A 94 15.91 8.94 -31.97
C HIS A 94 17.07 9.93 -31.89
N GLY A 95 18.30 9.41 -31.95
CA GLY A 95 19.46 10.29 -32.03
C GLY A 95 19.70 11.14 -30.80
N CYS A 96 19.54 10.56 -29.61
CA CYS A 96 19.60 11.29 -28.34
C CYS A 96 20.58 10.59 -27.40
N LYS A 97 20.90 11.23 -26.29
CA LYS A 97 21.75 10.64 -25.27
C LYS A 97 20.98 10.49 -23.97
N ILE A 98 21.04 9.30 -23.37
CA ILE A 98 20.30 9.00 -22.16
C ILE A 98 21.29 8.55 -21.08
N GLY A 99 21.27 9.24 -19.93
CA GLY A 99 22.21 8.97 -18.87
C GLY A 99 21.84 7.76 -18.01
N ASP A 100 22.82 7.31 -17.22
CA ASP A 100 22.71 6.10 -16.41
C ASP A 100 21.47 6.14 -15.51
N TYR A 101 20.86 4.96 -15.31
CA TYR A 101 19.73 4.74 -14.39
C TYR A 101 18.47 5.53 -14.74
N SER A 102 18.41 6.19 -15.88
CA SER A 102 17.20 6.93 -16.19
C SER A 102 16.10 5.97 -16.68
N LEU A 103 14.85 6.43 -16.59
CA LEU A 103 13.68 5.64 -16.96
C LEU A 103 12.87 6.42 -17.98
N ILE A 104 12.70 5.85 -19.18
CA ILE A 104 11.95 6.50 -20.25
C ILE A 104 10.58 5.86 -20.28
N GLY A 105 9.58 6.61 -19.81
CA GLY A 105 8.24 6.06 -19.69
C GLY A 105 7.72 5.55 -21.02
N MET A 106 6.93 4.47 -20.93
CA MET A 106 6.46 3.77 -22.13
C MET A 106 5.73 4.71 -23.05
N GLY A 107 5.89 4.50 -24.36
CA GLY A 107 5.27 5.35 -25.35
C GLY A 107 5.86 6.74 -25.51
N SER A 108 7.01 7.04 -24.90
CA SER A 108 7.58 8.37 -25.07
C SER A 108 8.35 8.48 -26.38
N ILE A 109 8.64 9.71 -26.78
CA ILE A 109 9.39 10.01 -27.99
C ILE A 109 10.52 10.99 -27.64
N ILE A 110 11.77 10.58 -27.88
CA ILE A 110 12.94 11.42 -27.61
C ILE A 110 13.66 11.71 -28.92
N LEU A 111 13.74 12.98 -29.30
CA LEU A 111 14.19 13.39 -30.62
C LEU A 111 15.68 13.75 -30.64
N ASP A 112 16.17 14.05 -31.84
CA ASP A 112 17.62 14.15 -32.07
C ASP A 112 18.26 15.28 -31.28
N ASN A 113 19.45 15.01 -30.75
CA ASN A 113 20.29 15.91 -29.98
C ASN A 113 19.70 16.23 -28.61
N ALA A 114 18.57 15.61 -28.25
CA ALA A 114 18.11 15.73 -26.88
C ALA A 114 19.06 15.01 -25.95
N GLU A 115 19.03 15.40 -24.68
CA GLU A 115 19.89 14.82 -23.68
C GLU A 115 19.05 14.62 -22.43
N ILE A 116 18.99 13.39 -21.95
CA ILE A 116 18.35 13.08 -20.68
C ILE A 116 19.47 12.85 -19.67
N GLY A 117 19.50 13.67 -18.62
CA GLY A 117 20.46 13.46 -17.54
C GLY A 117 20.25 12.12 -16.85
N GLU A 118 21.29 11.70 -16.13
CA GLU A 118 21.23 10.45 -15.38
C GLU A 118 20.23 10.56 -14.23
N TYR A 119 19.74 9.40 -13.77
CA TYR A 119 18.80 9.32 -12.65
C TYR A 119 17.58 10.21 -12.87
N THR A 120 17.07 10.25 -14.10
CA THR A 120 15.92 11.09 -14.42
C THR A 120 14.74 10.23 -14.89
N ILE A 121 13.53 10.64 -14.56
CA ILE A 121 12.32 9.92 -14.97
C ILE A 121 11.59 10.76 -16.01
N ILE A 122 11.34 10.14 -17.17
CA ILE A 122 10.49 10.70 -18.22
C ILE A 122 9.13 10.00 -18.15
N GLY A 123 8.07 10.76 -17.89
CA GLY A 123 6.75 10.15 -17.78
C GLY A 123 6.28 9.51 -19.07
N ALA A 124 5.39 8.54 -18.93
CA ALA A 124 4.85 7.83 -20.08
C ALA A 124 4.23 8.81 -21.07
N GLY A 125 4.31 8.47 -22.35
CA GLY A 125 3.67 9.27 -23.39
C GLY A 125 4.24 10.66 -23.59
N SER A 126 5.45 10.92 -23.11
CA SER A 126 6.03 12.24 -23.24
C SER A 126 6.71 12.42 -24.59
N LEU A 127 6.89 13.68 -24.98
CA LEU A 127 7.63 14.03 -26.19
C LEU A 127 8.72 15.02 -25.81
N VAL A 128 9.97 14.58 -25.88
CA VAL A 128 11.13 15.44 -25.62
C VAL A 128 11.68 15.88 -26.97
N THR A 129 11.57 17.18 -27.25
CA THR A 129 11.81 17.67 -28.60
C THR A 129 13.31 17.84 -28.86
N GLN A 130 13.62 18.20 -30.09
CA GLN A 130 14.99 18.23 -30.55
C GLN A 130 15.81 19.20 -29.72
N ASN A 131 17.04 18.78 -29.39
CA ASN A 131 18.03 19.57 -28.67
C ASN A 131 17.66 19.86 -27.22
N LYS A 132 16.53 19.36 -26.72
CA LYS A 132 16.18 19.59 -25.32
C LYS A 132 17.20 18.93 -24.39
N LYS A 133 17.61 19.66 -23.37
CA LYS A 133 18.53 19.17 -22.35
C LYS A 133 17.76 19.03 -21.04
N ILE A 134 17.50 17.79 -20.65
CA ILE A 134 16.79 17.47 -19.42
C ILE A 134 17.82 17.20 -18.34
N PRO A 135 17.88 18.00 -17.27
CA PRO A 135 18.93 17.82 -16.25
C PRO A 135 18.85 16.45 -15.59
N PRO A 136 19.87 16.09 -14.81
CA PRO A 136 19.79 14.85 -14.04
C PRO A 136 18.84 14.98 -12.86
N ARG A 137 18.43 13.83 -12.34
CA ARG A 137 17.67 13.73 -11.09
C ARG A 137 16.39 14.55 -11.10
N VAL A 138 15.68 14.61 -12.25
CA VAL A 138 14.39 15.29 -12.27
C VAL A 138 13.28 14.40 -12.80
N LEU A 139 12.05 14.85 -12.53
CA LEU A 139 10.84 14.28 -13.12
C LEU A 139 10.39 15.21 -14.24
N CYS A 140 10.16 14.63 -15.42
CA CYS A 140 9.89 15.38 -16.64
C CYS A 140 8.84 14.64 -17.45
N MET A 141 7.77 15.33 -17.84
CA MET A 141 6.68 14.68 -18.57
C MET A 141 5.91 15.71 -19.39
N GLY A 142 5.02 15.20 -20.23
CA GLY A 142 4.13 16.02 -21.03
C GLY A 142 4.54 16.01 -22.49
N SER A 143 3.73 16.69 -23.30
CA SER A 143 3.99 16.71 -24.74
C SER A 143 3.69 18.10 -25.29
N PRO A 144 4.71 18.94 -25.49
CA PRO A 144 6.14 18.74 -25.21
C PRO A 144 6.45 18.68 -23.72
N ALA A 145 7.44 17.87 -23.34
CA ALA A 145 7.69 17.56 -21.94
C ALA A 145 8.38 18.72 -21.24
N LYS A 146 7.89 19.04 -20.04
CA LYS A 146 8.45 20.07 -19.17
C LYS A 146 9.01 19.43 -17.90
N VAL A 147 10.09 20.01 -17.38
CA VAL A 147 10.63 19.58 -16.08
C VAL A 147 9.60 19.90 -15.01
N ILE A 148 9.07 18.87 -14.35
CA ILE A 148 8.10 19.09 -13.28
C ILE A 148 8.80 19.51 -12.00
N ARG A 149 9.71 18.68 -11.50
CA ARG A 149 10.35 18.89 -10.20
C ARG A 149 11.57 17.98 -10.07
N GLU A 150 12.36 18.25 -9.04
CA GLU A 150 13.45 17.36 -8.67
C GLU A 150 12.90 16.05 -8.13
N LEU A 151 13.66 14.98 -8.31
CA LEU A 151 13.28 13.71 -7.72
C LEU A 151 13.61 13.70 -6.23
N THR A 152 12.81 12.96 -5.47
CA THR A 152 13.11 12.71 -4.06
C THR A 152 14.20 11.64 -3.95
N GLU A 153 14.80 11.58 -2.76
CA GLU A 153 15.81 10.56 -2.53
C GLU A 153 15.24 9.16 -2.67
N GLU A 154 13.95 8.99 -2.35
CA GLU A 154 13.32 7.68 -2.50
CA GLU A 154 13.35 7.68 -2.51
C GLU A 154 13.18 7.32 -3.97
N GLU A 155 12.83 8.29 -4.82
CA GLU A 155 12.66 7.98 -6.23
C GLU A 155 13.99 7.65 -6.88
N ILE A 156 15.07 8.33 -6.46
CA ILE A 156 16.40 8.02 -6.96
C ILE A 156 16.79 6.61 -6.56
N GLU A 157 16.50 6.24 -5.31
CA GLU A 157 16.80 4.90 -4.84
C GLU A 157 15.99 3.86 -5.61
N TYR A 158 14.77 4.19 -5.98
CA TYR A 158 13.97 3.27 -6.78
C TYR A 158 14.62 3.05 -8.14
N LEU A 159 15.19 4.10 -8.73
CA LEU A 159 15.88 3.92 -10.00
C LEU A 159 17.07 2.98 -9.86
N LYS A 160 17.83 3.08 -8.76
CA LYS A 160 18.97 2.19 -8.57
C LYS A 160 18.55 0.74 -8.40
N ASN A 161 17.32 0.50 -7.96
CA ASN A 161 16.81 -0.86 -7.76
C ASN A 161 15.97 -1.36 -8.91
N SER A 162 15.69 -0.50 -9.89
CA SER A 162 14.84 -0.85 -11.02
C SER A 162 15.54 -1.83 -11.94
N ALA A 163 16.15 -1.30 -13.01
CA ALA A 163 16.79 -2.05 -14.08
C ALA A 163 17.49 -3.32 -13.61
N LYS A 164 18.02 -3.31 -12.39
CA LYS A 164 18.60 -4.51 -11.80
C LYS A 164 17.60 -5.67 -11.82
N HIS A 165 16.43 -5.47 -11.23
CA HIS A 165 15.41 -6.50 -11.26
C HIS A 165 15.00 -6.81 -12.69
N ASN A 166 15.08 -5.81 -13.58
CA ASN A 166 14.71 -6.04 -14.97
C ASN A 166 15.74 -6.88 -15.70
N ILE A 167 16.96 -6.98 -15.17
CA ILE A 167 17.92 -7.95 -15.72
C ILE A 167 17.59 -9.36 -15.23
N GLU A 168 17.36 -9.50 -13.91
CA GLU A 168 17.01 -10.80 -13.35
C GLU A 168 15.78 -11.39 -14.03
N LEU A 169 14.76 -10.56 -14.25
CA LEU A 169 13.56 -10.99 -14.95
C LEU A 169 13.90 -11.70 -16.25
N SER A 170 14.92 -11.21 -16.97
CA SER A 170 15.32 -11.81 -18.24
C SER A 170 16.13 -13.08 -18.04
N LYS A 171 16.85 -13.20 -16.92
CA LYS A 171 17.63 -14.40 -16.67
C LYS A 171 16.74 -15.63 -16.61
N ASN A 172 15.51 -15.47 -16.13
CA ASN A 172 14.49 -16.51 -16.14
C ASN A 172 14.07 -16.91 -17.53
N TYR A 173 14.67 -16.46 -18.62
CA TYR A 173 14.22 -16.83 -19.95
C TYR A 173 15.04 -17.97 -20.58
N ARG A 174 16.09 -18.45 -19.91
CA ARG A 174 16.92 -19.53 -20.41
C ARG A 174 17.32 -20.44 -19.24
N HIS A 175 18.31 -21.31 -19.51
CA HIS A 175 18.96 -22.22 -18.55
C HIS A 175 18.16 -23.48 -18.27
N HIS A 176 18.84 -24.52 -17.77
CA HIS A 176 18.25 -25.80 -17.40
C HIS A 176 18.41 -26.13 -15.92
N HIS A 177 19.61 -25.93 -15.36
CA HIS A 177 19.82 -26.19 -13.94
C HIS A 177 19.19 -25.08 -13.09
N HIS A 178 19.56 -23.83 -13.36
CA HIS A 178 18.93 -22.68 -12.72
C HIS A 178 18.64 -21.59 -13.76
N MET B 1 -19.90 12.75 24.41
CA MET B 1 -18.57 12.70 23.80
C MET B 1 -18.22 11.36 23.13
N GLU B 2 -18.42 10.25 23.85
CA GLU B 2 -18.27 8.92 23.25
C GLU B 2 -19.64 8.35 22.90
N HIS B 3 -19.72 7.66 21.76
CA HIS B 3 -21.01 7.18 21.26
C HIS B 3 -20.87 5.77 20.70
N LYS B 4 -21.87 4.95 21.00
CA LYS B 4 -21.91 3.56 20.55
C LYS B 4 -22.56 3.50 19.16
N TYR B 5 -21.96 2.73 18.25
CA TYR B 5 -22.57 2.46 16.95
C TYR B 5 -22.59 0.97 16.70
N LYS B 6 -23.79 0.42 16.48
CA LYS B 6 -23.96 -1.02 16.40
C LYS B 6 -23.29 -1.62 17.61
N ASN B 7 -22.28 -2.46 17.42
CA ASN B 7 -21.64 -3.08 18.57
C ASN B 7 -20.19 -2.64 18.74
N HIS B 8 -19.88 -1.41 18.34
CA HIS B 8 -18.58 -0.82 18.58
C HIS B 8 -18.70 0.32 19.57
N LEU B 9 -17.77 0.35 20.51
CA LEU B 9 -17.51 1.54 21.28
C LEU B 9 -16.06 1.96 21.05
N PRO B 10 -15.76 3.25 21.14
CA PRO B 10 -14.38 3.68 20.90
C PRO B 10 -13.40 3.04 21.88
N LYS B 11 -12.22 2.73 21.37
CA LYS B 11 -11.10 2.26 22.16
C LYS B 11 -10.13 3.43 22.30
N ILE B 12 -10.21 4.13 23.43
CA ILE B 12 -9.50 5.38 23.63
C ILE B 12 -8.52 5.21 24.79
N HIS B 13 -7.24 5.38 24.49
CA HIS B 13 -6.19 5.23 25.49
C HIS B 13 -6.43 6.16 26.67
N GLU B 14 -6.02 5.72 27.86
CA GLU B 14 -6.33 6.49 29.05
C GLU B 14 -5.56 7.81 29.12
N THR B 15 -4.44 7.94 28.40
CA THR B 15 -3.73 9.20 28.34
C THR B 15 -4.20 10.09 27.18
N THR B 16 -5.18 9.67 26.40
CA THR B 16 -5.65 10.51 25.30
C THR B 16 -6.38 11.73 25.84
N PHE B 17 -6.01 12.91 25.36
CA PHE B 17 -6.73 14.13 25.69
C PHE B 17 -7.92 14.31 24.73
N VAL B 18 -9.10 14.52 25.28
CA VAL B 18 -10.32 14.73 24.50
C VAL B 18 -10.97 16.01 24.99
N ALA B 19 -10.89 17.08 24.21
CA ALA B 19 -11.48 18.36 24.57
C ALA B 19 -13.00 18.29 24.58
N GLU B 20 -13.62 19.31 25.15
CA GLU B 20 -15.07 19.46 25.16
C GLU B 20 -15.61 19.68 23.74
N GLY B 21 -16.86 19.29 23.53
CA GLY B 21 -17.46 19.41 22.22
C GLY B 21 -17.11 18.30 21.24
N VAL B 22 -16.16 17.42 21.58
CA VAL B 22 -15.76 16.33 20.70
C VAL B 22 -16.83 15.24 20.65
N HIS B 23 -16.93 14.56 19.50
CA HIS B 23 -17.80 13.40 19.38
C HIS B 23 -17.04 12.29 18.68
N ILE B 24 -16.88 11.18 19.38
CA ILE B 24 -16.21 9.99 18.90
C ILE B 24 -17.25 8.87 18.87
N ILE B 25 -17.49 8.32 17.68
CA ILE B 25 -18.62 7.42 17.44
C ILE B 25 -18.08 6.10 16.91
N GLY B 26 -18.38 5.01 17.62
CA GLY B 26 -18.31 3.70 16.99
C GLY B 26 -16.91 3.14 16.95
N ASP B 27 -16.49 2.71 15.76
CA ASP B 27 -15.25 1.94 15.57
C ASP B 27 -14.07 2.90 15.45
N VAL B 28 -13.66 3.45 16.58
CA VAL B 28 -12.56 4.42 16.61
C VAL B 28 -11.55 3.99 17.66
N GLU B 29 -10.29 3.94 17.28
CA GLU B 29 -9.23 3.59 18.20
C GLU B 29 -8.22 4.72 18.16
N ILE B 30 -7.84 5.21 19.33
CA ILE B 30 -6.95 6.36 19.46
C ILE B 30 -5.83 5.99 20.43
N GLY B 31 -4.59 6.29 20.05
CA GLY B 31 -3.42 5.83 20.78
C GLY B 31 -2.98 6.75 21.90
N GLU B 32 -1.94 6.31 22.59
CA GLU B 32 -1.40 7.00 23.74
C GLU B 32 -0.97 8.44 23.39
N ASP B 33 -1.29 9.37 24.28
CA ASP B 33 -0.89 10.78 24.21
C ASP B 33 -1.49 11.54 23.02
N SER B 34 -2.41 10.95 22.26
CA SER B 34 -3.04 11.72 21.21
C SER B 34 -3.99 12.76 21.83
N ASN B 35 -4.25 13.83 21.08
CA ASN B 35 -5.06 14.92 21.59
C ASN B 35 -6.09 15.32 20.54
N ILE B 36 -7.37 15.33 20.93
CA ILE B 36 -8.51 15.59 20.06
C ILE B 36 -9.12 16.91 20.52
N TRP B 37 -9.03 17.93 19.69
CA TRP B 37 -9.35 19.29 20.11
C TRP B 37 -10.83 19.63 19.86
N PHE B 38 -11.19 20.83 20.29
CA PHE B 38 -12.58 21.21 20.52
C PHE B 38 -13.45 21.07 19.27
N ASN B 39 -14.61 20.46 19.46
CA ASN B 39 -15.63 20.33 18.41
C ASN B 39 -15.19 19.44 17.24
N ALA B 40 -14.19 18.58 17.42
CA ALA B 40 -13.83 17.63 16.37
C ALA B 40 -14.80 16.46 16.36
N VAL B 41 -15.01 15.87 15.18
CA VAL B 41 -15.94 14.75 15.03
C VAL B 41 -15.22 13.58 14.36
N LEU B 42 -15.19 12.45 15.05
CA LEU B 42 -14.53 11.23 14.59
C LEU B 42 -15.62 10.19 14.47
N ARG B 43 -16.18 9.99 13.29
CA ARG B 43 -17.40 9.20 13.18
C ARG B 43 -17.03 7.87 12.53
N GLY B 44 -16.92 6.82 13.34
CA GLY B 44 -16.57 5.53 12.80
C GLY B 44 -17.75 4.59 12.62
N ASP B 45 -18.75 5.00 11.85
CA ASP B 45 -19.90 4.13 11.62
C ASP B 45 -19.81 3.37 10.28
N GLU B 46 -19.49 4.06 9.19
CA GLU B 46 -19.35 3.38 7.90
C GLU B 46 -18.17 2.43 7.91
N ASN B 47 -17.07 2.87 8.48
CA ASN B 47 -15.82 2.12 8.47
C ASN B 47 -15.01 2.56 9.69
N SER B 48 -13.89 1.87 9.92
CA SER B 48 -13.10 2.11 11.12
C SER B 48 -12.19 3.33 10.96
N ILE B 49 -11.87 3.94 12.10
CA ILE B 49 -10.91 5.03 12.22
C ILE B 49 -9.83 4.59 13.20
N LYS B 50 -8.59 4.64 12.76
CA LYS B 50 -7.46 4.23 13.59
C LYS B 50 -6.49 5.40 13.69
N ILE B 51 -6.15 5.79 14.90
CA ILE B 51 -5.28 6.92 15.14
C ILE B 51 -4.16 6.47 16.07
N GLY B 52 -2.91 6.73 15.67
CA GLY B 52 -1.77 6.21 16.38
C GLY B 52 -1.46 6.99 17.65
N ARG B 53 -0.18 7.10 17.97
CA ARG B 53 0.27 7.70 19.22
C ARG B 53 0.76 9.12 19.00
N GLY B 54 0.48 10.00 19.97
CA GLY B 54 0.96 11.37 19.92
C GLY B 54 0.44 12.18 18.75
N THR B 55 -0.69 11.80 18.18
CA THR B 55 -1.27 12.50 17.05
C THR B 55 -2.31 13.53 17.52
N ASN B 56 -2.36 14.68 16.85
CA ASN B 56 -3.34 15.70 17.21
C ASN B 56 -4.35 15.87 16.07
N ILE B 57 -5.63 15.84 16.43
CA ILE B 57 -6.75 16.18 15.56
C ILE B 57 -7.29 17.51 16.06
N GLN B 58 -7.08 18.58 15.30
CA GLN B 58 -7.30 19.92 15.80
C GLN B 58 -8.77 20.32 15.65
N ASP B 59 -9.09 21.54 16.09
CA ASP B 59 -10.47 21.95 16.37
C ASP B 59 -11.35 21.94 15.12
N ASN B 60 -12.61 21.54 15.30
CA ASN B 60 -13.65 21.65 14.27
C ASN B 60 -13.37 20.79 13.04
N ALA B 61 -12.45 19.81 13.16
CA ALA B 61 -12.16 18.86 12.11
C ALA B 61 -13.16 17.71 12.08
N THR B 62 -13.20 17.00 10.96
CA THR B 62 -14.09 15.85 10.81
C THR B 62 -13.35 14.66 10.19
N LEU B 63 -13.51 13.50 10.81
CA LEU B 63 -12.96 12.25 10.30
C LEU B 63 -14.13 11.32 9.99
N HIS B 64 -14.20 10.83 8.76
CA HIS B 64 -15.26 9.90 8.38
C HIS B 64 -14.70 8.97 7.31
N ALA B 65 -15.58 8.15 6.73
CA ALA B 65 -15.22 7.24 5.64
C ALA B 65 -16.46 6.98 4.80
N SER B 66 -16.22 6.65 3.53
CA SER B 66 -17.35 6.36 2.66
C SER B 66 -17.91 4.96 2.95
N GLU B 67 -19.11 4.71 2.43
CA GLU B 67 -19.74 3.40 2.57
C GLU B 67 -18.90 2.30 1.92
N VAL B 68 -18.74 1.19 2.63
CA VAL B 68 -18.08 0.00 2.11
C VAL B 68 -19.12 -0.91 1.46
N TYR B 69 -18.70 -1.68 0.46
CA TYR B 69 -19.59 -2.60 -0.27
C TYR B 69 -19.22 -4.07 0.01
N GLU B 75 -9.32 -1.56 -3.02
CA GLU B 75 -10.48 -1.82 -2.17
C GLU B 75 -11.06 -0.51 -1.62
N GLN B 76 -11.71 -0.59 -0.47
CA GLN B 76 -12.38 0.55 0.16
C GLN B 76 -11.70 0.81 1.51
N SER B 77 -10.96 1.91 1.58
CA SER B 77 -10.01 2.13 2.68
C SER B 77 -10.72 2.65 3.93
N PRO B 78 -10.38 2.15 5.11
CA PRO B 78 -10.80 2.85 6.33
C PRO B 78 -9.92 4.07 6.56
N THR B 79 -10.10 4.79 7.66
CA THR B 79 -9.25 5.92 7.97
C THR B 79 -8.16 5.49 8.94
N ILE B 80 -6.90 5.63 8.53
CA ILE B 80 -5.74 5.14 9.28
C ILE B 80 -4.71 6.25 9.37
N ILE B 81 -4.45 6.74 10.58
CA ILE B 81 -3.51 7.83 10.81
C ILE B 81 -2.42 7.32 11.74
N GLY B 82 -1.17 7.50 11.34
CA GLY B 82 -0.04 7.01 12.10
C GLY B 82 0.26 7.79 13.37
N ASP B 83 1.51 7.73 13.80
CA ASP B 83 1.95 8.38 15.03
C ASP B 83 2.48 9.78 14.75
N TYR B 84 2.32 10.66 15.74
CA TYR B 84 2.86 12.03 15.70
C TYR B 84 2.42 12.78 14.44
N VAL B 85 1.20 12.52 13.99
CA VAL B 85 0.59 13.28 12.89
C VAL B 85 -0.11 14.51 13.43
N THR B 86 -0.08 15.58 12.65
CA THR B 86 -0.82 16.82 12.91
C THR B 86 -1.94 16.98 11.88
N VAL B 87 -3.19 16.86 12.31
CA VAL B 87 -4.34 17.16 11.48
C VAL B 87 -4.82 18.57 11.86
N GLY B 88 -4.69 19.53 10.93
CA GLY B 88 -4.95 20.92 11.23
C GLY B 88 -6.42 21.25 11.46
N HIS B 89 -6.64 22.47 11.96
CA HIS B 89 -7.97 23.00 12.22
C HIS B 89 -8.90 22.85 11.02
N ASN B 90 -10.12 22.42 11.29
CA ASN B 90 -11.19 22.38 10.29
C ASN B 90 -10.83 21.49 9.09
N CYS B 91 -9.96 20.50 9.27
CA CYS B 91 -9.67 19.56 8.18
C CYS B 91 -10.79 18.55 7.99
N ILE B 92 -10.88 18.01 6.79
CA ILE B 92 -11.77 16.88 6.52
C ILE B 92 -10.90 15.71 6.09
N ILE B 93 -10.86 14.67 6.91
CA ILE B 93 -10.02 13.50 6.71
C ILE B 93 -10.98 12.34 6.44
N HIS B 94 -10.97 11.80 5.23
CA HIS B 94 -12.06 10.93 4.77
C HIS B 94 -11.58 9.64 4.12
N GLY B 95 -11.48 8.56 4.90
CA GLY B 95 -11.14 7.25 4.37
C GLY B 95 -9.77 7.19 3.73
N CYS B 96 -8.78 7.83 4.33
CA CYS B 96 -7.44 7.88 3.77
C CYS B 96 -6.45 7.27 4.76
N LYS B 97 -5.21 7.12 4.30
CA LYS B 97 -4.10 6.68 5.14
C LYS B 97 -3.10 7.83 5.24
N ILE B 98 -2.64 8.13 6.46
CA ILE B 98 -1.66 9.19 6.67
C ILE B 98 -0.50 8.63 7.48
N GLY B 99 0.71 8.72 6.95
CA GLY B 99 1.86 8.12 7.61
C GLY B 99 2.39 8.98 8.77
N ASP B 100 3.27 8.36 9.56
CA ASP B 100 3.83 9.00 10.75
C ASP B 100 4.44 10.34 10.44
N TYR B 101 4.31 11.27 11.38
CA TYR B 101 4.96 12.57 11.39
C TYR B 101 4.45 13.49 10.29
N SER B 102 3.40 13.12 9.57
CA SER B 102 2.96 14.05 8.54
C SER B 102 2.09 15.15 9.13
N LEU B 103 1.97 16.25 8.38
CA LEU B 103 1.20 17.41 8.80
C LEU B 103 0.20 17.80 7.71
N ILE B 104 -1.09 17.78 8.05
CA ILE B 104 -2.16 18.19 7.15
C ILE B 104 -2.52 19.64 7.48
N GLY B 105 -2.16 20.56 6.57
CA GLY B 105 -2.41 21.97 6.81
C GLY B 105 -3.89 22.25 7.01
N MET B 106 -4.17 23.22 7.88
CA MET B 106 -5.54 23.50 8.32
C MET B 106 -6.46 23.78 7.13
N GLY B 107 -7.71 23.36 7.27
CA GLY B 107 -8.66 23.55 6.20
C GLY B 107 -8.44 22.68 4.98
N SER B 108 -7.61 21.62 5.07
CA SER B 108 -7.39 20.73 3.93
C SER B 108 -8.41 19.59 3.91
N ILE B 109 -8.51 18.94 2.75
CA ILE B 109 -9.46 17.88 2.52
C ILE B 109 -8.71 16.69 1.91
N ILE B 110 -8.81 15.51 2.54
CA ILE B 110 -8.18 14.30 2.03
C ILE B 110 -9.28 13.26 1.77
N LEU B 111 -9.39 12.81 0.54
CA LEU B 111 -10.51 11.97 0.11
C LEU B 111 -10.15 10.48 0.14
N ASP B 112 -11.17 9.65 -0.09
CA ASP B 112 -11.06 8.22 0.17
C ASP B 112 -9.97 7.57 -0.68
N ASN B 113 -9.29 6.58 -0.08
CA ASN B 113 -8.24 5.78 -0.69
C ASN B 113 -7.00 6.58 -1.05
N ALA B 114 -6.97 7.87 -0.69
CA ALA B 114 -5.73 8.59 -0.83
C ALA B 114 -4.74 8.12 0.25
N GLU B 115 -3.46 8.31 -0.02
CA GLU B 115 -2.42 7.91 0.92
C GLU B 115 -1.37 9.00 0.99
N ILE B 116 -1.08 9.45 2.20
CA ILE B 116 -0.08 10.47 2.46
C ILE B 116 1.13 9.76 3.05
N GLY B 117 2.28 9.91 2.39
CA GLY B 117 3.50 9.32 2.92
C GLY B 117 3.90 9.94 4.25
N GLU B 118 4.76 9.24 4.97
CA GLU B 118 5.25 9.77 6.23
C GLU B 118 6.13 10.99 6.00
N TYR B 119 6.25 11.82 7.04
CA TYR B 119 7.08 13.03 6.99
C TYR B 119 6.73 13.92 5.78
N THR B 120 5.45 14.10 5.52
CA THR B 120 5.01 14.89 4.38
C THR B 120 4.16 16.07 4.86
N ILE B 121 4.28 17.21 4.18
CA ILE B 121 3.51 18.40 4.52
C ILE B 121 2.49 18.66 3.42
N ILE B 122 1.22 18.68 3.79
CA ILE B 122 0.14 19.14 2.93
C ILE B 122 -0.14 20.59 3.29
N GLY B 123 -0.02 21.49 2.30
CA GLY B 123 -0.29 22.89 2.56
C GLY B 123 -1.73 23.14 2.97
N ALA B 124 -1.95 24.22 3.72
CA ALA B 124 -3.28 24.58 4.18
C ALA B 124 -4.22 24.78 2.99
N GLY B 125 -5.51 24.51 3.23
CA GLY B 125 -6.53 24.65 2.19
C GLY B 125 -6.31 23.83 0.94
N SER B 126 -5.61 22.71 1.06
CA SER B 126 -5.36 21.84 -0.08
C SER B 126 -6.46 20.79 -0.22
N LEU B 127 -6.55 20.23 -1.42
CA LEU B 127 -7.51 19.16 -1.71
C LEU B 127 -6.76 17.99 -2.35
N VAL B 128 -6.66 16.89 -1.62
CA VAL B 128 -6.07 15.64 -2.12
C VAL B 128 -7.21 14.71 -2.49
N THR B 129 -7.33 14.40 -3.79
CA THR B 129 -8.48 13.70 -4.36
C THR B 129 -8.38 12.19 -4.15
N GLN B 130 -9.47 11.51 -4.51
CA GLN B 130 -9.58 10.06 -4.31
C GLN B 130 -8.44 9.32 -5.01
N ASN B 131 -7.91 8.31 -4.34
CA ASN B 131 -6.89 7.39 -4.82
C ASN B 131 -5.54 8.04 -5.10
N LYS B 132 -5.33 9.30 -4.77
CA LYS B 132 -4.03 9.89 -5.00
C LYS B 132 -3.01 9.42 -3.96
N LYS B 133 -1.79 9.12 -4.44
CA LYS B 133 -0.72 8.61 -3.59
C LYS B 133 0.36 9.68 -3.54
N ILE B 134 0.55 10.26 -2.36
CA ILE B 134 1.53 11.32 -2.13
C ILE B 134 2.75 10.67 -1.48
N PRO B 135 3.94 10.85 -2.02
CA PRO B 135 5.11 10.15 -1.49
C PRO B 135 5.55 10.71 -0.15
N PRO B 136 6.39 9.98 0.58
CA PRO B 136 6.97 10.53 1.81
C PRO B 136 7.86 11.73 1.51
N ARG B 137 8.04 12.55 2.55
CA ARG B 137 9.09 13.58 2.56
C ARG B 137 8.91 14.64 1.47
N VAL B 138 7.66 15.00 1.16
CA VAL B 138 7.44 16.01 0.16
C VAL B 138 6.55 17.11 0.72
N LEU B 139 6.60 18.25 0.05
CA LEU B 139 5.60 19.29 0.21
C LEU B 139 4.58 19.13 -0.91
N CYS B 140 3.31 19.11 -0.54
CA CYS B 140 2.24 18.88 -1.50
C CYS B 140 1.13 19.87 -1.21
N MET B 141 0.73 20.68 -2.20
CA MET B 141 -0.26 21.71 -1.94
C MET B 141 -1.06 22.04 -3.19
N GLY B 142 -2.19 22.69 -2.96
CA GLY B 142 -3.05 23.15 -4.05
C GLY B 142 -4.38 22.42 -4.02
N SER B 143 -5.25 22.86 -4.94
CA SER B 143 -6.60 22.30 -5.03
C SER B 143 -6.96 22.16 -6.50
N PRO B 144 -6.80 20.97 -7.08
CA PRO B 144 -6.30 19.74 -6.45
C PRO B 144 -4.80 19.86 -6.18
N ALA B 145 -4.31 19.18 -5.15
CA ALA B 145 -2.92 19.38 -4.75
C ALA B 145 -1.97 18.76 -5.75
N LYS B 146 -0.77 19.34 -5.84
CA LYS B 146 0.34 18.82 -6.63
C LYS B 146 1.53 18.62 -5.72
N VAL B 147 2.32 17.56 -5.96
CA VAL B 147 3.60 17.44 -5.29
C VAL B 147 4.52 18.55 -5.83
N ILE B 148 5.15 19.29 -4.92
CA ILE B 148 5.95 20.46 -5.28
C ILE B 148 7.43 20.13 -5.32
N ARG B 149 7.92 19.41 -4.31
CA ARG B 149 9.36 19.27 -4.06
C ARG B 149 9.57 18.44 -2.81
N GLU B 150 10.82 18.05 -2.59
CA GLU B 150 11.21 17.33 -1.39
C GLU B 150 11.30 18.31 -0.22
N LEU B 151 10.96 17.82 0.96
CA LEU B 151 11.14 18.65 2.15
C LEU B 151 12.64 18.80 2.46
N THR B 152 12.99 19.93 3.06
CA THR B 152 14.36 20.18 3.48
C THR B 152 14.62 19.59 4.87
N GLU B 153 15.90 19.63 5.25
CA GLU B 153 16.33 19.10 6.55
C GLU B 153 15.57 19.76 7.70
N GLU B 154 15.49 21.09 7.70
CA GLU B 154 14.81 21.78 8.78
C GLU B 154 13.30 21.55 8.74
N GLU B 155 12.71 21.41 7.56
CA GLU B 155 11.29 21.07 7.49
C GLU B 155 11.04 19.72 8.14
N ILE B 156 11.92 18.75 7.88
CA ILE B 156 11.81 17.45 8.53
C ILE B 156 11.94 17.63 10.04
N GLU B 157 12.94 18.40 10.48
CA GLU B 157 13.10 18.65 11.90
C GLU B 157 11.86 19.32 12.49
N TYR B 158 11.24 20.22 11.73
CA TYR B 158 10.01 20.85 12.22
C TYR B 158 8.90 19.82 12.40
N LEU B 159 8.84 18.82 11.53
CA LEU B 159 7.85 17.75 11.69
C LEU B 159 8.15 16.91 12.94
N LYS B 160 9.43 16.62 13.18
CA LYS B 160 9.82 15.79 14.31
C LYS B 160 9.43 16.40 15.65
N ASN B 161 9.09 17.69 15.69
CA ASN B 161 8.70 18.36 16.92
C ASN B 161 7.27 18.89 16.92
N SER B 162 6.61 18.99 15.77
CA SER B 162 5.29 19.61 15.70
C SER B 162 4.28 18.86 16.58
N ALA B 163 4.19 17.54 16.42
CA ALA B 163 3.23 16.78 17.22
C ALA B 163 3.65 16.70 18.68
N LYS B 164 4.96 16.64 18.96
CA LYS B 164 5.42 16.58 20.35
C LYS B 164 5.05 17.84 21.11
N HIS B 165 5.18 19.01 20.47
CA HIS B 165 4.76 20.23 21.12
C HIS B 165 3.26 20.21 21.41
N ASN B 166 2.47 19.62 20.51
CA ASN B 166 1.03 19.58 20.70
C ASN B 166 0.66 18.65 21.85
N ILE B 167 1.37 17.53 22.00
CA ILE B 167 1.20 16.70 23.19
C ILE B 167 1.40 17.52 24.45
N GLU B 168 2.55 18.23 24.53
CA GLU B 168 2.88 19.00 25.72
C GLU B 168 1.84 20.08 25.98
N LEU B 169 1.31 20.68 24.92
CA LEU B 169 0.29 21.71 25.07
C LEU B 169 -0.97 21.13 25.71
N SER B 170 -1.38 19.94 25.27
CA SER B 170 -2.59 19.32 25.80
C SER B 170 -2.43 18.91 27.25
N LYS B 171 -1.22 18.50 27.65
CA LYS B 171 -1.00 18.12 29.04
C LYS B 171 -1.14 19.30 29.99
N ASN B 172 -0.97 20.52 29.49
CA ASN B 172 -1.24 21.72 30.27
C ASN B 172 -2.72 21.92 30.56
N TYR B 173 -3.61 21.13 29.94
CA TYR B 173 -5.04 21.19 30.23
C TYR B 173 -5.35 20.28 31.42
N ARG B 174 -4.74 20.60 32.56
CA ARG B 174 -4.83 19.75 33.74
C ARG B 174 -6.26 19.69 34.29
N HIS B 175 -7.05 20.75 34.08
CA HIS B 175 -8.48 20.70 34.39
C HIS B 175 -9.16 19.62 33.56
N HIS B 176 -8.74 19.46 32.31
CA HIS B 176 -9.42 18.63 31.32
C HIS B 176 -8.84 17.22 31.22
N HIS B 177 -7.82 16.90 32.03
CA HIS B 177 -7.26 15.55 32.07
C HIS B 177 -6.53 15.29 33.38
N MET C 1 6.25 -10.38 -45.68
CA MET C 1 5.96 -11.80 -45.79
C MET C 1 4.82 -12.10 -46.79
N GLU C 2 3.76 -11.26 -46.73
CA GLU C 2 2.57 -11.28 -47.59
C GLU C 2 1.54 -12.31 -47.14
N HIS C 3 0.31 -11.85 -46.98
CA HIS C 3 -0.81 -12.67 -46.58
C HIS C 3 -2.00 -12.32 -47.46
N LYS C 4 -2.78 -13.34 -47.81
CA LYS C 4 -3.98 -13.18 -48.60
C LYS C 4 -5.16 -12.90 -47.66
N TYR C 5 -6.07 -12.06 -48.11
CA TYR C 5 -7.33 -11.83 -47.40
C TYR C 5 -8.46 -11.95 -48.40
N LYS C 6 -9.36 -12.92 -48.16
CA LYS C 6 -10.36 -13.28 -49.16
C LYS C 6 -9.68 -13.48 -50.51
N ASN C 7 -10.02 -12.64 -51.48
CA ASN C 7 -9.50 -12.77 -52.84
C ASN C 7 -8.31 -11.86 -53.11
N HIS C 8 -7.85 -11.12 -52.11
CA HIS C 8 -6.87 -10.06 -52.33
C HIS C 8 -5.46 -10.55 -52.03
N LEU C 9 -4.56 -10.30 -52.95
CA LEU C 9 -3.14 -10.50 -52.77
C LEU C 9 -2.44 -9.16 -52.91
N PRO C 10 -1.47 -8.86 -52.04
CA PRO C 10 -0.73 -7.60 -52.20
C PRO C 10 -0.13 -7.48 -53.59
N LYS C 11 -0.16 -6.27 -54.11
CA LYS C 11 0.42 -5.95 -55.40
C LYS C 11 1.62 -5.06 -55.12
N ILE C 12 2.81 -5.65 -55.18
CA ILE C 12 4.04 -4.99 -54.73
C ILE C 12 4.99 -4.91 -55.90
N HIS C 13 5.41 -3.69 -56.24
CA HIS C 13 6.35 -3.48 -57.32
C HIS C 13 7.65 -4.26 -57.08
N GLU C 14 8.25 -4.72 -58.17
CA GLU C 14 9.44 -5.57 -58.07
C GLU C 14 10.66 -4.82 -57.53
N THR C 15 10.64 -3.48 -57.48
CA THR C 15 11.72 -2.69 -56.89
C THR C 15 11.40 -2.21 -55.48
N THR C 16 10.32 -2.67 -54.89
CA THR C 16 9.95 -2.26 -53.55
C THR C 16 10.83 -3.01 -52.55
N PHE C 17 11.39 -2.30 -51.58
CA PHE C 17 12.11 -2.98 -50.51
C PHE C 17 11.16 -3.28 -49.35
N VAL C 18 11.13 -4.54 -48.94
CA VAL C 18 10.32 -4.99 -47.80
C VAL C 18 11.24 -5.64 -46.76
N ALA C 19 11.36 -5.02 -45.60
CA ALA C 19 12.26 -5.51 -44.57
C ALA C 19 11.68 -6.72 -43.82
N GLU C 20 12.54 -7.46 -43.13
CA GLU C 20 12.06 -8.58 -42.32
C GLU C 20 11.14 -8.11 -41.19
N GLY C 21 10.28 -9.02 -40.73
CA GLY C 21 9.27 -8.74 -39.74
C GLY C 21 8.03 -8.03 -40.27
N VAL C 22 8.02 -7.61 -41.54
CA VAL C 22 6.90 -6.87 -42.10
C VAL C 22 5.77 -7.84 -42.43
N HIS C 23 4.53 -7.41 -42.23
CA HIS C 23 3.37 -8.19 -42.65
C HIS C 23 2.47 -7.32 -43.51
N ILE C 24 2.20 -7.78 -44.73
CA ILE C 24 1.41 -7.05 -45.71
C ILE C 24 0.23 -7.92 -46.07
N ILE C 25 -0.98 -7.46 -45.75
CA ILE C 25 -2.16 -8.31 -45.81
C ILE C 25 -3.15 -7.75 -46.83
N GLY C 26 -3.54 -8.59 -47.77
CA GLY C 26 -4.76 -8.36 -48.54
C GLY C 26 -4.59 -7.29 -49.58
N ASP C 27 -5.53 -6.33 -49.58
CA ASP C 27 -5.70 -5.39 -50.68
C ASP C 27 -4.77 -4.20 -50.45
N VAL C 28 -3.50 -4.43 -50.73
CA VAL C 28 -2.45 -3.42 -50.55
C VAL C 28 -1.66 -3.31 -51.83
N GLU C 29 -1.44 -2.09 -52.29
CA GLU C 29 -0.65 -1.82 -53.48
C GLU C 29 0.48 -0.88 -53.11
N ILE C 30 1.69 -1.24 -53.51
CA ILE C 30 2.88 -0.48 -53.16
C ILE C 30 3.72 -0.24 -54.42
N GLY C 31 4.01 1.02 -54.68
CA GLY C 31 4.66 1.42 -55.91
C GLY C 31 6.17 1.28 -55.87
N GLU C 32 6.78 1.69 -56.98
CA GLU C 32 8.18 1.38 -57.23
C GLU C 32 9.09 2.18 -56.31
N ASP C 33 10.19 1.55 -55.90
CA ASP C 33 11.23 2.13 -55.05
C ASP C 33 10.74 2.46 -53.63
N SER C 34 9.52 2.08 -53.27
CA SER C 34 9.06 2.30 -51.92
C SER C 34 9.77 1.34 -50.97
N ASN C 35 9.88 1.73 -49.70
CA ASN C 35 10.60 0.90 -48.74
C ASN C 35 9.81 0.81 -47.45
N ILE C 36 9.50 -0.42 -47.08
CA ILE C 36 8.71 -0.77 -45.91
C ILE C 36 9.66 -1.37 -44.88
N TRP C 37 9.80 -0.71 -43.73
CA TRP C 37 10.86 -1.05 -42.79
C TRP C 37 10.40 -2.03 -41.71
N PHE C 38 11.35 -2.43 -40.84
CA PHE C 38 11.18 -3.58 -39.95
C PHE C 38 9.93 -3.48 -39.09
N ASN C 39 9.18 -4.58 -39.07
CA ASN C 39 8.02 -4.82 -38.21
C ASN C 39 6.84 -3.91 -38.50
N ALA C 40 6.82 -3.22 -39.64
CA ALA C 40 5.62 -2.47 -40.04
C ALA C 40 4.49 -3.43 -40.44
N VAL C 41 3.25 -3.04 -40.17
CA VAL C 41 2.08 -3.85 -40.51
C VAL C 41 1.19 -3.04 -41.44
N LEU C 42 0.94 -3.56 -42.63
CA LEU C 42 0.05 -2.93 -43.62
C LEU C 42 -1.12 -3.89 -43.85
N ARG C 43 -2.22 -3.67 -43.12
CA ARG C 43 -3.34 -4.61 -43.09
C ARG C 43 -4.47 -4.07 -43.97
N GLY C 44 -4.55 -4.54 -45.21
CA GLY C 44 -5.62 -4.05 -46.08
C GLY C 44 -6.79 -5.01 -46.13
N ASP C 45 -7.46 -5.24 -44.99
CA ASP C 45 -8.57 -6.19 -44.93
C ASP C 45 -9.93 -5.52 -44.78
N GLU C 46 -10.06 -4.45 -43.98
CA GLU C 46 -11.29 -3.68 -43.96
C GLU C 46 -11.46 -2.84 -45.21
N ASN C 47 -10.35 -2.33 -45.74
CA ASN C 47 -10.37 -1.42 -46.88
C ASN C 47 -8.99 -1.48 -47.53
N SER C 48 -8.88 -0.88 -48.70
CA SER C 48 -7.63 -0.98 -49.43
C SER C 48 -6.58 0.00 -48.90
N ILE C 49 -5.32 -0.32 -49.17
CA ILE C 49 -4.19 0.54 -48.87
C ILE C 49 -3.39 0.74 -50.14
N LYS C 50 -3.17 2.01 -50.52
CA LYS C 50 -2.42 2.31 -51.74
C LYS C 50 -1.24 3.20 -51.37
N ILE C 51 -0.04 2.76 -51.77
CA ILE C 51 1.20 3.50 -51.52
C ILE C 51 1.88 3.72 -52.85
N GLY C 52 2.21 4.98 -53.14
CA GLY C 52 2.83 5.32 -54.41
C GLY C 52 4.29 4.99 -54.55
N ARG C 53 5.02 5.90 -55.20
CA ARG C 53 6.39 5.68 -55.63
C ARG C 53 7.38 6.34 -54.69
N GLY C 54 8.45 5.62 -54.36
CA GLY C 54 9.51 6.18 -53.53
C GLY C 54 9.08 6.58 -52.13
N THR C 55 8.08 5.89 -51.57
CA THR C 55 7.55 6.22 -50.26
C THR C 55 8.12 5.27 -49.20
N ASN C 56 8.42 5.79 -48.03
CA ASN C 56 8.94 4.95 -46.96
C ASN C 56 7.94 4.88 -45.80
N ILE C 57 7.64 3.65 -45.40
CA ILE C 57 6.85 3.34 -44.21
C ILE C 57 7.86 2.83 -43.18
N GLN C 58 8.10 3.60 -42.13
CA GLN C 58 9.20 3.25 -41.22
C GLN C 58 8.79 2.18 -40.18
N ASP C 59 9.77 1.85 -39.33
CA ASP C 59 9.71 0.64 -38.51
C ASP C 59 8.58 0.71 -37.52
N ASN C 60 7.95 -0.44 -37.27
CA ASN C 60 6.96 -0.63 -36.22
C ASN C 60 5.68 0.17 -36.44
N ALA C 61 5.48 0.74 -37.63
CA ALA C 61 4.27 1.50 -37.90
C ALA C 61 3.14 0.55 -38.28
N THR C 62 1.90 1.08 -38.28
CA THR C 62 0.72 0.30 -38.64
C THR C 62 -0.15 1.12 -39.59
N LEU C 63 -0.54 0.50 -40.70
CA LEU C 63 -1.49 1.07 -41.65
C LEU C 63 -2.74 0.19 -41.63
N HIS C 64 -3.89 0.79 -41.42
CA HIS C 64 -5.16 0.08 -41.43
C HIS C 64 -6.24 1.05 -41.87
N ALA C 65 -7.50 0.63 -41.78
CA ALA C 65 -8.65 1.45 -42.13
C ALA C 65 -9.89 0.88 -41.44
N SER C 66 -10.94 1.69 -41.38
CA SER C 66 -12.18 1.28 -40.74
C SER C 66 -13.05 0.47 -41.70
N GLU C 67 -14.04 -0.23 -41.15
CA GLU C 67 -14.94 -1.03 -41.97
C GLU C 67 -15.78 -0.13 -42.86
N VAL C 68 -16.01 -0.56 -44.11
CA VAL C 68 -16.85 0.16 -45.05
C VAL C 68 -18.15 -0.61 -45.23
N TYR C 69 -19.21 0.12 -45.61
CA TYR C 69 -20.51 -0.49 -45.89
C TYR C 69 -20.98 -0.15 -47.31
N GLU C 75 -19.71 8.40 -45.54
CA GLU C 75 -18.85 7.60 -46.42
C GLU C 75 -17.46 7.42 -45.81
N GLN C 76 -16.81 6.29 -46.09
CA GLN C 76 -15.56 5.89 -45.44
C GLN C 76 -14.41 5.83 -46.45
N SER C 77 -13.23 6.29 -46.01
CA SER C 77 -12.06 6.52 -46.85
C SER C 77 -11.08 5.37 -46.77
N PRO C 78 -10.56 4.88 -47.92
CA PRO C 78 -9.42 3.95 -47.88
C PRO C 78 -8.14 4.68 -47.52
N THR C 79 -7.03 3.97 -47.38
CA THR C 79 -5.76 4.61 -47.09
C THR C 79 -5.01 4.85 -48.39
N ILE C 80 -4.71 6.12 -48.68
CA ILE C 80 -4.03 6.51 -49.92
C ILE C 80 -2.84 7.39 -49.57
N ILE C 81 -1.64 6.93 -49.93
CA ILE C 81 -0.39 7.61 -49.61
C ILE C 81 0.32 7.97 -50.92
N GLY C 82 0.68 9.23 -51.07
CA GLY C 82 1.28 9.70 -52.31
C GLY C 82 2.67 9.19 -52.60
N ASP C 83 3.41 9.95 -53.41
CA ASP C 83 4.77 9.64 -53.80
C ASP C 83 5.75 10.37 -52.90
N TYR C 84 6.89 9.72 -52.61
CA TYR C 84 7.97 10.35 -51.88
C TYR C 84 7.51 10.84 -50.50
N VAL C 85 6.61 10.06 -49.88
CA VAL C 85 6.10 10.34 -48.55
C VAL C 85 6.96 9.59 -47.53
N THR C 86 7.14 10.22 -46.36
CA THR C 86 7.85 9.62 -45.23
C THR C 86 6.86 9.42 -44.09
N VAL C 87 6.59 8.16 -43.74
CA VAL C 87 5.78 7.83 -42.57
C VAL C 87 6.75 7.35 -41.50
N GLY C 88 6.88 8.14 -40.43
CA GLY C 88 7.91 7.90 -39.44
C GLY C 88 7.65 6.67 -38.58
N HIS C 89 8.67 6.30 -37.80
CA HIS C 89 8.60 5.12 -36.94
C HIS C 89 7.37 5.14 -36.07
N ASN C 90 6.77 3.96 -35.89
CA ASN C 90 5.68 3.73 -34.95
C ASN C 90 4.47 4.63 -35.20
N CYS C 91 4.29 5.09 -36.44
CA CYS C 91 3.10 5.86 -36.77
C CYS C 91 1.89 4.95 -36.94
N ILE C 92 0.71 5.53 -36.76
CA ILE C 92 -0.55 4.85 -37.03
C ILE C 92 -1.26 5.64 -38.11
N ILE C 93 -1.44 5.03 -39.27
CA ILE C 93 -1.98 5.66 -40.46
C ILE C 93 -3.30 4.97 -40.76
N HIS C 94 -4.41 5.66 -40.50
CA HIS C 94 -5.68 4.96 -40.42
C HIS C 94 -6.74 5.56 -41.32
N GLY C 95 -6.82 5.08 -42.56
CA GLY C 95 -7.92 5.46 -43.45
C GLY C 95 -7.86 6.90 -43.93
N CYS C 96 -6.68 7.43 -44.15
CA CYS C 96 -6.49 8.82 -44.50
C CYS C 96 -5.79 8.93 -45.84
N LYS C 97 -5.64 10.17 -46.29
CA LYS C 97 -4.99 10.51 -47.55
C LYS C 97 -3.78 11.40 -47.24
N ILE C 98 -2.62 11.04 -47.77
CA ILE C 98 -1.40 11.81 -47.53
C ILE C 98 -0.80 12.19 -48.87
N GLY C 99 -0.64 13.49 -49.11
CA GLY C 99 -0.14 13.96 -50.39
C GLY C 99 1.37 13.84 -50.55
N ASP C 100 1.83 14.03 -51.79
CA ASP C 100 3.21 13.80 -52.17
C ASP C 100 4.18 14.61 -51.30
N TYR C 101 5.35 14.01 -51.03
CA TYR C 101 6.48 14.65 -50.35
C TYR C 101 6.19 15.03 -48.90
N SER C 102 5.09 14.56 -48.32
CA SER C 102 4.79 14.90 -46.93
C SER C 102 5.57 14.02 -45.97
N LEU C 103 5.76 14.54 -44.75
CA LEU C 103 6.48 13.85 -43.69
C LEU C 103 5.56 13.73 -42.49
N ILE C 104 5.26 12.49 -42.09
CA ILE C 104 4.46 12.21 -40.91
C ILE C 104 5.45 11.92 -39.78
N GLY C 105 5.59 12.87 -38.85
CA GLY C 105 6.51 12.72 -37.74
C GLY C 105 6.32 11.43 -36.98
N MET C 106 7.43 10.83 -36.54
CA MET C 106 7.39 9.55 -35.86
C MET C 106 6.41 9.58 -34.69
N GLY C 107 5.70 8.48 -34.50
CA GLY C 107 4.75 8.42 -33.41
C GLY C 107 3.44 9.16 -33.64
N SER C 108 3.18 9.65 -34.84
CA SER C 108 1.93 10.36 -35.07
C SER C 108 0.77 9.41 -35.35
N ILE C 109 -0.44 9.95 -35.25
CA ILE C 109 -1.66 9.17 -35.49
C ILE C 109 -2.55 9.99 -36.41
N ILE C 110 -2.91 9.42 -37.55
CA ILE C 110 -3.75 10.09 -38.55
C ILE C 110 -5.01 9.25 -38.74
N LEU C 111 -6.16 9.82 -38.39
CA LEU C 111 -7.39 9.05 -38.33
C LEU C 111 -8.19 9.15 -39.64
N ASP C 112 -9.31 8.43 -39.69
CA ASP C 112 -10.03 8.19 -40.93
C ASP C 112 -10.60 9.48 -41.52
N ASN C 113 -10.55 9.57 -42.85
CA ASN C 113 -11.06 10.70 -43.63
C ASN C 113 -10.25 11.98 -43.42
N ALA C 114 -9.19 11.96 -42.63
CA ALA C 114 -8.27 13.09 -42.65
C ALA C 114 -7.55 13.14 -43.99
N GLU C 115 -7.11 14.34 -44.36
CA GLU C 115 -6.34 14.57 -45.58
C GLU C 115 -5.14 15.44 -45.23
N ILE C 116 -3.95 14.99 -45.60
CA ILE C 116 -2.73 15.78 -45.43
C ILE C 116 -2.33 16.28 -46.81
N GLY C 117 -2.25 17.60 -46.95
CA GLY C 117 -1.78 18.17 -48.20
C GLY C 117 -0.34 17.77 -48.51
N GLU C 118 0.04 18.01 -49.76
CA GLU C 118 1.39 17.69 -50.19
C GLU C 118 2.40 18.66 -49.56
N TYR C 119 3.66 18.20 -49.45
CA TYR C 119 4.77 19.04 -48.95
C TYR C 119 4.48 19.61 -47.56
N THR C 120 3.87 18.80 -46.69
CA THR C 120 3.57 19.23 -45.33
C THR C 120 4.32 18.34 -44.33
N ILE C 121 4.68 18.92 -43.19
CA ILE C 121 5.28 18.19 -42.08
C ILE C 121 4.27 18.09 -40.96
N ILE C 122 3.99 16.87 -40.51
CA ILE C 122 3.30 16.62 -39.24
C ILE C 122 4.36 16.39 -38.18
N GLY C 123 4.35 17.16 -37.10
CA GLY C 123 5.33 16.99 -36.05
C GLY C 123 5.21 15.65 -35.34
N ALA C 124 6.33 15.19 -34.80
CA ALA C 124 6.35 13.93 -34.06
C ALA C 124 5.29 13.89 -32.97
N GLY C 125 4.72 12.71 -32.75
CA GLY C 125 3.72 12.52 -31.71
C GLY C 125 2.44 13.32 -31.87
N SER C 126 2.08 13.65 -33.09
CA SER C 126 0.86 14.42 -33.34
C SER C 126 -0.38 13.51 -33.48
N LEU C 127 -1.54 14.11 -33.30
CA LEU C 127 -2.81 13.41 -33.51
C LEU C 127 -3.66 14.24 -34.46
N VAL C 128 -3.94 13.70 -35.65
CA VAL C 128 -4.81 14.37 -36.62
C VAL C 128 -6.11 13.59 -36.64
N THR C 129 -7.19 14.16 -36.11
CA THR C 129 -8.41 13.39 -35.90
C THR C 129 -9.24 13.30 -37.18
N GLN C 130 -10.39 12.64 -37.08
CA GLN C 130 -11.16 12.29 -38.27
C GLN C 130 -11.65 13.53 -39.00
N ASN C 131 -11.65 13.46 -40.33
CA ASN C 131 -12.18 14.48 -41.22
C ASN C 131 -11.40 15.78 -41.20
N LYS C 132 -10.21 15.82 -40.61
CA LYS C 132 -9.44 17.05 -40.62
C LYS C 132 -8.69 17.18 -41.95
N LYS C 133 -8.71 18.39 -42.49
CA LYS C 133 -8.05 18.72 -43.75
C LYS C 133 -6.86 19.60 -43.42
N ILE C 134 -5.65 19.09 -43.65
CA ILE C 134 -4.43 19.84 -43.42
C ILE C 134 -3.95 20.39 -44.77
N PRO C 135 -3.76 21.69 -44.90
CA PRO C 135 -3.38 22.27 -46.20
C PRO C 135 -1.98 21.86 -46.60
N PRO C 136 -1.57 22.10 -47.85
CA PRO C 136 -0.19 21.81 -48.25
C PRO C 136 0.79 22.82 -47.70
N ARG C 137 2.06 22.44 -47.74
CA ARG C 137 3.20 23.32 -47.39
C ARG C 137 3.08 23.94 -46.00
N VAL C 138 2.62 23.18 -45.00
CA VAL C 138 2.58 23.74 -43.65
C VAL C 138 3.28 22.83 -42.64
N LEU C 139 3.58 23.42 -41.49
CA LEU C 139 3.90 22.65 -40.30
C LEU C 139 2.63 22.51 -39.46
N CYS C 140 2.30 21.27 -39.09
CA CYS C 140 1.11 20.99 -38.29
C CYS C 140 1.49 20.01 -37.19
N MET C 141 1.20 20.36 -35.94
CA MET C 141 1.66 19.52 -34.84
C MET C 141 0.81 19.71 -33.61
N GLY C 142 0.93 18.76 -32.68
CA GLY C 142 0.18 18.79 -31.44
C GLY C 142 -0.84 17.67 -31.40
N SER C 143 -1.54 17.61 -30.26
CA SER C 143 -2.49 16.53 -29.98
C SER C 143 -3.68 17.11 -29.24
N PRO C 144 -4.77 17.39 -29.95
CA PRO C 144 -4.94 17.29 -31.41
C PRO C 144 -4.08 18.31 -32.12
N ALA C 145 -3.69 18.04 -33.36
CA ALA C 145 -2.73 18.89 -34.06
C ALA C 145 -3.37 20.20 -34.50
N LYS C 146 -2.54 21.25 -34.53
CA LYS C 146 -2.91 22.56 -35.08
C LYS C 146 -1.94 22.92 -36.20
N VAL C 147 -2.46 23.62 -37.21
CA VAL C 147 -1.58 24.21 -38.21
C VAL C 147 -0.82 25.36 -37.57
N ILE C 148 0.51 25.34 -37.69
CA ILE C 148 1.38 26.30 -37.00
C ILE C 148 1.77 27.46 -37.91
N ARG C 149 2.18 27.15 -39.14
CA ARG C 149 2.78 28.12 -40.05
C ARG C 149 3.07 27.43 -41.37
N GLU C 150 3.28 28.23 -42.40
CA GLU C 150 3.85 27.75 -43.65
C GLU C 150 5.29 27.29 -43.43
N LEU C 151 5.74 26.39 -44.30
CA LEU C 151 7.11 25.91 -44.23
C LEU C 151 8.04 26.91 -44.92
N THR C 152 9.26 27.03 -44.39
CA THR C 152 10.29 27.81 -45.05
C THR C 152 10.80 27.07 -46.28
N GLU C 153 11.71 27.72 -47.02
CA GLU C 153 12.21 27.11 -48.24
C GLU C 153 13.19 25.97 -47.94
N GLU C 154 14.00 26.12 -46.90
CA GLU C 154 14.86 25.01 -46.46
C GLU C 154 14.04 23.77 -46.12
N GLU C 155 12.87 23.95 -45.48
CA GLU C 155 12.06 22.80 -45.10
C GLU C 155 11.46 22.12 -46.32
N ILE C 156 11.00 22.91 -47.30
CA ILE C 156 10.53 22.34 -48.55
C ILE C 156 11.66 21.60 -49.24
N GLU C 157 12.88 22.11 -49.13
CA GLU C 157 14.05 21.44 -49.68
C GLU C 157 14.33 20.14 -48.94
N TYR C 158 14.28 20.16 -47.61
CA TYR C 158 14.43 18.94 -46.85
C TYR C 158 13.41 17.88 -47.29
N LEU C 159 12.19 18.31 -47.60
CA LEU C 159 11.17 17.37 -48.05
C LEU C 159 11.51 16.80 -49.41
N LYS C 160 12.08 17.62 -50.29
CA LYS C 160 12.45 17.12 -51.60
C LYS C 160 13.45 15.97 -51.50
N ASN C 161 14.26 15.94 -50.45
CA ASN C 161 15.37 14.99 -50.37
C ASN C 161 15.13 13.85 -49.38
N SER C 162 14.27 14.03 -48.38
CA SER C 162 14.13 13.03 -47.31
C SER C 162 13.74 11.66 -47.85
N ALA C 163 12.64 11.60 -48.62
CA ALA C 163 12.20 10.31 -49.15
C ALA C 163 13.24 9.70 -50.07
N LYS C 164 13.89 10.53 -50.89
CA LYS C 164 14.88 10.02 -51.83
C LYS C 164 16.08 9.42 -51.10
N HIS C 165 16.48 10.04 -49.98
CA HIS C 165 17.55 9.46 -49.18
C HIS C 165 17.16 8.09 -48.64
N ASN C 166 15.89 7.92 -48.27
CA ASN C 166 15.47 6.63 -47.74
C ASN C 166 15.43 5.57 -48.83
N ILE C 167 15.24 5.99 -50.09
CA ILE C 167 15.35 5.06 -51.20
C ILE C 167 16.77 4.52 -51.29
N GLU C 168 17.75 5.43 -51.42
CA GLU C 168 19.14 5.00 -51.47
C GLU C 168 19.51 4.15 -50.26
N LEU C 169 19.04 4.56 -49.09
CA LEU C 169 19.27 3.81 -47.86
C LEU C 169 18.81 2.36 -48.01
N SER C 170 17.59 2.17 -48.54
CA SER C 170 17.08 0.81 -48.67
C SER C 170 17.88 0.01 -49.70
N LYS C 171 18.45 0.68 -50.70
CA LYS C 171 19.21 -0.04 -51.71
C LYS C 171 20.44 -0.73 -51.11
N ASN C 172 21.02 -0.17 -50.03
CA ASN C 172 22.19 -0.74 -49.38
C ASN C 172 21.89 -2.00 -48.57
N TYR C 173 20.64 -2.44 -48.52
CA TYR C 173 20.26 -3.65 -47.80
C TYR C 173 20.25 -4.83 -48.78
N ARG C 174 19.21 -5.67 -48.74
CA ARG C 174 19.11 -6.78 -49.69
C ARG C 174 17.92 -6.62 -50.64
N MET D 1 -17.86 26.33 28.30
CA MET D 1 -17.76 27.39 27.29
C MET D 1 -16.49 28.24 27.48
N GLU D 2 -16.20 28.65 28.70
CA GLU D 2 -14.91 29.28 29.01
C GLU D 2 -14.01 28.26 29.68
N HIS D 3 -12.74 28.30 29.34
CA HIS D 3 -11.78 27.33 29.83
C HIS D 3 -10.51 28.08 30.23
N LYS D 4 -9.95 27.68 31.36
CA LYS D 4 -8.68 28.23 31.81
C LYS D 4 -7.55 27.52 31.06
N TYR D 5 -6.49 28.27 30.74
CA TYR D 5 -5.24 27.66 30.29
C TYR D 5 -4.08 28.28 31.08
N LYS D 6 -3.35 27.43 31.82
CA LYS D 6 -2.34 27.91 32.76
C LYS D 6 -2.95 28.99 33.66
N ASN D 7 -2.37 30.18 33.65
CA ASN D 7 -2.85 31.25 34.51
C ASN D 7 -3.97 32.08 33.90
N HIS D 8 -4.34 31.82 32.63
CA HIS D 8 -5.17 32.73 31.84
C HIS D 8 -6.63 32.30 31.84
N LEU D 9 -7.50 33.24 32.10
CA LEU D 9 -8.93 33.19 31.94
C LEU D 9 -9.37 34.18 30.88
N PRO D 10 -10.36 33.83 30.05
CA PRO D 10 -10.86 34.80 29.08
C PRO D 10 -11.43 36.02 29.77
N LYS D 11 -11.23 37.17 29.15
CA LYS D 11 -11.82 38.43 29.59
C LYS D 11 -12.88 38.80 28.56
N ILE D 12 -14.14 38.70 28.96
CA ILE D 12 -15.26 38.85 28.03
C ILE D 12 -16.14 39.97 28.53
N HIS D 13 -16.38 40.96 27.67
CA HIS D 13 -17.25 42.06 28.07
C HIS D 13 -18.62 41.55 28.47
N GLU D 14 -19.25 42.25 29.41
CA GLU D 14 -20.55 41.81 29.91
C GLU D 14 -21.66 41.90 28.87
N THR D 15 -21.45 42.63 27.76
CA THR D 15 -22.43 42.70 26.67
C THR D 15 -22.07 41.82 25.49
N THR D 16 -20.97 41.07 25.58
CA THR D 16 -20.61 40.13 24.52
C THR D 16 -21.63 39.00 24.45
N PHE D 17 -22.12 38.72 23.25
CA PHE D 17 -22.99 37.57 23.06
C PHE D 17 -22.17 36.33 22.73
N VAL D 18 -22.38 35.26 23.49
CA VAL D 18 -21.67 34.00 23.31
C VAL D 18 -22.71 32.89 23.12
N ALA D 19 -22.76 32.32 21.93
CA ALA D 19 -23.74 31.28 21.61
C ALA D 19 -23.37 29.94 22.27
N GLU D 20 -24.35 29.05 22.34
CA GLU D 20 -24.10 27.70 22.83
C GLU D 20 -23.13 26.94 21.92
N GLY D 21 -22.40 25.99 22.49
CA GLY D 21 -21.39 25.24 21.77
C GLY D 21 -20.06 25.93 21.53
N VAL D 22 -19.94 27.22 21.89
CA VAL D 22 -18.68 27.96 21.77
C VAL D 22 -17.70 27.50 22.84
N HIS D 23 -16.41 27.49 22.49
CA HIS D 23 -15.37 27.26 23.48
C HIS D 23 -14.34 28.37 23.38
N ILE D 24 -14.16 29.11 24.47
CA ILE D 24 -13.19 30.20 24.56
C ILE D 24 -12.18 29.82 25.62
N ILE D 25 -10.91 29.67 25.23
CA ILE D 25 -9.88 29.06 26.07
C ILE D 25 -8.77 30.06 26.33
N GLY D 26 -8.49 30.30 27.62
CA GLY D 26 -7.22 30.93 27.98
C GLY D 26 -7.17 32.42 27.69
N ASP D 27 -6.11 32.83 26.99
CA ASP D 27 -5.76 34.24 26.86
C ASP D 27 -6.55 34.86 25.72
N VAL D 28 -7.83 35.09 25.97
CA VAL D 28 -8.75 35.66 25.00
C VAL D 28 -9.42 36.88 25.63
N GLU D 29 -9.39 38.00 24.91
CA GLU D 29 -10.15 39.19 25.29
C GLU D 29 -11.14 39.50 24.19
N ILE D 30 -12.39 39.75 24.56
CA ILE D 30 -13.45 40.03 23.61
C ILE D 30 -14.19 41.27 24.09
N GLY D 31 -14.34 42.25 23.19
CA GLY D 31 -14.87 43.54 23.54
C GLY D 31 -16.38 43.65 23.43
N GLU D 32 -16.86 44.85 23.72
CA GLU D 32 -18.28 45.09 23.90
C GLU D 32 -19.07 44.87 22.61
N ASP D 33 -20.26 44.31 22.77
CA ASP D 33 -21.21 44.05 21.70
C ASP D 33 -20.70 43.05 20.68
N SER D 34 -19.57 42.40 20.92
CA SER D 34 -19.14 41.38 19.99
C SER D 34 -20.03 40.14 20.11
N ASN D 35 -20.06 39.33 19.05
CA ASN D 35 -20.96 38.19 19.06
C ASN D 35 -20.25 36.98 18.46
N ILE D 36 -20.15 35.93 19.26
CA ILE D 36 -19.45 34.69 18.94
C ILE D 36 -20.53 33.62 18.72
N TRP D 37 -20.63 33.12 17.49
CA TRP D 37 -21.75 32.27 17.11
C TRP D 37 -21.46 30.77 17.33
N PHE D 38 -22.49 29.95 17.10
CA PHE D 38 -22.53 28.56 17.54
C PHE D 38 -21.31 27.76 17.10
N ASN D 39 -20.77 26.98 18.03
CA ASN D 39 -19.67 26.06 17.79
C ASN D 39 -18.36 26.74 17.36
N ALA D 40 -18.24 28.05 17.48
CA ALA D 40 -16.94 28.66 17.25
C ALA D 40 -15.95 28.28 18.36
N VAL D 41 -14.68 28.18 17.99
CA VAL D 41 -13.61 27.83 18.93
C VAL D 41 -12.57 28.95 18.90
N LEU D 42 -12.31 29.56 20.05
CA LEU D 42 -11.31 30.64 20.20
C LEU D 42 -10.28 30.10 21.18
N ARG D 43 -9.15 29.61 20.68
CA ARG D 43 -8.22 28.90 21.54
C ARG D 43 -7.01 29.78 21.76
N GLY D 44 -6.96 30.46 22.92
CA GLY D 44 -5.82 31.30 23.23
C GLY D 44 -4.80 30.61 24.11
N ASP D 45 -4.19 29.53 23.65
CA ASP D 45 -3.20 28.83 24.46
C ASP D 45 -1.76 29.03 23.98
N GLU D 46 -1.52 28.91 22.66
CA GLU D 46 -0.19 29.20 22.12
C GLU D 46 0.14 30.68 22.23
N ASN D 47 -0.85 31.53 22.04
CA ASN D 47 -0.67 32.98 21.96
C ASN D 47 -2.02 33.62 22.22
N SER D 48 -2.01 34.94 22.34
CA SER D 48 -3.22 35.64 22.77
C SER D 48 -4.16 35.89 21.61
N ILE D 49 -5.45 35.96 21.93
CA ILE D 49 -6.47 36.38 20.98
C ILE D 49 -7.13 37.62 21.52
N LYS D 50 -7.18 38.69 20.71
CA LYS D 50 -7.84 39.92 21.14
C LYS D 50 -8.86 40.31 20.09
N ILE D 51 -10.10 40.47 20.51
CA ILE D 51 -11.18 40.83 19.61
C ILE D 51 -11.78 42.13 20.12
N GLY D 52 -11.91 43.12 19.22
CA GLY D 52 -12.40 44.43 19.59
C GLY D 52 -13.87 44.51 19.89
N ARG D 53 -14.47 45.62 19.53
CA ARG D 53 -15.85 45.95 19.82
C ARG D 53 -16.74 45.67 18.59
N GLY D 54 -17.93 45.13 18.84
CA GLY D 54 -18.89 44.96 17.76
C GLY D 54 -18.49 43.99 16.68
N THR D 55 -17.57 43.07 16.98
CA THR D 55 -17.07 42.13 15.99
C THR D 55 -17.86 40.81 16.06
N ASN D 56 -18.05 40.18 14.91
CA ASN D 56 -18.75 38.91 14.88
C ASN D 56 -17.82 37.81 14.40
N ILE D 57 -17.75 36.75 15.19
CA ILE D 57 -17.08 35.52 14.83
C ILE D 57 -18.18 34.52 14.55
N GLN D 58 -18.32 34.10 13.30
CA GLN D 58 -19.49 33.32 12.94
C GLN D 58 -19.32 31.83 13.24
N ASP D 59 -20.39 31.06 12.98
CA ASP D 59 -20.53 29.68 13.43
C ASP D 59 -19.40 28.79 12.91
N ASN D 60 -18.98 27.84 13.75
CA ASN D 60 -18.06 26.78 13.33
C ASN D 60 -16.69 27.32 12.92
N ALA D 61 -16.38 28.57 13.25
CA ALA D 61 -15.07 29.12 12.91
C ALA D 61 -14.05 28.72 13.97
N THR D 62 -12.77 28.87 13.63
CA THR D 62 -11.68 28.57 14.56
C THR D 62 -10.70 29.73 14.58
N LEU D 63 -10.37 30.20 15.78
CA LEU D 63 -9.31 31.20 15.98
C LEU D 63 -8.19 30.55 16.78
N HIS D 64 -6.96 30.68 16.29
CA HIS D 64 -5.81 30.10 16.97
C HIS D 64 -4.58 30.90 16.59
N ALA D 65 -3.40 30.44 17.04
CA ALA D 65 -2.13 31.07 16.71
C ALA D 65 -1.02 30.03 16.81
N SER D 66 0.07 30.30 16.09
CA SER D 66 1.20 29.38 16.07
C SER D 66 2.03 29.50 17.34
N GLU D 67 2.83 28.46 17.60
CA GLU D 67 3.71 28.43 18.76
C GLU D 67 4.68 29.60 18.75
N VAL D 68 4.89 30.18 19.92
CA VAL D 68 5.92 31.20 20.08
C VAL D 68 7.26 30.54 20.39
N GLN D 76 6.84 35.69 16.24
CA GLN D 76 5.49 35.26 15.88
C GLN D 76 4.46 36.37 16.12
N SER D 77 3.21 36.10 15.76
CA SER D 77 2.15 37.08 15.80
C SER D 77 0.96 36.54 16.58
N PRO D 78 0.40 37.31 17.49
CA PRO D 78 -0.86 36.92 18.14
C PRO D 78 -2.01 37.16 17.16
N THR D 79 -3.22 36.84 17.58
CA THR D 79 -4.41 37.08 16.76
C THR D 79 -5.10 38.33 17.26
N ILE D 80 -5.14 39.36 16.41
CA ILE D 80 -5.69 40.66 16.78
C ILE D 80 -6.78 41.00 15.79
N ILE D 81 -7.99 41.19 16.29
CA ILE D 81 -9.15 41.47 15.46
C ILE D 81 -9.75 42.79 15.94
N GLY D 82 -9.88 43.75 15.02
CA GLY D 82 -10.35 45.08 15.36
C GLY D 82 -11.83 45.19 15.67
N ASP D 83 -12.38 46.39 15.50
CA ASP D 83 -13.78 46.65 15.82
C ASP D 83 -14.63 46.45 14.58
N TYR D 84 -15.88 46.05 14.80
CA TYR D 84 -16.86 45.93 13.72
C TYR D 84 -16.37 45.06 12.57
N VAL D 85 -15.68 43.99 12.91
CA VAL D 85 -15.17 43.06 11.91
C VAL D 85 -16.17 41.93 11.74
N THR D 86 -16.23 41.35 10.54
CA THR D 86 -17.07 40.18 10.28
C THR D 86 -16.17 39.01 9.88
N VAL D 87 -16.12 37.98 10.72
CA VAL D 87 -15.44 36.73 10.40
C VAL D 87 -16.50 35.70 10.02
N GLY D 88 -16.53 35.33 8.75
CA GLY D 88 -17.60 34.49 8.21
C GLY D 88 -17.56 33.06 8.73
N HIS D 89 -18.69 32.36 8.51
CA HIS D 89 -18.87 30.98 8.94
C HIS D 89 -17.70 30.10 8.56
N ASN D 90 -17.31 29.21 9.48
CA ASN D 90 -16.31 28.18 9.22
C ASN D 90 -14.96 28.75 8.79
N CYS D 91 -14.63 29.99 9.14
CA CYS D 91 -13.31 30.54 8.83
C CYS D 91 -12.25 29.97 9.77
N ILE D 92 -11.00 30.01 9.31
CA ILE D 92 -9.85 29.71 10.16
C ILE D 92 -9.02 30.98 10.23
N ILE D 93 -8.94 31.57 11.41
CA ILE D 93 -8.21 32.81 11.63
C ILE D 93 -7.02 32.46 12.52
N HIS D 94 -5.82 32.50 11.94
CA HIS D 94 -4.66 31.90 12.57
C HIS D 94 -3.50 32.89 12.69
N GLY D 95 -3.38 33.53 13.86
CA GLY D 95 -2.21 34.34 14.16
C GLY D 95 -2.07 35.58 13.31
N CYS D 96 -3.16 36.20 12.92
CA CYS D 96 -3.09 37.31 12.00
C CYS D 96 -3.67 38.56 12.65
N LYS D 97 -3.62 39.66 11.92
CA LYS D 97 -4.16 40.93 12.37
C LYS D 97 -5.17 41.40 11.33
N ILE D 98 -6.37 41.74 11.79
CA ILE D 98 -7.45 42.16 10.92
C ILE D 98 -7.97 43.52 11.36
N GLY D 99 -7.97 44.48 10.43
CA GLY D 99 -8.34 45.85 10.76
C GLY D 99 -9.84 46.10 10.80
N ASP D 100 -10.19 47.24 11.42
CA ASP D 100 -11.59 47.60 11.68
C ASP D 100 -12.44 47.50 10.42
N TYR D 101 -13.70 47.10 10.60
CA TYR D 101 -14.71 47.06 9.56
C TYR D 101 -14.44 46.05 8.44
N SER D 102 -13.41 45.22 8.57
CA SER D 102 -13.18 44.32 7.45
C SER D 102 -14.10 43.10 7.53
N LEU D 103 -14.19 42.39 6.40
CA LEU D 103 -15.07 41.23 6.28
C LEU D 103 -14.28 40.07 5.70
N ILE D 104 -14.20 38.97 6.46
CA ILE D 104 -13.54 37.74 6.02
C ILE D 104 -14.64 36.81 5.51
N GLY D 105 -14.69 36.62 4.19
CA GLY D 105 -15.70 35.75 3.60
C GLY D 105 -15.65 34.34 4.15
N MET D 106 -16.84 33.75 4.24
CA MET D 106 -17.00 32.44 4.86
C MET D 106 -16.10 31.40 4.23
N GLY D 107 -15.56 30.51 5.07
CA GLY D 107 -14.67 29.47 4.58
C GLY D 107 -13.28 29.93 4.21
N SER D 108 -12.87 31.11 4.66
CA SER D 108 -11.51 31.59 4.36
C SER D 108 -10.53 31.15 5.43
N ILE D 109 -9.25 31.20 5.07
CA ILE D 109 -8.15 30.80 5.93
C ILE D 109 -7.13 31.93 5.91
N ILE D 110 -6.84 32.52 7.07
CA ILE D 110 -5.85 33.60 7.19
C ILE D 110 -4.72 33.08 8.07
N LEU D 111 -3.53 32.93 7.48
CA LEU D 111 -2.39 32.33 8.17
C LEU D 111 -1.54 33.38 8.90
N ASP D 112 -0.52 32.91 9.60
CA ASP D 112 0.18 33.72 10.60
C ASP D 112 0.92 34.90 9.98
N ASN D 113 0.93 36.01 10.71
CA ASN D 113 1.59 37.26 10.34
C ASN D 113 0.97 37.91 9.12
N ALA D 114 -0.14 37.38 8.63
CA ALA D 114 -0.90 38.09 7.63
C ALA D 114 -1.50 39.33 8.28
N GLU D 115 -1.67 40.38 7.47
CA GLU D 115 -2.28 41.61 7.94
C GLU D 115 -3.31 42.03 6.91
N ILE D 116 -4.55 42.25 7.38
CA ILE D 116 -5.66 42.71 6.57
C ILE D 116 -5.96 44.13 7.00
N GLY D 117 -5.82 45.08 6.06
CA GLY D 117 -6.14 46.46 6.35
C GLY D 117 -7.62 46.66 6.66
N GLU D 118 -7.94 47.86 7.13
CA GLU D 118 -9.33 48.13 7.47
C GLU D 118 -10.16 48.32 6.22
N TYR D 119 -11.48 48.18 6.38
CA TYR D 119 -12.45 48.34 5.28
C TYR D 119 -12.08 47.49 4.06
N THR D 120 -11.68 46.24 4.29
CA THR D 120 -11.30 45.34 3.22
C THR D 120 -12.17 44.07 3.25
N ILE D 121 -12.43 43.53 2.06
CA ILE D 121 -13.23 42.32 1.91
C ILE D 121 -12.32 41.20 1.42
N ILE D 122 -12.32 40.10 2.15
CA ILE D 122 -11.74 38.84 1.70
C ILE D 122 -12.88 38.01 1.13
N GLY D 123 -12.77 37.61 -0.13
CA GLY D 123 -13.80 36.79 -0.74
C GLY D 123 -13.91 35.43 -0.08
N ALA D 124 -15.12 34.86 -0.17
CA ALA D 124 -15.40 33.53 0.38
C ALA D 124 -14.36 32.52 -0.09
N GLY D 125 -14.02 31.59 0.81
CA GLY D 125 -13.14 30.50 0.40
C GLY D 125 -11.74 30.89 0.00
N SER D 126 -11.23 32.00 0.52
CA SER D 126 -9.89 32.44 0.17
C SER D 126 -8.84 31.86 1.14
N LEU D 127 -7.60 31.88 0.69
CA LEU D 127 -6.43 31.54 1.49
C LEU D 127 -5.45 32.72 1.43
N VAL D 128 -5.30 33.42 2.56
CA VAL D 128 -4.32 34.48 2.69
C VAL D 128 -3.08 33.89 3.36
N THR D 129 -1.97 33.90 2.64
CA THR D 129 -0.80 33.13 3.06
C THR D 129 -0.03 33.87 4.15
N GLN D 130 0.92 33.15 4.74
CA GLN D 130 1.74 33.72 5.81
C GLN D 130 2.42 35.00 5.35
N ASN D 131 2.40 36.01 6.24
CA ASN D 131 3.08 37.29 6.06
C ASN D 131 2.48 38.14 4.96
N LYS D 132 1.39 37.72 4.34
CA LYS D 132 0.76 38.54 3.32
C LYS D 132 0.18 39.80 3.94
N LYS D 133 0.50 40.95 3.35
CA LYS D 133 -0.02 42.24 3.83
C LYS D 133 -1.04 42.72 2.81
N ILE D 134 -2.31 42.77 3.22
CA ILE D 134 -3.41 43.20 2.37
C ILE D 134 -3.75 44.64 2.73
N PRO D 135 -3.75 45.56 1.78
CA PRO D 135 -3.98 46.98 2.09
C PRO D 135 -5.43 47.25 2.44
N PRO D 136 -5.74 48.44 2.95
CA PRO D 136 -7.14 48.78 3.22
C PRO D 136 -7.94 48.99 1.95
N ARG D 137 -9.26 48.92 2.12
CA ARG D 137 -10.24 49.34 1.09
C ARG D 137 -10.07 48.59 -0.23
N VAL D 138 -9.72 47.30 -0.18
CA VAL D 138 -9.62 46.49 -1.38
C VAL D 138 -10.47 45.23 -1.25
N LEU D 139 -10.74 44.62 -2.39
CA LEU D 139 -11.26 43.26 -2.48
C LEU D 139 -10.08 42.34 -2.77
N CYS D 140 -9.93 41.32 -1.96
CA CYS D 140 -8.85 40.36 -2.11
C CYS D 140 -9.45 38.97 -2.05
N MET D 141 -9.03 38.07 -2.94
CA MET D 141 -9.70 36.78 -2.98
C MET D 141 -8.85 35.80 -3.76
N GLY D 142 -9.21 34.52 -3.63
CA GLY D 142 -8.51 33.46 -4.33
C GLY D 142 -7.69 32.62 -3.37
N SER D 143 -7.02 31.62 -3.95
CA SER D 143 -6.25 30.66 -3.17
C SER D 143 -5.04 30.24 -3.99
N PRO D 144 -3.90 30.91 -3.82
CA PRO D 144 -3.63 31.98 -2.85
C PRO D 144 -4.30 33.30 -3.18
N ALA D 145 -4.80 34.01 -2.18
CA ALA D 145 -5.55 35.23 -2.42
C ALA D 145 -4.63 36.29 -3.01
N LYS D 146 -5.22 37.14 -3.85
CA LYS D 146 -4.53 38.24 -4.49
C LYS D 146 -5.43 39.47 -4.42
N VAL D 147 -4.80 40.64 -4.31
CA VAL D 147 -5.57 41.89 -4.38
C VAL D 147 -6.17 42.00 -5.77
N ILE D 148 -7.49 42.15 -5.84
CA ILE D 148 -8.18 42.23 -7.12
C ILE D 148 -8.37 43.68 -7.56
N ARG D 149 -8.89 44.52 -6.67
CA ARG D 149 -9.31 45.88 -7.02
C ARG D 149 -9.66 46.62 -5.75
N GLU D 150 -9.81 47.94 -5.87
CA GLU D 150 -10.28 48.73 -4.76
C GLU D 150 -11.80 48.61 -4.63
N LEU D 151 -12.28 48.85 -3.41
CA LEU D 151 -13.71 48.72 -3.15
C LEU D 151 -14.47 49.91 -3.73
N THR D 152 -15.68 49.65 -4.19
CA THR D 152 -16.58 50.71 -4.60
C THR D 152 -17.19 51.38 -3.39
N GLU D 153 -17.99 52.42 -3.65
CA GLU D 153 -18.62 53.14 -2.55
C GLU D 153 -19.71 52.31 -1.90
N GLU D 154 -20.51 51.62 -2.71
CA GLU D 154 -21.53 50.73 -2.15
C GLU D 154 -20.89 49.65 -1.28
N GLU D 155 -19.74 49.12 -1.72
CA GLU D 155 -19.09 48.09 -0.93
C GLU D 155 -18.61 48.65 0.40
N ILE D 156 -18.06 49.87 0.42
CA ILE D 156 -17.61 50.47 1.66
C ILE D 156 -18.78 50.80 2.55
N GLU D 157 -19.84 51.37 1.97
CA GLU D 157 -21.09 51.56 2.70
C GLU D 157 -21.59 50.25 3.29
N TYR D 158 -21.43 49.16 2.54
CA TYR D 158 -21.84 47.85 3.04
C TYR D 158 -21.05 47.46 4.28
N LEU D 159 -19.75 47.72 4.30
CA LEU D 159 -18.94 47.34 5.45
C LEU D 159 -19.31 48.15 6.70
N LYS D 160 -19.73 49.40 6.53
CA LYS D 160 -20.15 50.17 7.70
C LYS D 160 -21.39 49.59 8.35
N ASN D 161 -22.15 48.74 7.65
CA ASN D 161 -23.39 48.20 8.17
C ASN D 161 -23.32 46.75 8.61
N SER D 162 -22.44 45.94 7.99
CA SER D 162 -22.45 44.49 8.19
C SER D 162 -22.34 44.10 9.67
N ALA D 163 -21.25 44.48 10.31
CA ALA D 163 -21.06 44.10 11.71
C ALA D 163 -22.14 44.68 12.61
N LYS D 164 -22.57 45.92 12.32
CA LYS D 164 -23.57 46.55 13.18
C LYS D 164 -24.90 45.82 13.09
N HIS D 165 -25.27 45.35 11.90
CA HIS D 165 -26.47 44.53 11.78
C HIS D 165 -26.33 43.22 12.54
N ASN D 166 -25.15 42.61 12.51
CA ASN D 166 -24.96 41.37 13.25
C ASN D 166 -25.03 41.60 14.75
N ILE D 167 -24.69 42.81 15.22
CA ILE D 167 -24.92 43.14 16.62
C ILE D 167 -26.41 43.02 16.94
N GLU D 168 -27.23 43.77 16.21
CA GLU D 168 -28.67 43.76 16.48
C GLU D 168 -29.25 42.38 16.30
N LEU D 169 -28.74 41.62 15.33
CA LEU D 169 -29.16 40.23 15.18
C LEU D 169 -29.01 39.48 16.50
N SER D 170 -27.84 39.63 17.15
CA SER D 170 -27.55 38.88 18.35
C SER D 170 -28.37 39.34 19.55
N LYS D 171 -28.92 40.56 19.51
CA LYS D 171 -29.69 41.03 20.65
C LYS D 171 -31.07 40.38 20.75
N ASN D 172 -31.62 39.88 19.64
CA ASN D 172 -32.89 39.18 19.69
C ASN D 172 -32.78 37.76 20.25
N TYR D 173 -31.65 37.40 20.84
CA TYR D 173 -31.37 36.04 21.30
C TYR D 173 -31.54 35.99 22.81
N ARG D 174 -32.67 35.44 23.26
CA ARG D 174 -32.95 35.17 24.69
C ARG D 174 -32.71 36.38 25.58
N MET E 1 19.61 -8.95 21.16
CA MET E 1 18.80 -7.73 21.28
C MET E 1 17.95 -7.58 20.01
N GLU E 2 18.07 -6.47 19.29
CA GLU E 2 17.33 -6.25 18.05
C GLU E 2 18.27 -6.33 16.87
N HIS E 3 17.74 -6.82 15.76
CA HIS E 3 18.52 -7.05 14.55
C HIS E 3 17.78 -6.48 13.35
N LYS E 4 18.51 -5.80 12.49
CA LYS E 4 17.93 -5.30 11.25
C LYS E 4 17.70 -6.45 10.27
N TYR E 5 16.60 -6.38 9.52
CA TYR E 5 16.40 -7.24 8.37
C TYR E 5 15.95 -6.37 7.21
N LYS E 6 16.77 -6.33 6.15
CA LYS E 6 16.57 -5.42 5.03
C LYS E 6 16.26 -4.01 5.54
N ASN E 7 15.13 -3.45 5.16
CA ASN E 7 14.77 -2.08 5.53
C ASN E 7 14.05 -1.99 6.87
N HIS E 8 13.98 -3.07 7.63
CA HIS E 8 13.08 -3.14 8.78
C HIS E 8 13.87 -3.20 10.08
N LEU E 9 13.54 -2.30 11.00
CA LEU E 9 13.97 -2.34 12.37
C LEU E 9 12.77 -2.48 13.30
N PRO E 10 12.88 -3.28 14.36
CA PRO E 10 11.75 -3.46 15.27
C PRO E 10 11.28 -2.16 15.88
N LYS E 11 9.96 -2.03 15.99
CA LYS E 11 9.34 -0.90 16.67
C LYS E 11 8.85 -1.41 18.03
N ILE E 12 9.49 -0.95 19.09
CA ILE E 12 9.28 -1.49 20.44
C ILE E 12 9.00 -0.33 21.38
N HIS E 13 7.84 -0.37 22.03
CA HIS E 13 7.48 0.67 22.99
C HIS E 13 8.53 0.75 24.11
N GLU E 14 8.73 1.96 24.64
CA GLU E 14 9.79 2.15 25.63
C GLU E 14 9.47 1.46 26.96
N THR E 15 8.21 1.16 27.25
CA THR E 15 7.87 0.41 28.46
C THR E 15 7.88 -1.10 28.23
N THR E 16 8.19 -1.56 27.03
CA THR E 16 8.30 -2.99 26.79
C THR E 16 9.51 -3.54 27.54
N PHE E 17 9.31 -4.62 28.29
CA PHE E 17 10.41 -5.29 28.95
C PHE E 17 10.91 -6.42 28.04
N VAL E 18 12.19 -6.37 27.69
CA VAL E 18 12.82 -7.38 26.82
C VAL E 18 13.91 -8.05 27.64
N ALA E 19 13.69 -9.31 28.01
CA ALA E 19 14.64 -10.02 28.86
C ALA E 19 15.90 -10.39 28.07
N GLU E 20 16.90 -10.88 28.80
CA GLU E 20 18.16 -11.24 28.18
C GLU E 20 18.04 -12.52 27.38
N GLY E 21 18.87 -12.64 26.34
CA GLY E 21 18.81 -13.76 25.41
C GLY E 21 17.77 -13.62 24.32
N VAL E 22 16.88 -12.63 24.40
CA VAL E 22 15.86 -12.43 23.38
C VAL E 22 16.50 -11.92 22.11
N HIS E 23 15.98 -12.38 20.97
CA HIS E 23 16.35 -11.82 19.68
C HIS E 23 15.07 -11.41 18.96
N ILE E 24 15.01 -10.12 18.60
CA ILE E 24 13.89 -9.57 17.86
C ILE E 24 14.42 -9.04 16.53
N ILE E 25 13.91 -9.57 15.44
CA ILE E 25 14.49 -9.39 14.11
C ILE E 25 13.45 -8.79 13.18
N GLY E 26 13.81 -7.69 12.53
CA GLY E 26 13.08 -7.21 11.37
C GLY E 26 11.75 -6.53 11.62
N ASP E 27 10.75 -6.88 10.81
CA ASP E 27 9.44 -6.22 10.86
C ASP E 27 8.66 -6.72 12.07
N VAL E 28 9.00 -6.18 13.24
CA VAL E 28 8.37 -6.56 14.50
C VAL E 28 7.89 -5.31 15.22
N GLU E 29 6.62 -5.31 15.62
CA GLU E 29 6.07 -4.22 16.40
C GLU E 29 5.57 -4.74 17.74
N ILE E 30 5.98 -4.09 18.83
CA ILE E 30 5.63 -4.54 20.17
C ILE E 30 5.10 -3.35 20.97
N GLY E 31 3.93 -3.52 21.58
CA GLY E 31 3.24 -2.42 22.23
C GLY E 31 3.55 -2.24 23.71
N GLU E 32 2.90 -1.23 24.27
CA GLU E 32 3.09 -0.81 25.66
C GLU E 32 2.94 -1.96 26.64
N ASP E 33 3.82 -1.99 27.65
CA ASP E 33 3.72 -2.87 28.80
C ASP E 33 3.82 -4.35 28.45
N SER E 34 4.21 -4.69 27.23
CA SER E 34 4.39 -6.08 26.89
C SER E 34 5.72 -6.59 27.44
N ASN E 35 5.80 -7.92 27.59
CA ASN E 35 6.96 -8.58 28.18
C ASN E 35 7.40 -9.70 27.27
N ILE E 36 8.65 -9.64 26.83
CA ILE E 36 9.28 -10.71 26.04
C ILE E 36 10.33 -11.35 26.93
N TRP E 37 10.11 -12.60 27.30
CA TRP E 37 10.92 -13.26 28.31
C TRP E 37 12.13 -13.99 27.71
N PHE E 38 12.96 -14.52 28.60
CA PHE E 38 14.33 -14.95 28.28
C PHE E 38 14.36 -15.94 27.13
N ASN E 39 15.30 -15.72 26.22
CA ASN E 39 15.60 -16.59 25.08
C ASN E 39 14.46 -16.71 24.07
N ALA E 40 13.43 -15.89 24.17
CA ALA E 40 12.42 -15.85 23.12
C ALA E 40 13.03 -15.28 21.83
N VAL E 41 12.55 -15.79 20.69
CA VAL E 41 12.99 -15.35 19.37
C VAL E 41 11.76 -14.87 18.60
N LEU E 42 11.80 -13.63 18.13
CA LEU E 42 10.71 -12.98 17.39
C LEU E 42 11.29 -12.59 16.03
N ARG E 43 11.11 -13.45 15.04
CA ARG E 43 11.81 -13.32 13.76
C ARG E 43 10.85 -12.84 12.67
N GLY E 44 10.79 -11.52 12.49
CA GLY E 44 9.93 -10.94 11.47
C GLY E 44 10.65 -10.69 10.15
N ASP E 45 11.17 -11.73 9.52
CA ASP E 45 11.78 -11.60 8.20
C ASP E 45 10.87 -12.07 7.06
N GLU E 46 10.22 -13.23 7.19
CA GLU E 46 9.32 -13.68 6.14
C GLU E 46 8.08 -12.81 6.05
N ASN E 47 7.59 -12.35 7.19
CA ASN E 47 6.35 -11.59 7.29
C ASN E 47 6.45 -10.78 8.56
N SER E 48 5.44 -9.97 8.83
CA SER E 48 5.52 -9.10 9.99
C SER E 48 4.95 -9.78 11.25
N ILE E 49 5.33 -9.23 12.40
CA ILE E 49 4.84 -9.68 13.69
C ILE E 49 4.36 -8.46 14.45
N LYS E 50 3.08 -8.45 14.83
CA LYS E 50 2.49 -7.34 15.55
C LYS E 50 1.96 -7.85 16.89
N ILE E 51 2.43 -7.24 17.97
CA ILE E 51 2.08 -7.65 19.33
C ILE E 51 1.51 -6.43 20.01
N GLY E 52 0.30 -6.57 20.57
CA GLY E 52 -0.39 -5.47 21.20
C GLY E 52 0.15 -5.02 22.55
N ARG E 53 -0.75 -4.54 23.39
CA ARG E 53 -0.42 -3.98 24.69
C ARG E 53 -0.58 -5.01 25.78
N GLY E 54 0.35 -5.01 26.73
CA GLY E 54 0.25 -5.86 27.90
C GLY E 54 0.32 -7.34 27.62
N THR E 55 1.01 -7.74 26.55
CA THR E 55 1.08 -9.13 26.13
C THR E 55 2.40 -9.76 26.57
N ASN E 56 2.36 -11.03 26.96
CA ASN E 56 3.54 -11.75 27.41
C ASN E 56 3.89 -12.84 26.42
N ILE E 57 5.12 -12.80 25.92
CA ILE E 57 5.73 -13.89 25.15
C ILE E 57 6.73 -14.56 26.08
N GLN E 58 6.48 -15.82 26.46
CA GLN E 58 7.24 -16.41 27.55
C GLN E 58 8.52 -17.08 27.03
N ASP E 59 9.30 -17.62 27.97
CA ASP E 59 10.68 -18.02 27.74
C ASP E 59 10.80 -19.09 26.65
N ASN E 60 11.87 -19.01 25.87
CA ASN E 60 12.23 -20.05 24.90
C ASN E 60 11.16 -20.27 23.83
N ALA E 61 10.25 -19.30 23.66
CA ALA E 61 9.26 -19.34 22.60
C ALA E 61 9.81 -18.83 21.27
N THR E 62 9.14 -19.20 20.18
CA THR E 62 9.53 -18.74 18.85
C THR E 62 8.32 -18.18 18.11
N LEU E 63 8.48 -16.97 17.57
CA LEU E 63 7.50 -16.35 16.69
C LEU E 63 8.11 -16.22 15.31
N HIS E 64 7.42 -16.74 14.30
CA HIS E 64 7.88 -16.65 12.92
C HIS E 64 6.65 -16.69 12.01
N ALA E 65 6.89 -16.68 10.71
CA ALA E 65 5.81 -16.85 9.73
C ALA E 65 6.39 -17.57 8.53
N SER E 66 5.52 -18.25 7.79
CA SER E 66 6.00 -18.93 6.61
C SER E 66 6.26 -17.93 5.48
N GLU E 67 7.00 -18.41 4.47
CA GLU E 67 7.32 -17.56 3.33
C GLU E 67 6.07 -17.12 2.59
N VAL E 68 5.96 -15.81 2.34
CA VAL E 68 4.85 -15.26 1.58
C VAL E 68 5.05 -15.56 0.09
N TYR E 69 3.98 -15.97 -0.58
CA TYR E 69 3.99 -16.25 -2.01
C TYR E 69 3.26 -15.15 -2.77
N HIS E 70 3.44 -15.16 -4.08
CA HIS E 70 2.78 -14.21 -4.99
C HIS E 70 1.42 -14.74 -5.48
N GLU E 71 0.70 -15.47 -4.65
CA GLU E 71 -0.49 -16.19 -5.10
C GLU E 71 -1.68 -15.26 -5.28
N ILE E 74 -4.54 -17.57 -2.91
CA ILE E 74 -3.96 -18.06 -1.66
C ILE E 74 -3.27 -16.90 -0.93
N GLU E 75 -3.66 -16.66 0.32
CA GLU E 75 -3.19 -15.53 1.09
C GLU E 75 -2.46 -15.99 2.35
N GLN E 76 -1.29 -15.42 2.60
CA GLN E 76 -0.48 -15.72 3.78
C GLN E 76 -0.81 -14.74 4.90
N SER E 77 -1.09 -15.27 6.07
CA SER E 77 -1.35 -14.43 7.23
C SER E 77 -0.03 -14.05 7.90
N PRO E 78 0.11 -12.80 8.34
CA PRO E 78 1.21 -12.45 9.25
C PRO E 78 0.88 -12.94 10.66
N THR E 79 1.82 -12.75 11.58
CA THR E 79 1.58 -13.05 12.98
C THR E 79 1.03 -11.81 13.67
N ILE E 80 -0.21 -11.90 14.16
CA ILE E 80 -0.89 -10.77 14.77
C ILE E 80 -1.40 -11.20 16.14
N ILE E 81 -0.90 -10.58 17.19
CA ILE E 81 -1.24 -10.96 18.55
C ILE E 81 -1.83 -9.73 19.24
N GLY E 82 -3.01 -9.90 19.82
CA GLY E 82 -3.74 -8.79 20.42
C GLY E 82 -3.20 -8.28 21.73
N ASP E 83 -4.07 -7.65 22.52
CA ASP E 83 -3.67 -7.09 23.82
C ASP E 83 -3.87 -8.12 24.94
N TYR E 84 -3.02 -8.01 25.97
CA TYR E 84 -3.18 -8.81 27.18
C TYR E 84 -3.23 -10.32 26.91
N VAL E 85 -2.52 -10.77 25.89
CA VAL E 85 -2.39 -12.18 25.54
C VAL E 85 -1.22 -12.78 26.31
N THR E 86 -1.32 -14.06 26.64
CA THR E 86 -0.20 -14.80 27.23
C THR E 86 0.18 -15.95 26.30
N VAL E 87 1.40 -15.90 25.76
CA VAL E 87 1.97 -16.99 24.98
C VAL E 87 2.91 -17.75 25.89
N GLY E 88 2.59 -19.03 26.14
CA GLY E 88 3.32 -19.80 27.15
C GLY E 88 4.73 -20.20 26.74
N HIS E 89 5.50 -20.67 27.74
CA HIS E 89 6.89 -21.06 27.53
C HIS E 89 7.04 -22.02 26.37
N ASN E 90 8.10 -21.83 25.57
CA ASN E 90 8.49 -22.76 24.52
C ASN E 90 7.37 -22.98 23.49
N CYS E 91 6.43 -22.04 23.36
CA CYS E 91 5.45 -22.13 22.29
C CYS E 91 6.08 -21.79 20.94
N ILE E 92 5.43 -22.26 19.88
CA ILE E 92 5.75 -21.84 18.52
C ILE E 92 4.51 -21.18 17.95
N ILE E 93 4.62 -19.89 17.64
CA ILE E 93 3.53 -19.07 17.12
C ILE E 93 3.91 -18.72 15.69
N HIS E 94 3.20 -19.32 14.72
CA HIS E 94 3.64 -19.30 13.33
C HIS E 94 2.55 -18.75 12.41
N GLY E 95 2.63 -17.46 12.08
CA GLY E 95 1.74 -16.88 11.07
C GLY E 95 0.27 -16.96 11.41
N CYS E 96 -0.09 -16.79 12.68
CA CYS E 96 -1.47 -16.89 13.11
C CYS E 96 -1.92 -15.58 13.74
N LYS E 97 -3.22 -15.51 14.03
CA LYS E 97 -3.82 -14.35 14.70
C LYS E 97 -4.39 -14.78 16.04
N ILE E 98 -4.16 -13.99 17.08
CA ILE E 98 -4.56 -14.37 18.44
C ILE E 98 -5.32 -13.21 19.07
N GLY E 99 -6.58 -13.43 19.43
CA GLY E 99 -7.40 -12.36 19.98
C GLY E 99 -7.02 -11.95 21.39
N ASP E 100 -7.53 -10.79 21.79
CA ASP E 100 -7.19 -10.18 23.09
C ASP E 100 -7.44 -11.17 24.21
N TYR E 101 -6.61 -11.09 25.26
CA TYR E 101 -6.80 -11.80 26.53
C TYR E 101 -6.69 -13.32 26.43
N SER E 102 -6.35 -13.87 25.27
CA SER E 102 -6.27 -15.31 25.17
C SER E 102 -4.98 -15.86 25.77
N LEU E 103 -5.00 -17.16 26.07
CA LEU E 103 -3.88 -17.82 26.71
C LEU E 103 -3.47 -18.99 25.85
N ILE E 104 -2.23 -19.00 25.38
CA ILE E 104 -1.69 -20.13 24.63
C ILE E 104 -0.86 -20.96 25.59
N GLY E 105 -1.41 -22.09 26.02
CA GLY E 105 -0.73 -22.96 26.96
C GLY E 105 0.68 -23.31 26.55
N MET E 106 1.59 -23.31 27.52
CA MET E 106 3.00 -23.56 27.27
C MET E 106 3.20 -24.80 26.41
N GLY E 107 4.21 -24.74 25.52
CA GLY E 107 4.52 -25.85 24.64
C GLY E 107 3.59 -26.05 23.46
N SER E 108 2.67 -25.13 23.20
CA SER E 108 1.75 -25.30 22.09
C SER E 108 2.36 -24.82 20.77
N ILE E 109 1.75 -25.27 19.68
CA ILE E 109 2.16 -24.98 18.31
C ILE E 109 0.94 -24.46 17.57
N ILE E 110 1.00 -23.21 17.10
CA ILE E 110 -0.10 -22.60 16.35
C ILE E 110 0.39 -22.27 14.94
N LEU E 111 -0.20 -22.91 13.94
CA LEU E 111 0.30 -22.88 12.57
C LEU E 111 -0.40 -21.80 11.72
N ASP E 112 0.11 -21.65 10.49
CA ASP E 112 -0.20 -20.49 9.67
C ASP E 112 -1.68 -20.41 9.32
N ASN E 113 -2.17 -19.17 9.25
CA ASN E 113 -3.56 -18.80 8.95
C ASN E 113 -4.54 -19.27 10.01
N ALA E 114 -4.08 -19.90 11.09
CA ALA E 114 -4.98 -20.21 12.18
C ALA E 114 -5.38 -18.92 12.88
N GLU E 115 -6.57 -18.94 13.50
CA GLU E 115 -7.10 -17.79 14.22
C GLU E 115 -7.62 -18.25 15.56
N ILE E 116 -7.12 -17.64 16.64
CA ILE E 116 -7.59 -17.89 17.99
C ILE E 116 -8.46 -16.71 18.41
N GLY E 117 -9.73 -16.98 18.71
CA GLY E 117 -10.62 -15.94 19.19
C GLY E 117 -10.14 -15.37 20.51
N GLU E 118 -10.72 -14.22 20.86
CA GLU E 118 -10.38 -13.59 22.14
C GLU E 118 -10.96 -14.37 23.31
N TYR E 119 -10.36 -14.16 24.49
CA TYR E 119 -10.78 -14.81 25.73
C TYR E 119 -10.87 -16.33 25.57
N THR E 120 -9.87 -16.92 24.93
CA THR E 120 -9.86 -18.36 24.71
C THR E 120 -8.60 -18.96 25.32
N ILE E 121 -8.71 -20.20 25.79
CA ILE E 121 -7.59 -20.91 26.38
C ILE E 121 -7.22 -22.06 25.47
N ILE E 122 -5.99 -22.07 25.01
CA ILE E 122 -5.39 -23.22 24.34
C ILE E 122 -4.62 -23.99 25.40
N GLY E 123 -4.94 -25.26 25.58
CA GLY E 123 -4.25 -26.06 26.58
C GLY E 123 -2.79 -26.29 26.22
N ALA E 124 -1.97 -26.44 27.27
CA ALA E 124 -0.56 -26.75 27.09
C ALA E 124 -0.36 -27.95 26.18
N GLY E 125 0.69 -27.88 25.36
CA GLY E 125 1.02 -29.02 24.50
C GLY E 125 0.08 -29.25 23.33
N SER E 126 -0.74 -28.27 22.96
CA SER E 126 -1.70 -28.41 21.87
C SER E 126 -1.05 -28.12 20.52
N LEU E 127 -1.65 -28.64 19.47
CA LEU E 127 -1.26 -28.34 18.09
C LEU E 127 -2.50 -27.83 17.36
N VAL E 128 -2.48 -26.55 16.98
CA VAL E 128 -3.56 -25.94 16.21
C VAL E 128 -3.11 -25.85 14.75
N THR E 129 -3.76 -26.62 13.87
CA THR E 129 -3.25 -26.82 12.52
C THR E 129 -3.56 -25.64 11.61
N GLN E 130 -2.98 -25.68 10.40
CA GLN E 130 -3.11 -24.57 9.47
C GLN E 130 -4.58 -24.28 9.15
N ASN E 131 -4.91 -22.99 9.16
CA ASN E 131 -6.22 -22.43 8.82
C ASN E 131 -7.32 -22.76 9.83
N LYS E 132 -7.02 -23.45 10.92
CA LYS E 132 -8.04 -23.74 11.93
C LYS E 132 -8.52 -22.45 12.59
N LYS E 133 -9.83 -22.31 12.79
CA LYS E 133 -10.42 -21.11 13.37
C LYS E 133 -11.07 -21.46 14.70
N ILE E 134 -10.46 -21.03 15.81
CA ILE E 134 -10.98 -21.28 17.15
C ILE E 134 -11.88 -20.12 17.57
N PRO E 135 -13.11 -20.37 17.97
CA PRO E 135 -14.00 -19.27 18.39
C PRO E 135 -13.51 -18.61 19.66
N PRO E 136 -14.07 -17.44 20.01
CA PRO E 136 -13.79 -16.85 21.32
C PRO E 136 -14.40 -17.64 22.45
N ARG E 137 -13.88 -17.39 23.65
CA ARG E 137 -14.52 -17.80 24.91
C ARG E 137 -14.66 -19.32 25.03
N VAL E 138 -13.71 -20.09 24.48
CA VAL E 138 -13.76 -21.54 24.60
C VAL E 138 -12.45 -22.05 25.17
N LEU E 139 -12.50 -23.32 25.59
CA LEU E 139 -11.35 -24.11 25.93
C LEU E 139 -11.03 -25.03 24.75
N CYS E 140 -9.77 -25.03 24.33
CA CYS E 140 -9.33 -25.81 23.16
C CYS E 140 -8.00 -26.48 23.48
N MET E 141 -7.91 -27.80 23.26
CA MET E 141 -6.67 -28.53 23.56
C MET E 141 -6.57 -29.81 22.74
N GLY E 142 -5.38 -30.41 22.73
CA GLY E 142 -5.14 -31.66 22.04
C GLY E 142 -4.20 -31.47 20.87
N SER E 143 -3.84 -32.60 20.25
CA SER E 143 -2.95 -32.60 19.11
C SER E 143 -3.43 -33.66 18.13
N PRO E 144 -4.19 -33.27 17.08
CA PRO E 144 -4.63 -31.90 16.76
C PRO E 144 -5.65 -31.37 17.75
N ALA E 145 -5.68 -30.07 17.99
CA ALA E 145 -6.56 -29.51 19.03
C ALA E 145 -8.00 -29.48 18.54
N LYS E 146 -8.92 -29.72 19.49
CA LYS E 146 -10.36 -29.60 19.26
C LYS E 146 -11.00 -28.69 20.32
N VAL E 147 -12.13 -28.09 19.96
CA VAL E 147 -12.86 -27.26 20.91
C VAL E 147 -13.53 -28.18 21.91
N ILE E 148 -13.22 -27.98 23.20
CA ILE E 148 -13.79 -28.83 24.24
C ILE E 148 -15.14 -28.33 24.71
N ARG E 149 -15.20 -27.04 25.06
CA ARG E 149 -16.39 -26.48 25.70
C ARG E 149 -16.18 -24.97 25.80
N GLU E 150 -17.25 -24.27 26.18
CA GLU E 150 -17.15 -22.85 26.48
C GLU E 150 -16.46 -22.64 27.82
N LEU E 151 -15.84 -21.47 27.98
CA LEU E 151 -15.21 -21.12 29.24
C LEU E 151 -16.26 -20.70 30.26
N THR E 152 -15.98 -21.01 31.52
CA THR E 152 -16.81 -20.50 32.60
C THR E 152 -16.52 -19.02 32.83
N GLU E 153 -17.43 -18.36 33.55
CA GLU E 153 -17.20 -16.97 33.92
C GLU E 153 -15.97 -16.84 34.79
N GLU E 154 -15.70 -17.82 35.64
CA GLU E 154 -14.49 -17.79 36.45
C GLU E 154 -13.23 -17.85 35.59
N GLU E 155 -13.24 -18.71 34.57
CA GLU E 155 -12.08 -18.80 33.68
C GLU E 155 -11.89 -17.51 32.88
N ILE E 156 -13.00 -16.91 32.44
CA ILE E 156 -12.90 -15.63 31.74
C ILE E 156 -12.32 -14.56 32.67
N GLU E 157 -12.87 -14.45 33.88
CA GLU E 157 -12.29 -13.53 34.86
C GLU E 157 -10.82 -13.83 35.11
N TYR E 158 -10.43 -15.11 35.04
CA TYR E 158 -9.03 -15.45 35.19
C TYR E 158 -8.18 -14.80 34.11
N LEU E 159 -8.62 -14.89 32.85
CA LEU E 159 -7.88 -14.27 31.76
C LEU E 159 -7.74 -12.77 31.95
N LYS E 160 -8.78 -12.12 32.49
CA LYS E 160 -8.69 -10.69 32.77
C LYS E 160 -7.70 -10.41 33.89
N ASN E 161 -7.93 -11.01 35.07
CA ASN E 161 -7.08 -10.77 36.22
C ASN E 161 -5.65 -11.24 36.00
N SER E 162 -5.46 -12.33 35.24
CA SER E 162 -4.11 -12.83 34.99
C SER E 162 -3.30 -11.85 34.16
N ALA E 163 -3.89 -11.35 33.08
CA ALA E 163 -3.20 -10.45 32.15
C ALA E 163 -2.45 -9.35 32.89
N LYS E 164 -3.15 -8.64 33.78
CA LYS E 164 -2.51 -7.55 34.51
C LYS E 164 -1.41 -8.05 35.43
N HIS E 165 -1.61 -9.20 36.09
CA HIS E 165 -0.58 -9.69 37.01
C HIS E 165 0.73 -9.94 36.27
N ASN E 166 0.66 -10.41 35.03
CA ASN E 166 1.88 -10.61 34.25
C ASN E 166 2.60 -9.31 33.98
N ILE E 167 1.91 -8.18 34.07
CA ILE E 167 2.56 -6.90 33.85
C ILE E 167 3.30 -6.45 35.10
N GLU E 168 2.68 -6.57 36.28
CA GLU E 168 3.39 -6.22 37.51
C GLU E 168 4.62 -7.08 37.73
N LEU E 169 4.60 -8.34 37.28
CA LEU E 169 5.72 -9.23 37.47
C LEU E 169 6.99 -8.70 36.80
N SER E 170 6.85 -8.16 35.60
CA SER E 170 8.01 -7.63 34.90
C SER E 170 8.52 -6.35 35.53
N LYS E 171 7.64 -5.58 36.18
CA LYS E 171 8.06 -4.30 36.74
C LYS E 171 9.11 -4.48 37.83
N ASN E 172 9.06 -5.59 38.57
CA ASN E 172 10.07 -5.86 39.59
C ASN E 172 11.41 -6.28 39.01
N TYR E 173 11.55 -6.38 37.70
CA TYR E 173 12.82 -6.81 37.12
C TYR E 173 13.74 -5.61 36.90
N MET F 1 -29.99 20.43 19.57
CA MET F 1 -30.64 21.37 20.47
C MET F 1 -31.35 22.44 19.64
N GLU F 2 -32.57 22.81 20.03
CA GLU F 2 -33.34 23.80 19.28
C GLU F 2 -33.36 25.13 20.03
N HIS F 3 -33.46 26.22 19.25
CA HIS F 3 -33.48 27.56 19.82
C HIS F 3 -34.55 28.38 19.15
N LYS F 4 -35.27 29.16 19.95
CA LYS F 4 -36.20 30.15 19.44
C LYS F 4 -35.45 31.36 18.92
N TYR F 5 -35.96 31.94 17.85
CA TYR F 5 -35.53 33.25 17.39
C TYR F 5 -36.77 34.06 17.09
N LYS F 6 -36.96 35.18 17.82
CA LYS F 6 -38.19 35.96 17.73
C LYS F 6 -39.35 35.01 17.97
N ASN F 7 -40.28 34.91 17.03
CA ASN F 7 -41.41 34.01 17.20
C ASN F 7 -41.33 32.78 16.31
N HIS F 8 -40.11 32.37 15.96
CA HIS F 8 -39.88 31.17 15.16
C HIS F 8 -39.32 30.08 16.07
N LEU F 9 -40.03 28.97 16.14
CA LEU F 9 -39.51 27.73 16.66
C LEU F 9 -39.28 26.74 15.52
N PRO F 10 -38.18 26.01 15.54
CA PRO F 10 -37.94 25.02 14.47
C PRO F 10 -39.10 24.04 14.36
N LYS F 11 -39.42 23.68 13.14
CA LYS F 11 -40.43 22.68 12.83
C LYS F 11 -39.70 21.43 12.33
N ILE F 12 -39.58 20.43 13.20
CA ILE F 12 -38.75 19.26 12.93
C ILE F 12 -39.63 18.01 12.97
N HIS F 13 -39.58 17.21 11.92
CA HIS F 13 -40.38 16.00 11.89
C HIS F 13 -39.96 15.06 13.01
N GLU F 14 -40.93 14.29 13.53
CA GLU F 14 -40.65 13.37 14.63
C GLU F 14 -39.73 12.22 14.24
N THR F 15 -39.61 11.88 12.95
CA THR F 15 -38.62 10.89 12.55
C THR F 15 -37.26 11.49 12.17
N THR F 16 -37.10 12.81 12.23
CA THR F 16 -35.78 13.41 11.97
C THR F 16 -34.80 12.97 13.06
N PHE F 17 -33.60 12.56 12.64
CA PHE F 17 -32.52 12.29 13.57
C PHE F 17 -31.67 13.55 13.72
N VAL F 18 -31.50 14.01 14.96
CA VAL F 18 -30.69 15.20 15.28
C VAL F 18 -29.60 14.77 16.24
N ALA F 19 -28.34 14.78 15.78
CA ALA F 19 -27.23 14.31 16.57
C ALA F 19 -26.83 15.33 17.65
N GLU F 20 -25.99 14.89 18.59
CA GLU F 20 -25.52 15.77 19.65
C GLU F 20 -24.62 16.87 19.09
N GLY F 21 -24.65 18.04 19.75
CA GLY F 21 -23.85 19.18 19.30
C GLY F 21 -24.51 20.02 18.22
N VAL F 22 -25.63 19.55 17.66
CA VAL F 22 -26.36 20.31 16.65
C VAL F 22 -27.06 21.50 17.28
N HIS F 23 -27.10 22.61 16.55
CA HIS F 23 -27.91 23.75 16.95
C HIS F 23 -28.82 24.15 15.79
N ILE F 24 -30.12 24.12 16.04
CA ILE F 24 -31.14 24.50 15.07
C ILE F 24 -31.89 25.70 15.62
N ILE F 25 -31.86 26.82 14.91
CA ILE F 25 -32.36 28.08 15.43
C ILE F 25 -33.47 28.63 14.55
N GLY F 26 -34.60 28.94 15.17
CA GLY F 26 -35.56 29.85 14.55
C GLY F 26 -36.37 29.19 13.44
N ASP F 27 -36.36 29.82 12.26
CA ASP F 27 -37.27 29.47 11.17
C ASP F 27 -36.62 28.39 10.29
N VAL F 28 -36.67 27.16 10.80
CA VAL F 28 -36.06 26.03 10.14
C VAL F 28 -37.10 24.92 10.08
N GLU F 29 -37.32 24.38 8.89
CA GLU F 29 -38.24 23.26 8.72
C GLU F 29 -37.44 22.08 8.20
N ILE F 30 -37.57 20.93 8.86
CA ILE F 30 -36.83 19.73 8.49
C ILE F 30 -37.81 18.59 8.34
N GLY F 31 -37.71 17.86 7.22
CA GLY F 31 -38.69 16.84 6.89
C GLY F 31 -38.34 15.44 7.38
N GLU F 32 -39.31 14.55 7.17
CA GLU F 32 -39.26 13.19 7.66
C GLU F 32 -37.99 12.46 7.19
N ASP F 33 -37.44 11.62 8.07
CA ASP F 33 -36.28 10.77 7.82
C ASP F 33 -35.00 11.55 7.54
N SER F 34 -35.00 12.86 7.69
CA SER F 34 -33.75 13.59 7.47
C SER F 34 -32.81 13.35 8.66
N ASN F 35 -31.51 13.54 8.42
CA ASN F 35 -30.50 13.38 9.47
C ASN F 35 -29.59 14.59 9.49
N ILE F 36 -29.42 15.14 10.69
CA ILE F 36 -28.57 16.30 10.97
C ILE F 36 -27.44 15.79 11.85
N TRP F 37 -26.21 15.78 11.33
CA TRP F 37 -25.12 15.11 12.01
C TRP F 37 -24.35 16.04 12.95
N PHE F 38 -23.34 15.49 13.61
CA PHE F 38 -22.76 16.09 14.81
C PHE F 38 -22.23 17.49 14.54
N ASN F 39 -22.55 18.42 15.45
CA ASN F 39 -22.00 19.76 15.44
C ASN F 39 -22.43 20.60 14.23
N ALA F 40 -23.45 20.20 13.49
CA ALA F 40 -23.97 21.06 12.43
C ALA F 40 -24.78 22.21 13.02
N VAL F 41 -24.75 23.34 12.34
CA VAL F 41 -25.49 24.53 12.78
C VAL F 41 -26.45 24.92 11.67
N LEU F 42 -27.74 24.96 11.98
CA LEU F 42 -28.77 25.40 11.03
C LEU F 42 -29.40 26.64 11.64
N ARG F 43 -28.99 27.82 11.19
CA ARG F 43 -29.38 29.07 11.82
C ARG F 43 -30.38 29.79 10.93
N GLY F 44 -31.66 29.68 11.26
CA GLY F 44 -32.66 30.37 10.46
C GLY F 44 -33.12 31.67 11.09
N ASP F 45 -32.19 32.61 11.30
CA ASP F 45 -32.58 33.90 11.88
C ASP F 45 -32.69 35.01 10.84
N GLU F 46 -31.80 35.06 9.86
CA GLU F 46 -31.90 36.08 8.81
C GLU F 46 -32.98 35.77 7.79
N ASN F 47 -33.27 34.49 7.58
CA ASN F 47 -34.19 34.03 6.54
C ASN F 47 -34.47 32.58 6.86
N SER F 48 -35.43 32.00 6.14
CA SER F 48 -35.86 30.64 6.45
C SER F 48 -34.88 29.60 5.89
N ILE F 49 -34.91 28.43 6.52
CA ILE F 49 -34.24 27.23 6.03
C ILE F 49 -35.31 26.16 5.89
N LYS F 50 -35.38 25.54 4.73
CA LYS F 50 -36.34 24.47 4.53
C LYS F 50 -35.59 23.26 3.96
N ILE F 51 -35.70 22.14 4.66
CA ILE F 51 -35.05 20.91 4.26
C ILE F 51 -36.12 19.85 4.03
N GLY F 52 -36.04 19.15 2.90
CA GLY F 52 -37.02 18.13 2.52
C GLY F 52 -36.91 16.83 3.30
N ARG F 53 -37.29 15.74 2.64
CA ARG F 53 -37.38 14.42 3.26
C ARG F 53 -36.13 13.59 2.95
N GLY F 54 -35.66 12.83 3.92
CA GLY F 54 -34.52 11.95 3.73
C GLY F 54 -33.24 12.66 3.36
N THR F 55 -33.10 13.92 3.75
CA THR F 55 -31.91 14.69 3.45
C THR F 55 -30.91 14.64 4.60
N ASN F 56 -29.63 14.62 4.25
CA ASN F 56 -28.55 14.48 5.22
C ASN F 56 -27.72 15.76 5.22
N ILE F 57 -27.62 16.39 6.40
CA ILE F 57 -26.71 17.51 6.63
C ILE F 57 -25.56 17.00 7.49
N GLN F 58 -24.36 16.89 6.93
CA GLN F 58 -23.30 16.18 7.62
C GLN F 58 -22.55 17.05 8.64
N ASP F 59 -21.60 16.44 9.34
CA ASP F 59 -21.05 17.00 10.57
C ASP F 59 -20.33 18.31 10.31
N ASN F 60 -20.37 19.21 11.30
CA ASN F 60 -19.59 20.46 11.29
C ASN F 60 -19.99 21.38 10.13
N ALA F 61 -21.13 21.13 9.50
CA ALA F 61 -21.64 22.00 8.44
C ALA F 61 -22.36 23.21 9.03
N THR F 62 -22.52 24.26 8.21
CA THR F 62 -23.30 25.43 8.60
C THR F 62 -24.29 25.79 7.49
N LEU F 63 -25.56 25.97 7.88
CA LEU F 63 -26.60 26.52 7.00
C LEU F 63 -27.02 27.87 7.55
N HIS F 64 -26.94 28.89 6.70
CA HIS F 64 -27.37 30.23 7.07
C HIS F 64 -27.88 30.92 5.81
N ALA F 65 -28.21 32.21 5.93
CA ALA F 65 -28.62 33.02 4.78
C ALA F 65 -28.31 34.47 5.07
N SER F 66 -28.26 35.28 4.01
CA SER F 66 -27.90 36.68 4.15
C SER F 66 -29.06 37.52 4.64
N GLU F 67 -28.72 38.67 5.23
CA GLU F 67 -29.71 39.66 5.62
C GLU F 67 -30.64 39.99 4.46
N VAL F 68 -31.92 39.70 4.64
CA VAL F 68 -32.90 39.91 3.58
C VAL F 68 -33.10 41.40 3.36
N TYR F 69 -33.30 41.78 2.10
CA TYR F 69 -33.55 43.17 1.70
C TYR F 69 -34.95 43.24 1.10
N HIS F 70 -35.87 43.88 1.81
CA HIS F 70 -37.28 43.83 1.42
C HIS F 70 -37.57 44.56 0.11
N GLU F 71 -36.61 45.33 -0.41
CA GLU F 71 -36.79 45.99 -1.71
C GLU F 71 -36.81 44.98 -2.85
N GLN F 76 -33.70 37.91 -3.26
CA GLN F 76 -33.30 37.43 -1.93
C GLN F 76 -33.77 35.99 -1.69
N SER F 77 -32.83 35.06 -1.68
CA SER F 77 -33.18 33.66 -1.61
C SER F 77 -33.07 33.15 -0.17
N PRO F 78 -34.07 32.43 0.33
CA PRO F 78 -33.87 31.65 1.55
C PRO F 78 -33.08 30.40 1.19
N THR F 79 -32.82 29.57 2.19
CA THR F 79 -32.14 28.30 1.95
C THR F 79 -33.18 27.22 1.75
N ILE F 80 -33.19 26.58 0.58
CA ILE F 80 -34.19 25.56 0.27
C ILE F 80 -33.49 24.31 -0.22
N ILE F 81 -33.62 23.23 0.53
CA ILE F 81 -32.97 21.97 0.19
C ILE F 81 -34.07 20.93 -0.01
N GLY F 82 -34.01 20.23 -1.14
CA GLY F 82 -35.04 19.29 -1.52
C GLY F 82 -34.95 17.98 -0.77
N ASP F 83 -35.43 16.92 -1.42
CA ASP F 83 -35.50 15.59 -0.84
C ASP F 83 -34.26 14.80 -1.19
N TYR F 84 -33.79 13.98 -0.24
CA TYR F 84 -32.73 13.01 -0.51
C TYR F 84 -31.41 13.68 -0.88
N VAL F 85 -31.21 14.88 -0.40
CA VAL F 85 -29.98 15.62 -0.67
C VAL F 85 -28.92 15.21 0.36
N THR F 86 -27.67 15.20 -0.08
CA THR F 86 -26.55 15.00 0.81
C THR F 86 -25.72 16.27 0.83
N VAL F 87 -25.59 16.87 2.01
CA VAL F 87 -24.74 18.03 2.22
C VAL F 87 -23.52 17.53 2.99
N GLY F 88 -22.34 17.57 2.36
CA GLY F 88 -21.16 16.93 2.90
C GLY F 88 -20.61 17.61 4.15
N HIS F 89 -19.66 16.93 4.79
CA HIS F 89 -19.04 17.43 6.02
C HIS F 89 -18.46 18.81 5.83
N ASN F 90 -18.69 19.66 6.85
CA ASN F 90 -18.06 20.99 6.93
C ASN F 90 -18.44 21.90 5.76
N CYS F 91 -19.54 21.60 5.07
CA CYS F 91 -20.02 22.49 4.00
C CYS F 91 -20.59 23.78 4.58
N ILE F 92 -20.54 24.83 3.77
CA ILE F 92 -21.22 26.09 4.09
C ILE F 92 -22.32 26.27 3.04
N ILE F 93 -23.57 26.22 3.47
CA ILE F 93 -24.76 26.31 2.61
C ILE F 93 -25.43 27.63 2.95
N HIS F 94 -25.40 28.57 2.01
CA HIS F 94 -25.73 29.94 2.35
C HIS F 94 -26.76 30.56 1.39
N GLY F 95 -28.02 30.54 1.78
CA GLY F 95 -29.04 31.24 1.02
C GLY F 95 -29.20 30.75 -0.40
N CYS F 96 -29.09 29.44 -0.61
CA CYS F 96 -29.12 28.85 -1.93
C CYS F 96 -30.26 27.84 -2.02
N LYS F 97 -30.46 27.28 -3.22
CA LYS F 97 -31.50 26.29 -3.46
C LYS F 97 -30.85 25.04 -4.03
N ILE F 98 -31.17 23.88 -3.46
CA ILE F 98 -30.54 22.62 -3.86
C ILE F 98 -31.63 21.61 -4.20
N GLY F 99 -31.62 21.11 -5.44
CA GLY F 99 -32.66 20.21 -5.87
C GLY F 99 -32.47 18.77 -5.39
N ASP F 100 -33.56 18.00 -5.57
CA ASP F 100 -33.64 16.64 -5.04
C ASP F 100 -32.45 15.80 -5.48
N TYR F 101 -32.07 14.86 -4.61
CA TYR F 101 -31.01 13.87 -4.85
C TYR F 101 -29.61 14.44 -5.09
N SER F 102 -29.41 15.76 -5.02
CA SER F 102 -28.08 16.23 -5.34
C SER F 102 -27.11 15.97 -4.19
N LEU F 103 -25.82 16.04 -4.49
CA LEU F 103 -24.78 15.73 -3.52
C LEU F 103 -23.79 16.90 -3.49
N ILE F 104 -23.64 17.54 -2.33
CA ILE F 104 -22.73 18.67 -2.15
C ILE F 104 -21.46 18.11 -1.51
N GLY F 105 -20.40 17.99 -2.31
CA GLY F 105 -19.12 17.49 -1.84
C GLY F 105 -18.62 18.16 -0.56
N MET F 106 -18.06 17.35 0.33
CA MET F 106 -17.62 17.85 1.63
C MET F 106 -16.71 19.06 1.47
N GLY F 107 -16.90 20.04 2.35
CA GLY F 107 -16.03 21.19 2.36
C GLY F 107 -16.35 22.21 1.30
N SER F 108 -17.51 22.11 0.65
CA SER F 108 -17.89 23.04 -0.38
C SER F 108 -18.58 24.26 0.22
N ILE F 109 -18.63 25.33 -0.58
CA ILE F 109 -19.26 26.59 -0.20
C ILE F 109 -20.23 26.97 -1.32
N ILE F 110 -21.51 27.08 -0.99
CA ILE F 110 -22.56 27.51 -1.91
C ILE F 110 -23.15 28.82 -1.39
N LEU F 111 -23.02 29.89 -2.18
CA LEU F 111 -23.36 31.25 -1.76
C LEU F 111 -24.76 31.65 -2.21
N ASP F 112 -25.15 32.87 -1.82
CA ASP F 112 -26.54 33.30 -1.91
C ASP F 112 -27.04 33.33 -3.34
N ASN F 113 -28.27 32.88 -3.52
CA ASN F 113 -28.98 32.88 -4.79
C ASN F 113 -28.37 31.93 -5.82
N ALA F 114 -27.40 31.12 -5.43
CA ALA F 114 -27.04 30.02 -6.31
C ALA F 114 -28.15 28.99 -6.33
N GLU F 115 -28.23 28.24 -7.42
CA GLU F 115 -29.17 27.14 -7.50
C GLU F 115 -28.46 25.91 -8.03
N ILE F 116 -28.62 24.80 -7.33
CA ILE F 116 -28.05 23.53 -7.75
C ILE F 116 -29.21 22.69 -8.26
N GLY F 117 -29.18 22.32 -9.54
CA GLY F 117 -30.22 21.50 -10.09
C GLY F 117 -30.28 20.12 -9.46
N GLU F 118 -31.39 19.44 -9.70
CA GLU F 118 -31.54 18.11 -9.12
C GLU F 118 -30.59 17.13 -9.80
N TYR F 119 -30.30 16.04 -9.10
CA TYR F 119 -29.43 14.96 -9.60
C TYR F 119 -28.07 15.50 -10.05
N THR F 120 -27.49 16.43 -9.29
CA THR F 120 -26.19 17.01 -9.59
C THR F 120 -25.18 16.75 -8.48
N ILE F 121 -23.91 16.63 -8.86
CA ILE F 121 -22.81 16.42 -7.91
C ILE F 121 -21.93 17.65 -7.91
N ILE F 122 -21.72 18.23 -6.74
CA ILE F 122 -20.72 19.28 -6.53
C ILE F 122 -19.49 18.61 -5.91
N GLY F 123 -18.34 18.75 -6.56
CA GLY F 123 -17.13 18.12 -6.05
C GLY F 123 -16.69 18.71 -4.72
N ALA F 124 -16.02 17.89 -3.92
CA ALA F 124 -15.47 18.35 -2.65
C ALA F 124 -14.66 19.63 -2.84
N GLY F 125 -14.70 20.49 -1.82
CA GLY F 125 -13.89 21.70 -1.84
C GLY F 125 -14.28 22.75 -2.84
N SER F 126 -15.48 22.68 -3.41
CA SER F 126 -15.88 23.64 -4.43
C SER F 126 -16.40 24.93 -3.81
N LEU F 127 -16.36 25.99 -4.62
CA LEU F 127 -16.98 27.25 -4.28
C LEU F 127 -17.94 27.64 -5.41
N VAL F 128 -19.24 27.63 -5.12
CA VAL F 128 -20.28 28.03 -6.07
C VAL F 128 -20.69 29.45 -5.73
N THR F 129 -20.39 30.39 -6.62
CA THR F 129 -20.49 31.80 -6.29
C THR F 129 -21.94 32.28 -6.33
N GLN F 130 -22.17 33.47 -5.76
CA GLN F 130 -23.49 34.09 -5.71
C GLN F 130 -24.18 34.06 -7.08
N ASN F 131 -25.48 33.75 -7.08
CA ASN F 131 -26.34 33.75 -8.26
C ASN F 131 -25.92 32.72 -9.31
N LYS F 132 -24.97 31.84 -9.02
CA LYS F 132 -24.59 30.81 -9.98
C LYS F 132 -25.72 29.79 -10.14
N LYS F 133 -26.06 29.45 -11.38
CA LYS F 133 -27.11 28.50 -11.70
C LYS F 133 -26.46 27.26 -12.29
N ILE F 134 -26.47 26.17 -11.55
CA ILE F 134 -25.92 24.89 -12.00
C ILE F 134 -27.07 24.04 -12.52
N PRO F 135 -27.01 23.55 -13.75
CA PRO F 135 -28.13 22.75 -14.28
C PRO F 135 -28.26 21.42 -13.56
N PRO F 136 -29.39 20.74 -13.75
CA PRO F 136 -29.51 19.36 -13.24
C PRO F 136 -28.55 18.42 -13.96
N ARG F 137 -28.27 17.31 -13.29
CA ARG F 137 -27.64 16.13 -13.92
C ARG F 137 -26.23 16.41 -14.44
N VAL F 138 -25.45 17.19 -13.68
CA VAL F 138 -24.07 17.50 -14.07
C VAL F 138 -23.11 17.26 -12.91
N LEU F 139 -21.84 17.13 -13.28
CA LEU F 139 -20.72 17.20 -12.36
C LEU F 139 -20.14 18.61 -12.43
N CYS F 140 -20.06 19.28 -11.30
CA CYS F 140 -19.59 20.64 -11.19
C CYS F 140 -18.59 20.70 -10.04
N MET F 141 -17.43 21.32 -10.26
CA MET F 141 -16.42 21.39 -9.20
C MET F 141 -15.42 22.52 -9.48
N GLY F 142 -14.65 22.85 -8.45
CA GLY F 142 -13.61 23.84 -8.55
C GLY F 142 -13.93 25.07 -7.72
N SER F 143 -12.99 26.00 -7.72
CA SER F 143 -13.11 27.24 -6.96
C SER F 143 -12.55 28.36 -7.81
N PRO F 144 -13.39 29.14 -8.49
CA PRO F 144 -14.86 29.02 -8.61
C PRO F 144 -15.28 27.77 -9.38
N ALA F 145 -16.41 27.17 -8.96
CA ALA F 145 -16.86 25.92 -9.54
C ALA F 145 -17.31 26.13 -10.98
N LYS F 146 -17.08 25.11 -11.81
CA LYS F 146 -17.51 25.12 -13.20
C LYS F 146 -18.13 23.77 -13.54
N VAL F 147 -19.14 23.79 -14.41
CA VAL F 147 -19.72 22.56 -14.91
C VAL F 147 -18.66 21.80 -15.70
N ILE F 148 -18.35 20.59 -15.27
CA ILE F 148 -17.37 19.73 -15.95
C ILE F 148 -18.02 18.92 -17.06
N ARG F 149 -19.10 18.21 -16.76
CA ARG F 149 -19.68 17.26 -17.69
C ARG F 149 -21.05 16.85 -17.16
N GLU F 150 -21.84 16.22 -18.03
CA GLU F 150 -23.04 15.55 -17.56
C GLU F 150 -22.66 14.31 -16.77
N LEU F 151 -23.55 13.91 -15.87
CA LEU F 151 -23.48 12.62 -15.21
C LEU F 151 -24.05 11.54 -16.12
N THR F 152 -23.56 10.32 -15.96
CA THR F 152 -24.18 9.19 -16.64
C THR F 152 -25.46 8.76 -15.93
N GLU F 153 -26.32 8.05 -16.66
CA GLU F 153 -27.51 7.49 -16.02
C GLU F 153 -27.14 6.62 -14.83
N GLU F 154 -26.06 5.84 -14.96
CA GLU F 154 -25.62 5.02 -13.83
C GLU F 154 -25.18 5.89 -12.65
N GLU F 155 -24.47 6.98 -12.91
CA GLU F 155 -24.09 7.85 -11.79
C GLU F 155 -25.32 8.46 -11.13
N ILE F 156 -26.34 8.78 -11.94
CA ILE F 156 -27.60 9.26 -11.38
C ILE F 156 -28.26 8.18 -10.55
N GLU F 157 -28.24 6.93 -11.06
CA GLU F 157 -28.75 5.79 -10.31
C GLU F 157 -28.08 5.68 -8.95
N TYR F 158 -26.77 5.95 -8.89
CA TYR F 158 -26.06 5.94 -7.63
C TYR F 158 -26.60 7.00 -6.67
N LEU F 159 -26.84 8.21 -7.18
CA LEU F 159 -27.43 9.26 -6.35
C LEU F 159 -28.77 8.81 -5.78
N LYS F 160 -29.62 8.19 -6.61
CA LYS F 160 -30.93 7.74 -6.14
C LYS F 160 -30.79 6.66 -5.07
N ASN F 161 -29.85 5.73 -5.25
CA ASN F 161 -29.68 4.65 -4.29
C ASN F 161 -28.83 5.05 -3.09
N SER F 162 -28.24 6.25 -3.12
CA SER F 162 -27.33 6.67 -2.06
C SER F 162 -28.08 7.05 -0.79
N ALA F 163 -28.52 8.32 -0.72
CA ALA F 163 -29.03 8.89 0.53
C ALA F 163 -30.06 8.01 1.21
N LYS F 164 -30.64 7.02 0.50
CA LYS F 164 -31.44 5.99 1.15
C LYS F 164 -30.62 5.26 2.22
N HIS F 165 -29.48 4.69 1.82
CA HIS F 165 -28.60 4.07 2.81
C HIS F 165 -28.12 5.09 3.83
N ASN F 166 -28.08 6.37 3.48
CA ASN F 166 -27.63 7.34 4.47
C ASN F 166 -28.71 7.56 5.52
N ILE F 167 -29.99 7.50 5.14
CA ILE F 167 -31.05 7.50 6.13
C ILE F 167 -30.93 6.27 7.04
N GLU F 168 -30.83 5.09 6.43
CA GLU F 168 -30.69 3.86 7.19
C GLU F 168 -29.47 3.90 8.11
N LEU F 169 -28.40 4.58 7.70
CA LEU F 169 -27.24 4.68 8.56
C LEU F 169 -27.58 5.29 9.91
N SER F 170 -28.53 6.23 9.94
CA SER F 170 -28.90 6.88 11.20
C SER F 170 -29.88 6.06 12.03
N LYS F 171 -30.59 5.10 11.42
CA LYS F 171 -31.53 4.30 12.20
C LYS F 171 -30.82 3.51 13.30
N ASN F 172 -29.57 3.13 13.08
CA ASN F 172 -28.75 2.41 14.06
C ASN F 172 -28.27 3.29 15.19
N TYR F 173 -28.69 4.56 15.26
CA TYR F 173 -28.34 5.42 16.39
C TYR F 173 -29.53 5.43 17.36
N MET G 1 5.77 -17.84 -31.25
CA MET G 1 4.60 -17.08 -30.81
C MET G 1 4.20 -17.33 -29.34
N GLU G 2 4.26 -18.57 -28.87
CA GLU G 2 4.03 -18.87 -27.47
C GLU G 2 5.37 -19.08 -26.77
N HIS G 3 5.50 -18.54 -25.56
CA HIS G 3 6.75 -18.63 -24.83
C HIS G 3 6.47 -19.00 -23.38
N LYS G 4 7.36 -19.82 -22.81
CA LYS G 4 7.30 -20.17 -21.41
C LYS G 4 7.99 -19.11 -20.57
N TYR G 5 7.48 -18.89 -19.36
CA TYR G 5 8.19 -18.09 -18.36
C TYR G 5 8.03 -18.78 -17.02
N LYS G 6 9.13 -19.33 -16.51
CA LYS G 6 9.15 -20.06 -15.23
C LYS G 6 8.12 -21.18 -15.30
N ASN G 7 7.17 -21.25 -14.38
CA ASN G 7 6.20 -22.34 -14.35
C ASN G 7 5.03 -22.13 -15.31
N HIS G 8 4.99 -21.01 -16.03
CA HIS G 8 3.77 -20.54 -16.68
C HIS G 8 3.83 -20.71 -18.19
N LEU G 9 2.83 -21.36 -18.73
CA LEU G 9 2.57 -21.48 -20.15
C LEU G 9 1.28 -20.75 -20.49
N PRO G 10 1.20 -20.12 -21.66
CA PRO G 10 -0.06 -19.45 -22.03
C PRO G 10 -1.18 -20.46 -22.25
N LYS G 11 -2.33 -20.21 -21.61
CA LYS G 11 -3.54 -21.00 -21.79
C LYS G 11 -4.43 -20.26 -22.79
N ILE G 12 -4.42 -20.72 -24.03
CA ILE G 12 -5.08 -20.05 -25.14
C ILE G 12 -6.17 -20.96 -25.68
N HIS G 13 -7.40 -20.48 -25.65
CA HIS G 13 -8.52 -21.25 -26.21
C HIS G 13 -8.22 -21.63 -27.66
N GLU G 14 -8.80 -22.75 -28.10
CA GLU G 14 -8.49 -23.31 -29.41
C GLU G 14 -8.97 -22.42 -30.54
N THR G 15 -10.11 -21.75 -30.37
CA THR G 15 -10.68 -20.88 -31.40
C THR G 15 -10.03 -19.50 -31.45
N THR G 16 -9.13 -19.19 -30.53
CA THR G 16 -8.44 -17.91 -30.54
C THR G 16 -7.57 -17.80 -31.79
N PHE G 17 -7.70 -16.69 -32.52
CA PHE G 17 -6.85 -16.44 -33.69
C PHE G 17 -5.60 -15.67 -33.29
N VAL G 18 -4.44 -16.17 -33.67
CA VAL G 18 -3.16 -15.53 -33.37
C VAL G 18 -2.43 -15.29 -34.68
N ALA G 19 -2.20 -14.01 -35.00
CA ALA G 19 -1.52 -13.66 -36.24
C ALA G 19 -0.02 -13.92 -36.11
N GLU G 20 0.65 -13.86 -37.26
CA GLU G 20 2.11 -13.94 -37.30
C GLU G 20 2.75 -12.74 -36.61
N GLY G 21 3.94 -12.96 -36.07
CA GLY G 21 4.69 -11.92 -35.39
C GLY G 21 4.28 -11.69 -33.97
N VAL G 22 3.19 -12.32 -33.52
CA VAL G 22 2.76 -12.23 -32.12
C VAL G 22 3.71 -13.00 -31.22
N HIS G 23 3.87 -12.52 -29.99
CA HIS G 23 4.59 -13.25 -28.95
C HIS G 23 3.77 -13.19 -27.68
N ILE G 24 3.39 -14.36 -27.18
CA ILE G 24 2.62 -14.51 -25.95
C ILE G 24 3.50 -15.25 -24.96
N ILE G 25 3.73 -14.65 -23.80
CA ILE G 25 4.74 -15.13 -22.87
C ILE G 25 4.09 -15.38 -21.52
N GLY G 26 4.19 -16.60 -21.03
CA GLY G 26 4.01 -16.85 -19.60
C GLY G 26 2.56 -16.93 -19.19
N ASP G 27 2.21 -16.20 -18.14
CA ASP G 27 0.91 -16.33 -17.50
C ASP G 27 -0.12 -15.50 -18.26
N VAL G 28 -0.55 -16.03 -19.40
CA VAL G 28 -1.50 -15.36 -20.27
C VAL G 28 -2.66 -16.31 -20.51
N GLU G 29 -3.88 -15.84 -20.24
CA GLU G 29 -5.07 -16.63 -20.49
C GLU G 29 -5.95 -15.89 -21.48
N ILE G 30 -6.26 -16.53 -22.60
CA ILE G 30 -7.04 -15.92 -23.66
C ILE G 30 -8.25 -16.79 -23.97
N GLY G 31 -9.43 -16.17 -23.96
CA GLY G 31 -10.67 -16.90 -24.12
C GLY G 31 -11.09 -17.09 -25.58
N GLU G 32 -12.25 -17.73 -25.72
CA GLU G 32 -12.73 -18.17 -27.03
C GLU G 32 -13.02 -16.99 -27.96
N ASP G 33 -12.71 -17.18 -29.24
CA ASP G 33 -12.98 -16.25 -30.34
C ASP G 33 -12.20 -14.95 -30.25
N SER G 34 -11.30 -14.80 -29.29
CA SER G 34 -10.46 -13.61 -29.27
C SER G 34 -9.48 -13.65 -30.44
N ASN G 35 -9.04 -12.47 -30.88
CA ASN G 35 -8.07 -12.42 -31.96
C ASN G 35 -6.94 -11.44 -31.62
N ILE G 36 -5.70 -11.92 -31.83
CA ILE G 36 -4.48 -11.21 -31.51
C ILE G 36 -3.76 -10.93 -32.82
N TRP G 37 -3.60 -9.67 -33.16
CA TRP G 37 -3.20 -9.29 -34.51
C TRP G 37 -1.69 -9.08 -34.59
N PHE G 38 -1.22 -8.81 -35.80
CA PHE G 38 0.19 -8.92 -36.14
C PHE G 38 1.09 -8.10 -35.24
N ASN G 39 2.16 -8.74 -34.75
CA ASN G 39 3.25 -8.13 -34.02
C ASN G 39 2.85 -7.62 -32.64
N ALA G 40 1.68 -8.02 -32.13
CA ALA G 40 1.32 -7.71 -30.76
C ALA G 40 2.17 -8.53 -29.77
N VAL G 41 2.42 -7.96 -28.60
CA VAL G 41 3.23 -8.61 -27.58
C VAL G 41 2.42 -8.65 -26.29
N LEU G 42 2.21 -9.85 -25.76
CA LEU G 42 1.49 -10.08 -24.52
C LEU G 42 2.47 -10.76 -23.58
N ARG G 43 3.08 -9.99 -22.67
CA ARG G 43 4.16 -10.48 -21.83
C ARG G 43 3.64 -10.63 -20.40
N GLY G 44 3.25 -11.86 -20.05
CA GLY G 44 2.81 -12.11 -18.70
C GLY G 44 3.90 -12.66 -17.80
N ASP G 45 4.94 -11.88 -17.52
CA ASP G 45 6.03 -12.37 -16.70
C ASP G 45 6.12 -11.67 -15.34
N GLU G 46 5.99 -10.35 -15.28
CA GLU G 46 5.90 -9.70 -13.97
C GLU G 46 4.59 -10.03 -13.27
N ASN G 47 3.55 -10.37 -14.03
CA ASN G 47 2.20 -10.57 -13.49
C ASN G 47 1.35 -11.20 -14.58
N SER G 48 0.11 -11.55 -14.23
CA SER G 48 -0.73 -12.28 -15.17
C SER G 48 -1.43 -11.34 -16.14
N ILE G 49 -1.83 -11.92 -17.28
CA ILE G 49 -2.68 -11.28 -18.27
C ILE G 49 -3.88 -12.19 -18.49
N LYS G 50 -5.08 -11.65 -18.31
CA LYS G 50 -6.30 -12.40 -18.58
C LYS G 50 -7.17 -11.65 -19.57
N ILE G 51 -7.54 -12.34 -20.64
CA ILE G 51 -8.31 -11.78 -21.75
C ILE G 51 -9.53 -12.64 -21.93
N GLY G 52 -10.71 -12.02 -21.95
CA GLY G 52 -11.97 -12.75 -22.06
C GLY G 52 -12.24 -13.26 -23.46
N ARG G 53 -13.51 -13.43 -23.78
CA ARG G 53 -13.89 -13.97 -25.09
C ARG G 53 -14.26 -12.84 -26.04
N GLY G 54 -14.07 -13.12 -27.33
CA GLY G 54 -14.39 -12.18 -28.39
C GLY G 54 -13.60 -10.89 -28.39
N THR G 55 -12.47 -10.84 -27.69
CA THR G 55 -11.71 -9.61 -27.56
C THR G 55 -10.61 -9.54 -28.62
N ASN G 56 -10.38 -8.37 -29.19
CA ASN G 56 -9.30 -8.24 -30.15
C ASN G 56 -8.20 -7.34 -29.59
N ILE G 57 -6.97 -7.82 -29.67
CA ILE G 57 -5.77 -7.04 -29.42
C ILE G 57 -5.15 -6.71 -30.77
N GLN G 58 -5.11 -5.44 -31.13
CA GLN G 58 -4.73 -5.08 -32.49
C GLN G 58 -3.20 -4.95 -32.65
N ASP G 59 -2.79 -4.66 -33.90
CA ASP G 59 -1.40 -4.81 -34.35
C ASP G 59 -0.43 -3.93 -33.58
N ASN G 60 0.77 -4.46 -33.32
CA ASN G 60 1.88 -3.71 -32.74
C ASN G 60 1.57 -3.16 -31.34
N ALA G 61 0.53 -3.66 -30.68
CA ALA G 61 0.23 -3.34 -29.29
C ALA G 61 1.11 -4.15 -28.32
N THR G 62 1.11 -3.71 -27.07
CA THR G 62 1.89 -4.37 -26.03
C THR G 62 1.05 -4.44 -24.77
N LEU G 63 0.95 -5.64 -24.19
CA LEU G 63 0.37 -5.82 -22.86
C LEU G 63 1.46 -6.27 -21.90
N HIS G 64 1.55 -5.63 -20.75
CA HIS G 64 2.52 -5.97 -19.71
C HIS G 64 1.94 -5.53 -18.36
N ALA G 65 2.78 -5.53 -17.33
CA ALA G 65 2.41 -5.18 -15.96
C ALA G 65 3.67 -4.75 -15.21
N SER G 66 3.48 -3.88 -14.21
CA SER G 66 4.62 -3.44 -13.42
C SER G 66 5.08 -4.54 -12.47
N GLU G 67 6.33 -4.40 -11.99
CA GLU G 67 6.90 -5.36 -11.05
C GLU G 67 6.07 -5.41 -9.77
N VAL G 68 5.72 -6.63 -9.35
CA VAL G 68 5.01 -6.80 -8.08
C VAL G 68 6.02 -6.85 -6.91
N GLN G 76 -1.07 -3.81 -6.75
CA GLN G 76 -0.30 -4.66 -7.64
C GLN G 76 -1.22 -5.38 -8.61
N SER G 77 -1.99 -4.61 -9.40
CA SER G 77 -3.01 -5.20 -10.25
C SER G 77 -2.38 -5.90 -11.46
N PRO G 78 -2.90 -7.07 -11.82
CA PRO G 78 -2.54 -7.68 -13.10
C PRO G 78 -3.28 -7.00 -14.26
N THR G 79 -3.18 -7.55 -15.46
CA THR G 79 -3.91 -7.01 -16.61
C THR G 79 -5.13 -7.89 -16.85
N ILE G 80 -6.33 -7.33 -16.67
CA ILE G 80 -7.57 -8.07 -16.82
C ILE G 80 -8.42 -7.38 -17.86
N ILE G 81 -8.64 -8.04 -18.99
CA ILE G 81 -9.44 -7.50 -20.07
C ILE G 81 -10.68 -8.36 -20.22
N GLY G 82 -11.85 -7.71 -20.21
CA GLY G 82 -13.12 -8.40 -20.32
C GLY G 82 -13.43 -8.98 -21.68
N ASP G 83 -14.73 -9.17 -21.96
CA ASP G 83 -15.21 -9.77 -23.20
C ASP G 83 -15.57 -8.69 -24.23
N TYR G 84 -15.41 -9.04 -25.50
CA TYR G 84 -15.78 -8.18 -26.62
C TYR G 84 -15.13 -6.79 -26.51
N VAL G 85 -13.92 -6.74 -25.97
CA VAL G 85 -13.13 -5.52 -25.87
C VAL G 85 -12.33 -5.34 -27.15
N THR G 86 -12.14 -4.09 -27.57
CA THR G 86 -11.24 -3.74 -28.66
C THR G 86 -10.07 -2.91 -28.13
N VAL G 87 -8.86 -3.43 -28.28
CA VAL G 87 -7.64 -2.70 -27.96
C VAL G 87 -7.02 -2.30 -29.29
N GLY G 88 -6.94 -0.99 -29.56
CA GLY G 88 -6.54 -0.52 -30.87
C GLY G 88 -5.05 -0.69 -31.14
N HIS G 89 -4.69 -0.48 -32.42
CA HIS G 89 -3.32 -0.62 -32.89
C HIS G 89 -2.34 0.16 -32.02
N ASN G 90 -1.19 -0.47 -31.73
CA ASN G 90 -0.06 0.20 -31.10
C ASN G 90 -0.39 0.72 -29.70
N CYS G 91 -1.41 0.16 -29.02
CA CYS G 91 -1.71 0.57 -27.66
C CYS G 91 -0.70 -0.02 -26.67
N ILE G 92 -0.60 0.61 -25.51
CA ILE G 92 0.17 0.08 -24.39
C ILE G 92 -0.80 -0.11 -23.23
N ILE G 93 -1.03 -1.36 -22.88
CA ILE G 93 -2.01 -1.73 -21.86
C ILE G 93 -1.21 -2.27 -20.70
N HIS G 94 -1.23 -1.58 -19.57
CA HIS G 94 -0.23 -1.89 -18.54
C HIS G 94 -0.85 -2.06 -17.15
N GLY G 95 -1.14 -3.31 -16.79
CA GLY G 95 -1.55 -3.63 -15.44
C GLY G 95 -2.86 -3.00 -15.06
N CYS G 96 -3.78 -2.90 -16.02
CA CYS G 96 -5.05 -2.22 -15.82
C CYS G 96 -6.20 -3.21 -15.96
N LYS G 97 -7.39 -2.74 -15.63
CA LYS G 97 -8.63 -3.50 -15.84
C LYS G 97 -9.49 -2.79 -16.88
N ILE G 98 -10.00 -3.56 -17.83
CA ILE G 98 -10.84 -3.02 -18.89
C ILE G 98 -12.10 -3.87 -18.98
N GLY G 99 -13.28 -3.22 -18.82
CA GLY G 99 -14.54 -3.94 -18.79
C GLY G 99 -15.07 -4.29 -20.18
N ASP G 100 -16.09 -5.15 -20.19
CA ASP G 100 -16.65 -5.68 -21.43
C ASP G 100 -17.06 -4.57 -22.39
N TYR G 101 -16.93 -4.87 -23.68
CA TYR G 101 -17.39 -4.09 -24.82
C TYR G 101 -16.66 -2.77 -25.00
N SER G 102 -15.67 -2.46 -24.18
CA SER G 102 -14.99 -1.17 -24.28
C SER G 102 -14.07 -1.12 -25.50
N LEU G 103 -13.69 0.09 -25.87
CA LEU G 103 -12.83 0.33 -27.04
C LEU G 103 -11.71 1.27 -26.61
N ILE G 104 -10.47 0.80 -26.72
CA ILE G 104 -9.30 1.62 -26.43
C ILE G 104 -8.77 2.11 -27.77
N GLY G 105 -8.92 3.40 -28.02
CA GLY G 105 -8.49 3.97 -29.28
C GLY G 105 -7.01 3.74 -29.53
N MET G 106 -6.67 3.54 -30.81
CA MET G 106 -5.31 3.21 -31.21
C MET G 106 -4.30 4.18 -30.62
N GLY G 107 -3.13 3.65 -30.28
CA GLY G 107 -2.08 4.52 -29.77
C GLY G 107 -2.28 5.03 -28.36
N SER G 108 -3.24 4.48 -27.61
CA SER G 108 -3.47 4.91 -26.23
C SER G 108 -2.55 4.17 -25.27
N ILE G 109 -2.38 4.76 -24.08
CA ILE G 109 -1.57 4.18 -23.01
C ILE G 109 -2.42 4.14 -21.73
N ILE G 110 -2.61 2.94 -21.18
CA ILE G 110 -3.34 2.74 -19.92
C ILE G 110 -2.38 2.17 -18.88
N LEU G 111 -2.16 2.92 -17.80
CA LEU G 111 -1.14 2.59 -16.81
C LEU G 111 -1.73 1.79 -15.64
N ASP G 112 -0.86 1.42 -14.71
CA ASP G 112 -1.18 0.40 -13.70
C ASP G 112 -2.27 0.85 -12.74
N ASN G 113 -3.14 -0.09 -12.37
CA ASN G 113 -4.27 0.07 -11.46
C ASN G 113 -5.34 0.99 -11.99
N ALA G 114 -5.21 1.46 -13.23
CA ALA G 114 -6.31 2.14 -13.84
C ALA G 114 -7.42 1.14 -14.10
N GLU G 115 -8.65 1.64 -14.16
CA GLU G 115 -9.80 0.81 -14.46
C GLU G 115 -10.68 1.51 -15.48
N ILE G 116 -10.96 0.83 -16.58
CA ILE G 116 -11.85 1.35 -17.61
C ILE G 116 -13.17 0.63 -17.47
N GLY G 117 -14.25 1.37 -17.24
CA GLY G 117 -15.58 0.75 -17.17
C GLY G 117 -15.97 0.07 -18.46
N GLU G 118 -17.01 -0.76 -18.36
CA GLU G 118 -17.57 -1.43 -19.52
C GLU G 118 -18.27 -0.43 -20.44
N TYR G 119 -18.38 -0.81 -21.72
CA TYR G 119 -19.01 0.01 -22.75
C TYR G 119 -18.47 1.44 -22.76
N THR G 120 -17.16 1.58 -22.67
CA THR G 120 -16.54 2.90 -22.65
C THR G 120 -15.60 3.06 -23.84
N ILE G 121 -15.51 4.28 -24.37
CA ILE G 121 -14.62 4.59 -25.49
C ILE G 121 -13.49 5.46 -24.98
N ILE G 122 -12.26 4.98 -25.12
CA ILE G 122 -11.06 5.77 -24.90
C ILE G 122 -10.61 6.26 -26.27
N GLY G 123 -10.54 7.58 -26.46
CA GLY G 123 -10.12 8.11 -27.74
C GLY G 123 -8.67 7.77 -28.05
N ALA G 124 -8.38 7.70 -29.37
CA ALA G 124 -7.03 7.44 -29.84
C ALA G 124 -6.03 8.40 -29.21
N GLY G 125 -4.83 7.88 -28.94
CA GLY G 125 -3.76 8.71 -28.43
C GLY G 125 -3.96 9.22 -27.03
N SER G 126 -4.81 8.57 -26.25
CA SER G 126 -5.06 9.03 -24.89
C SER G 126 -4.06 8.42 -23.92
N LEU G 127 -3.95 9.06 -22.75
CA LEU G 127 -3.12 8.54 -21.66
C LEU G 127 -3.96 8.48 -20.38
N VAL G 128 -4.20 7.27 -19.88
CA VAL G 128 -4.92 7.07 -18.62
C VAL G 128 -3.88 6.71 -17.56
N THR G 129 -3.66 7.62 -16.62
CA THR G 129 -2.60 7.52 -15.62
C THR G 129 -2.93 6.48 -14.55
N GLN G 130 -1.92 6.09 -13.78
CA GLN G 130 -2.08 5.14 -12.68
C GLN G 130 -3.24 5.51 -11.76
N ASN G 131 -3.97 4.48 -11.34
CA ASN G 131 -5.06 4.57 -10.37
C ASN G 131 -6.25 5.37 -10.87
N LYS G 132 -6.34 5.65 -12.16
CA LYS G 132 -7.50 6.36 -12.67
C LYS G 132 -8.66 5.39 -12.84
N LYS G 133 -9.84 5.79 -12.38
CA LYS G 133 -11.06 5.00 -12.54
C LYS G 133 -11.95 5.72 -13.54
N ILE G 134 -12.12 5.13 -14.71
CA ILE G 134 -12.95 5.70 -15.77
C ILE G 134 -14.30 5.00 -15.73
N PRO G 135 -15.41 5.73 -15.60
CA PRO G 135 -16.74 5.10 -15.45
C PRO G 135 -17.16 4.34 -16.69
N PRO G 136 -18.12 3.42 -16.56
CA PRO G 136 -18.72 2.79 -17.75
C PRO G 136 -19.50 3.79 -18.61
N ARG G 137 -19.62 3.45 -19.89
CA ARG G 137 -20.51 4.15 -20.83
C ARG G 137 -20.17 5.63 -21.01
N VAL G 138 -18.87 5.96 -21.04
CA VAL G 138 -18.49 7.35 -21.28
C VAL G 138 -17.54 7.43 -22.46
N LEU G 139 -17.39 8.65 -22.97
CA LEU G 139 -16.29 9.00 -23.86
C LEU G 139 -15.22 9.67 -23.02
N CYS G 140 -14.01 9.11 -23.06
CA CYS G 140 -12.88 9.64 -22.29
C CYS G 140 -11.69 9.79 -23.25
N MET G 141 -11.05 10.96 -23.24
CA MET G 141 -9.94 11.15 -24.18
C MET G 141 -9.00 12.27 -23.73
N GLY G 142 -7.82 12.28 -24.32
CA GLY G 142 -6.82 13.31 -24.06
C GLY G 142 -5.60 12.75 -23.34
N SER G 143 -4.60 13.60 -23.17
CA SER G 143 -3.36 13.21 -22.50
C SER G 143 -2.98 14.31 -21.51
N PRO G 144 -3.24 14.12 -20.22
CA PRO G 144 -3.93 12.98 -19.62
C PRO G 144 -5.43 13.04 -19.92
N ALA G 145 -6.09 11.89 -19.95
CA ALA G 145 -7.46 11.76 -20.43
C ALA G 145 -8.47 12.41 -19.48
N LYS G 146 -9.55 12.93 -20.06
CA LYS G 146 -10.67 13.50 -19.32
C LYS G 146 -11.95 12.78 -19.75
N VAL G 147 -12.86 12.57 -18.80
CA VAL G 147 -14.20 12.10 -19.15
C VAL G 147 -14.97 13.26 -19.77
N ILE G 148 -15.47 13.06 -20.99
CA ILE G 148 -16.18 14.08 -21.75
C ILE G 148 -17.68 14.03 -21.49
N ARG G 149 -18.30 12.86 -21.62
CA ARG G 149 -19.76 12.77 -21.62
C ARG G 149 -20.13 11.31 -21.64
N GLU G 150 -21.42 11.03 -21.44
CA GLU G 150 -21.92 9.69 -21.63
C GLU G 150 -22.04 9.41 -23.13
N LEU G 151 -21.82 8.16 -23.51
CA LEU G 151 -21.96 7.75 -24.91
C LEU G 151 -23.42 7.83 -25.36
N THR G 152 -23.62 8.16 -26.63
CA THR G 152 -24.95 8.12 -27.23
C THR G 152 -25.39 6.67 -27.43
N GLU G 153 -26.69 6.48 -27.66
CA GLU G 153 -27.20 5.17 -28.02
C GLU G 153 -26.53 4.64 -29.27
N GLU G 154 -26.30 5.51 -30.25
CA GLU G 154 -25.62 5.05 -31.46
C GLU G 154 -24.18 4.62 -31.17
N GLU G 155 -23.51 5.26 -30.21
CA GLU G 155 -22.17 4.79 -29.87
C GLU G 155 -22.22 3.46 -29.11
N ILE G 156 -23.22 3.28 -28.24
CA ILE G 156 -23.39 1.99 -27.57
C ILE G 156 -23.66 0.89 -28.59
N GLU G 157 -24.51 1.16 -29.58
CA GLU G 157 -24.80 0.18 -30.61
C GLU G 157 -23.55 -0.15 -31.42
N TYR G 158 -22.70 0.84 -31.66
CA TYR G 158 -21.44 0.60 -32.37
C TYR G 158 -20.54 -0.33 -31.57
N LEU G 159 -20.46 -0.12 -30.26
CA LEU G 159 -19.66 -1.02 -29.42
C LEU G 159 -20.22 -2.44 -29.43
N LYS G 160 -21.55 -2.58 -29.43
CA LYS G 160 -22.12 -3.91 -29.45
C LYS G 160 -21.69 -4.69 -30.69
N ASN G 161 -21.45 -3.99 -31.80
CA ASN G 161 -21.07 -4.62 -33.06
C ASN G 161 -19.57 -4.63 -33.31
N SER G 162 -18.80 -3.82 -32.58
CA SER G 162 -17.40 -3.59 -32.93
C SER G 162 -16.58 -4.88 -32.87
N ALA G 163 -16.53 -5.51 -31.69
CA ALA G 163 -15.69 -6.71 -31.56
C ALA G 163 -16.30 -7.91 -32.28
N LYS G 164 -17.63 -7.97 -32.43
CA LYS G 164 -18.25 -9.08 -33.16
C LYS G 164 -17.91 -9.05 -34.64
N HIS G 165 -17.75 -7.86 -35.22
CA HIS G 165 -17.28 -7.77 -36.59
C HIS G 165 -15.81 -8.14 -36.69
N ASN G 166 -15.03 -7.84 -35.65
CA ASN G 166 -13.61 -8.20 -35.66
C ASN G 166 -13.42 -9.71 -35.58
N ILE G 167 -14.29 -10.41 -34.85
CA ILE G 167 -14.26 -11.87 -34.84
C ILE G 167 -14.49 -12.41 -36.24
N GLU G 168 -15.48 -11.86 -36.95
CA GLU G 168 -15.76 -12.29 -38.31
C GLU G 168 -14.59 -11.99 -39.23
N LEU G 169 -13.96 -10.82 -39.05
CA LEU G 169 -12.76 -10.47 -39.79
C LEU G 169 -11.70 -11.57 -39.69
N SER G 170 -11.49 -12.11 -38.49
CA SER G 170 -10.41 -13.07 -38.29
C SER G 170 -10.70 -14.41 -38.96
N LYS G 171 -11.96 -14.82 -39.04
CA LYS G 171 -12.29 -16.10 -39.67
C LYS G 171 -11.88 -16.12 -41.14
N ASN G 172 -11.93 -14.97 -41.82
CA ASN G 172 -11.52 -14.86 -43.22
C ASN G 172 -10.03 -15.11 -43.44
N TYR G 173 -9.26 -15.34 -42.38
CA TYR G 173 -7.84 -15.62 -42.47
C TYR G 173 -7.58 -17.12 -42.44
N ARG G 174 -6.31 -17.49 -42.70
CA ARG G 174 -5.87 -18.88 -42.51
C ARG G 174 -5.45 -19.06 -41.06
N HIS G 175 -6.04 -20.05 -40.38
CA HIS G 175 -5.72 -20.33 -38.99
C HIS G 175 -4.56 -21.31 -38.86
N MET H 1 23.56 -14.67 33.25
CA MET H 1 23.39 -15.93 33.94
C MET H 1 22.44 -15.81 35.15
N GLU H 2 22.86 -15.10 36.20
CA GLU H 2 22.01 -14.90 37.37
C GLU H 2 21.31 -13.55 37.30
N HIS H 3 20.11 -13.50 37.86
CA HIS H 3 19.36 -12.25 37.95
C HIS H 3 18.60 -12.24 39.26
N LYS H 4 18.61 -11.12 39.93
CA LYS H 4 17.82 -11.03 41.14
C LYS H 4 16.36 -10.75 40.78
N TYR H 5 15.48 -11.11 41.68
CA TYR H 5 14.08 -10.77 41.56
C TYR H 5 13.59 -10.41 42.96
N LYS H 6 12.99 -9.23 43.10
CA LYS H 6 12.75 -8.63 44.41
C LYS H 6 14.01 -8.78 45.25
N ASN H 7 13.92 -9.39 46.41
CA ASN H 7 15.10 -9.57 47.27
C ASN H 7 15.83 -10.89 47.03
N HIS H 8 15.37 -11.72 46.10
CA HIS H 8 15.94 -13.05 45.91
C HIS H 8 17.06 -13.04 44.88
N LEU H 9 18.11 -13.80 45.15
CA LEU H 9 19.20 -14.01 44.22
C LEU H 9 19.56 -15.49 44.28
N PRO H 10 19.89 -16.11 43.14
CA PRO H 10 20.09 -17.57 43.13
C PRO H 10 21.16 -18.04 44.10
N LYS H 11 20.88 -19.16 44.78
CA LYS H 11 21.85 -19.82 45.66
C LYS H 11 22.35 -21.05 44.90
N ILE H 12 23.55 -20.97 44.36
CA ILE H 12 24.08 -21.99 43.45
C ILE H 12 25.35 -22.56 44.02
N HIS H 13 25.40 -23.88 44.16
CA HIS H 13 26.58 -24.51 44.71
C HIS H 13 27.80 -24.25 43.83
N GLU H 14 28.98 -24.24 44.47
CA GLU H 14 30.22 -23.93 43.78
C GLU H 14 30.53 -24.93 42.67
N THR H 15 30.15 -26.20 42.85
CA THR H 15 30.42 -27.21 41.83
C THR H 15 29.38 -27.26 40.72
N THR H 16 28.25 -26.57 40.88
CA THR H 16 27.25 -26.54 39.81
C THR H 16 27.85 -25.99 38.51
N PHE H 17 27.74 -26.76 37.44
CA PHE H 17 28.11 -26.32 36.10
C PHE H 17 26.93 -25.57 35.46
N VAL H 18 27.18 -24.36 34.97
CA VAL H 18 26.16 -23.57 34.30
C VAL H 18 26.68 -23.20 32.91
N ALA H 19 26.01 -23.71 31.88
CA ALA H 19 26.47 -23.50 30.51
C ALA H 19 26.12 -22.08 30.03
N GLU H 20 26.66 -21.73 28.86
CA GLU H 20 26.36 -20.44 28.26
C GLU H 20 24.89 -20.37 27.83
N GLY H 21 24.37 -19.15 27.81
CA GLY H 21 22.99 -18.89 27.44
C GLY H 21 21.99 -19.14 28.54
N VAL H 22 22.41 -19.72 29.67
CA VAL H 22 21.47 -20.02 30.76
C VAL H 22 21.06 -18.73 31.48
N HIS H 23 19.82 -18.70 31.96
CA HIS H 23 19.37 -17.61 32.82
C HIS H 23 18.67 -18.21 34.02
N ILE H 24 19.22 -17.91 35.20
CA ILE H 24 18.66 -18.31 36.48
C ILE H 24 18.22 -17.05 37.21
N ILE H 25 16.95 -16.98 37.57
CA ILE H 25 16.33 -15.76 38.07
C ILE H 25 15.74 -16.02 39.44
N GLY H 26 16.11 -15.17 40.40
CA GLY H 26 15.34 -15.09 41.64
C GLY H 26 15.58 -16.26 42.59
N ASP H 27 14.48 -16.74 43.18
CA ASP H 27 14.54 -17.71 44.27
C ASP H 27 14.77 -19.10 43.67
N VAL H 28 16.04 -19.37 43.34
CA VAL H 28 16.46 -20.64 42.78
C VAL H 28 17.60 -21.19 43.62
N GLU H 29 17.48 -22.44 44.05
CA GLU H 29 18.55 -23.10 44.78
C GLU H 29 18.96 -24.35 44.01
N ILE H 30 20.25 -24.47 43.71
CA ILE H 30 20.80 -25.60 42.95
C ILE H 30 21.95 -26.23 43.72
N GLY H 31 21.95 -27.57 43.82
CA GLY H 31 22.91 -28.27 44.65
C GLY H 31 24.16 -28.73 43.91
N GLU H 32 25.01 -29.44 44.66
CA GLU H 32 26.35 -29.82 44.22
C GLU H 32 26.31 -30.77 43.03
N ASP H 33 27.24 -30.55 42.09
CA ASP H 33 27.45 -31.33 40.87
C ASP H 33 26.29 -31.29 39.88
N SER H 34 25.24 -30.51 40.14
CA SER H 34 24.19 -30.35 39.15
C SER H 34 24.75 -29.59 37.94
N ASN H 35 24.15 -29.84 36.77
CA ASN H 35 24.63 -29.27 35.52
C ASN H 35 23.44 -28.71 34.74
N ILE H 36 23.51 -27.42 34.41
CA ILE H 36 22.45 -26.70 33.70
C ILE H 36 22.94 -26.40 32.29
N TRP H 37 22.25 -26.91 31.27
CA TRP H 37 22.81 -26.89 29.93
C TRP H 37 22.32 -25.69 29.12
N PHE H 38 22.79 -25.59 27.89
CA PHE H 38 22.72 -24.36 27.11
C PHE H 38 21.29 -23.88 26.90
N ASN H 39 21.08 -22.58 27.13
CA ASN H 39 19.82 -21.86 26.90
C ASN H 39 18.69 -22.29 27.84
N ALA H 40 18.97 -23.07 28.87
CA ALA H 40 17.93 -23.36 29.85
C ALA H 40 17.59 -22.09 30.63
N VAL H 41 16.31 -21.98 31.01
CA VAL H 41 15.83 -20.85 31.79
C VAL H 41 15.18 -21.38 33.06
N LEU H 42 15.61 -20.85 34.20
CA LEU H 42 15.09 -21.24 35.51
C LEU H 42 14.57 -19.97 36.17
N ARG H 43 13.29 -19.71 36.00
CA ARG H 43 12.73 -18.42 36.39
C ARG H 43 11.98 -18.60 37.69
N GLY H 44 12.64 -18.28 38.81
CA GLY H 44 12.01 -18.43 40.10
C GLY H 44 11.44 -17.13 40.63
N ASP H 45 10.48 -16.54 39.92
CA ASP H 45 9.89 -15.27 40.34
C ASP H 45 8.49 -15.45 40.94
N GLU H 46 7.64 -16.30 40.35
CA GLU H 46 6.32 -16.53 40.93
C GLU H 46 6.41 -17.37 42.19
N ASN H 47 7.31 -18.35 42.19
CA ASN H 47 7.45 -19.33 43.25
C ASN H 47 8.89 -19.81 43.18
N SER H 48 9.31 -20.54 44.21
CA SER H 48 10.72 -20.90 44.25
C SER H 48 10.98 -22.14 43.39
N ILE H 49 12.24 -22.31 43.02
CA ILE H 49 12.74 -23.50 42.35
C ILE H 49 13.86 -24.07 43.20
N LYS H 50 13.76 -25.34 43.56
CA LYS H 50 14.83 -26.02 44.29
C LYS H 50 15.27 -27.23 43.48
N ILE H 51 16.58 -27.34 43.23
CA ILE H 51 17.15 -28.44 42.48
C ILE H 51 18.23 -29.07 43.34
N GLY H 52 18.10 -30.38 43.58
CA GLY H 52 19.04 -31.10 44.42
C GLY H 52 20.41 -31.25 43.80
N ARG H 53 21.16 -32.26 44.25
CA ARG H 53 22.51 -32.48 43.78
C ARG H 53 22.51 -33.49 42.64
N GLY H 54 23.51 -33.38 41.76
CA GLY H 54 23.68 -34.35 40.70
C GLY H 54 22.63 -34.31 39.62
N THR H 55 21.79 -33.29 39.58
CA THR H 55 20.66 -33.22 38.67
C THR H 55 21.02 -32.41 37.42
N ASN H 56 20.57 -32.88 36.25
CA ASN H 56 20.81 -32.18 35.00
C ASN H 56 19.52 -31.58 34.43
N ILE H 57 19.57 -30.29 34.09
CA ILE H 57 18.53 -29.60 33.35
C ILE H 57 19.08 -29.36 31.96
N GLN H 58 18.51 -30.02 30.95
CA GLN H 58 19.16 -30.05 29.65
C GLN H 58 18.80 -28.83 28.81
N ASP H 59 19.33 -28.81 27.58
CA ASP H 59 19.34 -27.59 26.77
C ASP H 59 17.95 -27.10 26.46
N ASN H 60 17.79 -25.78 26.44
CA ASN H 60 16.59 -25.13 25.92
C ASN H 60 15.34 -25.41 26.76
N ALA H 61 15.50 -26.02 27.95
CA ALA H 61 14.36 -26.29 28.83
C ALA H 61 13.94 -25.04 29.59
N THR H 62 12.76 -25.11 30.21
CA THR H 62 12.22 -24.01 31.01
C THR H 62 11.59 -24.52 32.30
N LEU H 63 11.96 -23.91 33.42
CA LEU H 63 11.37 -24.18 34.73
C LEU H 63 10.67 -22.91 35.20
N HIS H 64 9.43 -23.04 35.63
CA HIS H 64 8.65 -21.89 36.11
C HIS H 64 7.54 -22.43 37.01
N ALA H 65 6.63 -21.55 37.43
CA ALA H 65 5.49 -21.95 38.24
C ALA H 65 4.38 -20.93 38.09
N SER H 66 3.15 -21.38 38.35
CA SER H 66 2.00 -20.50 38.23
C SER H 66 2.01 -19.42 39.32
N GLU H 67 1.27 -18.35 39.06
CA GLU H 67 1.13 -17.25 40.01
C GLU H 67 0.44 -17.75 41.29
N VAL H 68 1.01 -17.37 42.44
CA VAL H 68 0.50 -17.77 43.76
C VAL H 68 -0.60 -16.80 44.20
N TYR H 69 -1.70 -17.33 44.73
CA TYR H 69 -2.85 -16.53 45.15
C TYR H 69 -2.93 -16.32 46.65
N HIS H 70 -2.06 -16.95 47.43
CA HIS H 70 -2.01 -16.83 48.88
C HIS H 70 -3.33 -17.24 49.55
N GLU H 71 -4.13 -18.06 48.86
CA GLU H 71 -5.33 -18.66 49.43
C GLU H 71 -4.99 -20.00 50.07
N GLU H 72 -5.78 -20.37 51.08
CA GLU H 72 -5.54 -21.61 51.81
C GLU H 72 -6.28 -22.79 51.22
N GLU H 73 -7.42 -22.58 50.56
CA GLU H 73 -8.09 -23.68 49.86
C GLU H 73 -7.46 -23.99 48.50
N ILE H 74 -6.36 -23.34 48.14
CA ILE H 74 -5.67 -23.54 46.86
C ILE H 74 -4.24 -23.98 47.15
N GLU H 75 -4.02 -25.30 47.15
CA GLU H 75 -2.66 -25.83 47.19
C GLU H 75 -1.91 -25.40 45.93
N GLN H 76 -0.72 -24.82 46.11
CA GLN H 76 0.04 -24.28 44.97
C GLN H 76 1.52 -24.62 45.15
N SER H 77 1.93 -25.71 44.54
CA SER H 77 3.27 -26.24 44.75
C SER H 77 4.33 -25.37 44.05
N PRO H 78 5.46 -25.14 44.70
CA PRO H 78 6.64 -24.62 44.00
C PRO H 78 7.25 -25.74 43.17
N THR H 79 8.39 -25.44 42.54
CA THR H 79 9.08 -26.40 41.70
C THR H 79 10.18 -27.05 42.51
N ILE H 80 10.07 -28.36 42.74
CA ILE H 80 10.99 -29.10 43.59
C ILE H 80 11.50 -30.32 42.83
N ILE H 81 12.80 -30.31 42.51
CA ILE H 81 13.43 -31.38 41.75
C ILE H 81 14.49 -32.02 42.64
N GLY H 82 14.45 -33.35 42.74
CA GLY H 82 15.31 -34.08 43.65
C GLY H 82 16.72 -34.27 43.12
N ASP H 83 17.39 -35.29 43.65
CA ASP H 83 18.78 -35.56 43.32
C ASP H 83 18.89 -36.56 42.16
N TYR H 84 19.92 -36.37 41.35
CA TYR H 84 20.23 -37.26 40.23
C TYR H 84 19.03 -37.40 39.30
N VAL H 85 18.29 -36.31 39.14
CA VAL H 85 17.20 -36.21 38.18
C VAL H 85 17.74 -35.76 36.84
N THR H 86 17.23 -36.36 35.76
CA THR H 86 17.52 -35.95 34.39
C THR H 86 16.28 -35.26 33.81
N VAL H 87 16.39 -33.96 33.52
CA VAL H 87 15.34 -33.24 32.82
C VAL H 87 15.80 -33.02 31.38
N GLY H 88 15.12 -33.68 30.43
CA GLY H 88 15.58 -33.72 29.05
C GLY H 88 15.46 -32.39 28.30
N HIS H 89 16.04 -32.38 27.09
CA HIS H 89 16.06 -31.19 26.25
C HIS H 89 14.67 -30.64 26.03
N ASN H 90 14.56 -29.32 26.10
CA ASN H 90 13.35 -28.58 25.70
C ASN H 90 12.13 -28.97 26.53
N CYS H 91 12.32 -29.51 27.74
CA CYS H 91 11.20 -29.80 28.62
C CYS H 91 10.65 -28.51 29.22
N ILE H 92 9.42 -28.59 29.68
CA ILE H 92 8.82 -27.49 30.43
C ILE H 92 8.37 -28.06 31.75
N ILE H 93 9.02 -27.63 32.83
CA ILE H 93 8.79 -28.14 34.17
C ILE H 93 8.13 -27.02 34.96
N HIS H 94 6.88 -27.23 35.38
CA HIS H 94 6.06 -26.10 35.82
C HIS H 94 5.38 -26.37 37.16
N GLY H 95 6.00 -25.88 38.24
CA GLY H 95 5.37 -25.93 39.55
C GLY H 95 5.10 -27.33 40.06
N CYS H 96 5.94 -28.29 39.69
CA CYS H 96 5.73 -29.68 40.03
C CYS H 96 6.86 -30.18 40.93
N LYS H 97 6.72 -31.42 41.40
CA LYS H 97 7.74 -32.06 42.22
C LYS H 97 8.23 -33.32 41.53
N ILE H 98 9.55 -33.49 41.47
CA ILE H 98 10.14 -34.63 40.77
C ILE H 98 11.08 -35.35 41.72
N GLY H 99 10.82 -36.64 41.96
CA GLY H 99 11.59 -37.43 42.89
C GLY H 99 12.95 -37.83 42.35
N ASP H 100 13.80 -38.28 43.28
CA ASP H 100 15.19 -38.62 42.98
C ASP H 100 15.28 -39.64 41.88
N TYR H 101 16.32 -39.53 41.04
CA TYR H 101 16.68 -40.47 40.00
C TYR H 101 15.66 -40.58 38.87
N SER H 102 14.64 -39.73 38.84
CA SER H 102 13.67 -39.83 37.76
C SER H 102 14.18 -39.22 36.46
N LEU H 103 13.57 -39.63 35.36
CA LEU H 103 13.96 -39.19 34.02
C LEU H 103 12.75 -38.62 33.30
N ILE H 104 12.81 -37.34 32.95
CA ILE H 104 11.75 -36.67 32.19
C ILE H 104 12.20 -36.64 30.73
N GLY H 105 11.52 -37.40 29.87
CA GLY H 105 11.94 -37.49 28.48
C GLY H 105 11.85 -36.15 27.77
N MET H 106 12.78 -35.96 26.83
CA MET H 106 12.93 -34.68 26.16
C MET H 106 11.60 -34.21 25.55
N GLY H 107 11.38 -32.89 25.61
CA GLY H 107 10.17 -32.31 25.09
C GLY H 107 8.90 -32.60 25.88
N SER H 108 9.01 -33.07 27.12
CA SER H 108 7.80 -33.32 27.90
C SER H 108 7.40 -32.07 28.68
N ILE H 109 6.13 -32.05 29.10
CA ILE H 109 5.56 -30.93 29.85
C ILE H 109 4.96 -31.46 31.14
N ILE H 110 5.32 -30.85 32.28
CA ILE H 110 4.79 -31.23 33.58
C ILE H 110 4.18 -30.00 34.22
N LEU H 111 2.89 -30.06 34.54
CA LEU H 111 2.12 -28.90 34.95
C LEU H 111 2.01 -28.82 36.47
N ASP H 112 1.40 -27.74 36.95
CA ASP H 112 1.49 -27.39 38.38
C ASP H 112 0.82 -28.44 39.25
N ASN H 113 1.41 -28.68 40.42
CA ASN H 113 0.94 -29.59 41.46
C ASN H 113 1.03 -31.07 41.05
N ALA H 114 1.57 -31.39 39.88
CA ALA H 114 1.87 -32.77 39.59
C ALA H 114 3.06 -33.23 40.44
N GLU H 115 3.09 -34.53 40.75
CA GLU H 115 4.19 -35.18 41.46
C GLU H 115 4.65 -36.40 40.70
N ILE H 116 5.95 -36.46 40.41
CA ILE H 116 6.60 -37.61 39.80
C ILE H 116 7.37 -38.33 40.90
N GLY H 117 7.00 -39.57 41.18
CA GLY H 117 7.72 -40.36 42.16
C GLY H 117 9.14 -40.63 41.71
N GLU H 118 9.95 -41.10 42.67
CA GLU H 118 11.36 -41.37 42.38
C GLU H 118 11.50 -42.56 41.43
N TYR H 119 12.66 -42.61 40.74
CA TYR H 119 12.98 -43.71 39.83
C TYR H 119 11.88 -43.96 38.79
N THR H 120 11.28 -42.89 38.26
CA THR H 120 10.21 -43.01 37.26
C THR H 120 10.67 -42.42 35.93
N ILE H 121 10.26 -43.05 34.84
CA ILE H 121 10.59 -42.56 33.50
C ILE H 121 9.34 -41.94 32.91
N ILE H 122 9.45 -40.67 32.49
CA ILE H 122 8.42 -40.02 31.68
C ILE H 122 8.85 -40.10 30.22
N GLY H 123 8.05 -40.75 29.38
CA GLY H 123 8.40 -40.86 27.98
C GLY H 123 8.52 -39.50 27.31
N ALA H 124 9.36 -39.45 26.27
CA ALA H 124 9.55 -38.22 25.50
C ALA H 124 8.23 -37.72 24.93
N GLY H 125 8.09 -36.41 24.89
CA GLY H 125 6.93 -35.79 24.27
C GLY H 125 5.66 -35.95 25.06
N SER H 126 5.77 -36.24 26.34
CA SER H 126 4.59 -36.52 27.14
C SER H 126 4.08 -35.23 27.80
N LEU H 127 2.85 -35.30 28.30
CA LEU H 127 2.23 -34.17 28.98
C LEU H 127 1.61 -34.72 30.27
N VAL H 128 2.07 -34.24 31.42
CA VAL H 128 1.51 -34.62 32.72
C VAL H 128 0.72 -33.42 33.24
N THR H 129 -0.59 -33.56 33.40
CA THR H 129 -1.40 -32.38 33.66
C THR H 129 -1.45 -32.08 35.17
N GLN H 130 -2.17 -31.01 35.53
CA GLN H 130 -2.12 -30.47 36.88
C GLN H 130 -2.64 -31.49 37.88
N ASN H 131 -1.98 -31.59 39.03
CA ASN H 131 -2.38 -32.43 40.15
C ASN H 131 -2.27 -33.93 39.88
N LYS H 132 -1.67 -34.33 38.74
CA LYS H 132 -1.44 -35.75 38.52
C LYS H 132 -0.34 -36.27 39.46
N LYS H 133 -0.64 -37.36 40.19
CA LYS H 133 0.33 -38.04 41.04
C LYS H 133 0.82 -39.30 40.31
N ILE H 134 2.09 -39.31 39.93
CA ILE H 134 2.72 -40.44 39.24
C ILE H 134 3.55 -41.21 40.26
N PRO H 135 3.26 -42.50 40.49
CA PRO H 135 3.99 -43.25 41.54
C PRO H 135 5.45 -43.45 41.20
N PRO H 136 6.26 -43.91 42.15
CA PRO H 136 7.65 -44.21 41.82
C PRO H 136 7.76 -45.48 40.98
N ARG H 137 8.89 -45.60 40.29
CA ARG H 137 9.29 -46.84 39.64
C ARG H 137 8.32 -47.28 38.56
N VAL H 138 7.77 -46.33 37.79
CA VAL H 138 6.89 -46.70 36.68
C VAL H 138 7.38 -46.06 35.40
N LEU H 139 6.87 -46.57 34.29
CA LEU H 139 6.93 -45.88 33.01
C LEU H 139 5.61 -45.17 32.78
N CYS H 140 5.70 -43.89 32.43
CA CYS H 140 4.53 -43.05 32.24
C CYS H 140 4.75 -42.26 30.95
N MET H 141 3.83 -42.36 30.01
CA MET H 141 4.04 -41.67 28.73
C MET H 141 2.70 -41.37 28.06
N GLY H 142 2.76 -40.46 27.10
CA GLY H 142 1.61 -40.10 26.32
C GLY H 142 1.21 -38.65 26.57
N SER H 143 0.20 -38.23 25.83
CA SER H 143 -0.29 -36.84 25.90
C SER H 143 -1.80 -36.82 25.87
N PRO H 144 -2.46 -36.75 27.05
CA PRO H 144 -1.87 -36.71 28.39
C PRO H 144 -1.35 -38.08 28.80
N ALA H 145 -0.34 -38.11 29.68
CA ALA H 145 0.41 -39.33 29.91
C ALA H 145 -0.39 -40.33 30.74
N LYS H 146 -0.15 -41.61 30.47
CA LYS H 146 -0.74 -42.74 31.19
C LYS H 146 0.37 -43.52 31.86
N VAL H 147 0.11 -44.03 33.07
CA VAL H 147 1.01 -44.99 33.69
C VAL H 147 0.92 -46.31 32.91
N ILE H 148 2.05 -46.76 32.36
CA ILE H 148 2.04 -47.97 31.52
C ILE H 148 2.28 -49.23 32.34
N ARG H 149 3.31 -49.22 33.19
CA ARG H 149 3.77 -50.40 33.92
C ARG H 149 4.86 -49.98 34.91
N GLU H 150 5.14 -50.87 35.85
CA GLU H 150 6.36 -50.77 36.65
C GLU H 150 7.59 -51.01 35.76
N LEU H 151 8.67 -50.30 36.09
CA LEU H 151 9.95 -50.46 35.39
C LEU H 151 10.59 -51.79 35.74
N THR H 152 11.43 -52.29 34.83
CA THR H 152 12.25 -53.46 35.11
C THR H 152 13.49 -53.06 35.90
N GLU H 153 14.14 -54.08 36.47
CA GLU H 153 15.39 -53.86 37.17
C GLU H 153 16.47 -53.32 36.23
N GLU H 154 16.47 -53.76 34.96
CA GLU H 154 17.42 -53.20 33.99
C GLU H 154 17.13 -51.72 33.74
N GLU H 155 15.86 -51.31 33.73
CA GLU H 155 15.56 -49.89 33.55
C GLU H 155 15.91 -49.08 34.79
N ILE H 156 15.75 -49.68 35.97
CA ILE H 156 16.11 -48.98 37.20
C ILE H 156 17.61 -48.76 37.26
N GLU H 157 18.39 -49.81 36.97
CA GLU H 157 19.84 -49.67 36.93
C GLU H 157 20.27 -48.62 35.91
N TYR H 158 19.51 -48.48 34.81
CA TYR H 158 19.79 -47.42 33.86
C TYR H 158 19.61 -46.04 34.51
N LEU H 159 18.52 -45.86 35.27
CA LEU H 159 18.32 -44.61 35.97
C LEU H 159 19.45 -44.33 36.94
N LYS H 160 19.98 -45.37 37.59
CA LYS H 160 21.09 -45.18 38.53
C LYS H 160 22.31 -44.58 37.84
N ASN H 161 22.44 -44.73 36.53
CA ASN H 161 23.62 -44.29 35.78
C ASN H 161 23.40 -43.01 34.98
N SER H 162 22.17 -42.75 34.53
CA SER H 162 21.91 -41.64 33.61
C SER H 162 22.43 -40.31 34.14
N ALA H 163 21.95 -39.90 35.33
CA ALA H 163 22.34 -38.59 35.85
C ALA H 163 23.80 -38.54 36.27
N LYS H 164 24.38 -39.68 36.69
CA LYS H 164 25.78 -39.67 37.07
C LYS H 164 26.68 -39.51 35.86
N HIS H 165 26.27 -40.08 34.72
CA HIS H 165 27.04 -39.89 33.49
C HIS H 165 26.98 -38.44 33.00
N ASN H 166 25.84 -37.77 33.18
CA ASN H 166 25.77 -36.37 32.81
C ASN H 166 26.67 -35.51 33.68
N ILE H 167 26.78 -35.83 34.98
CA ILE H 167 27.75 -35.15 35.82
C ILE H 167 29.15 -35.29 35.23
N GLU H 168 29.53 -36.52 34.89
CA GLU H 168 30.81 -36.79 34.25
C GLU H 168 30.98 -35.97 32.98
N LEU H 169 29.90 -35.81 32.22
CA LEU H 169 29.96 -35.01 31.00
C LEU H 169 30.33 -33.56 31.32
N SER H 170 29.71 -32.99 32.34
CA SER H 170 29.87 -31.56 32.61
C SER H 170 31.27 -31.22 33.09
N LYS H 171 31.98 -32.17 33.70
CA LYS H 171 33.32 -31.91 34.23
C LYS H 171 34.34 -31.73 33.12
N ASN H 172 34.15 -32.38 31.98
CA ASN H 172 35.07 -32.20 30.86
C ASN H 172 34.87 -30.87 30.14
N TYR H 173 34.07 -29.97 30.71
CA TYR H 173 33.85 -28.65 30.12
C TYR H 173 34.72 -27.57 30.78
N MET I 1 29.66 -18.76 20.96
CA MET I 1 29.03 -19.49 19.87
C MET I 1 29.70 -20.85 19.61
N GLU I 2 31.02 -20.88 19.49
CA GLU I 2 31.74 -22.13 19.27
C GLU I 2 32.48 -22.52 20.54
N HIS I 3 32.33 -23.79 20.94
CA HIS I 3 32.91 -24.30 22.17
C HIS I 3 33.64 -25.59 21.86
N LYS I 4 34.80 -25.79 22.50
CA LYS I 4 35.51 -27.06 22.36
C LYS I 4 35.03 -28.04 23.42
N TYR I 5 35.04 -29.32 23.07
CA TYR I 5 34.79 -30.40 24.02
C TYR I 5 35.87 -31.46 23.86
N LYS I 6 36.66 -31.67 24.91
CA LYS I 6 37.81 -32.58 24.90
C LYS I 6 38.74 -32.13 23.78
N ASN I 7 38.97 -32.91 22.73
CA ASN I 7 39.90 -32.54 21.67
C ASN I 7 39.18 -32.11 20.40
N HIS I 8 37.90 -31.75 20.50
CA HIS I 8 37.06 -31.50 19.34
C HIS I 8 36.66 -30.04 19.28
N LEU I 9 36.89 -29.41 18.14
CA LEU I 9 36.34 -28.12 17.82
C LEU I 9 35.43 -28.26 16.61
N PRO I 10 34.37 -27.45 16.53
CA PRO I 10 33.51 -27.51 15.35
C PRO I 10 34.27 -27.19 14.07
N LYS I 11 33.91 -27.89 13.00
CA LYS I 11 34.44 -27.65 11.66
C LYS I 11 33.29 -27.06 10.86
N ILE I 12 33.25 -25.74 10.76
CA ILE I 12 32.13 -25.00 10.20
C ILE I 12 32.60 -24.33 8.92
N HIS I 13 31.94 -24.64 7.82
CA HIS I 13 32.27 -24.01 6.55
C HIS I 13 32.19 -22.49 6.67
N GLU I 14 33.06 -21.79 5.95
CA GLU I 14 33.11 -20.34 6.07
C GLU I 14 31.88 -19.66 5.47
N THR I 15 31.18 -20.32 4.56
CA THR I 15 29.92 -19.78 4.06
C THR I 15 28.73 -20.14 4.96
N THR I 16 28.95 -20.89 6.05
CA THR I 16 27.87 -21.21 6.98
C THR I 16 27.43 -19.97 7.75
N PHE I 17 26.12 -19.72 7.77
CA PHE I 17 25.56 -18.63 8.57
C PHE I 17 25.18 -19.15 9.95
N VAL I 18 25.69 -18.50 10.99
CA VAL I 18 25.43 -18.87 12.38
C VAL I 18 24.87 -17.66 13.10
N ALA I 19 23.59 -17.75 13.48
CA ALA I 19 22.91 -16.60 14.08
C ALA I 19 23.42 -16.36 15.50
N GLU I 20 23.01 -15.22 16.06
CA GLU I 20 23.34 -14.92 17.45
C GLU I 20 22.62 -15.87 18.38
N GLY I 21 23.23 -16.11 19.54
CA GLY I 21 22.67 -16.98 20.54
C GLY I 21 22.87 -18.45 20.29
N VAL I 22 23.40 -18.82 19.11
CA VAL I 22 23.69 -20.23 18.82
C VAL I 22 24.89 -20.69 19.64
N HIS I 23 24.86 -21.97 20.04
CA HIS I 23 25.99 -22.61 20.70
C HIS I 23 26.29 -23.93 20.00
N ILE I 24 27.49 -24.03 19.43
CA ILE I 24 27.94 -25.21 18.70
C ILE I 24 29.12 -25.78 19.46
N ILE I 25 29.00 -27.02 19.92
CA ILE I 25 29.93 -27.58 20.91
C ILE I 25 30.57 -28.82 20.32
N GLY I 26 31.90 -28.83 20.26
CA GLY I 26 32.63 -30.09 20.10
C GLY I 26 32.57 -30.64 18.69
N ASP I 27 32.29 -31.95 18.60
CA ASP I 27 32.46 -32.70 17.35
C ASP I 27 31.24 -32.44 16.44
N VAL I 28 31.23 -31.25 15.84
CA VAL I 28 30.18 -30.83 14.94
C VAL I 28 30.80 -30.40 13.62
N GLU I 29 30.23 -30.86 12.51
CA GLU I 29 30.62 -30.44 11.16
C GLU I 29 29.41 -29.89 10.44
N ILE I 30 29.56 -28.70 9.84
CA ILE I 30 28.49 -28.03 9.12
C ILE I 30 29.00 -27.64 7.75
N GLY I 31 28.16 -27.88 6.72
CA GLY I 31 28.58 -27.69 5.35
C GLY I 31 28.28 -26.31 4.78
N GLU I 32 28.79 -26.09 3.56
CA GLU I 32 28.62 -24.84 2.84
C GLU I 32 27.15 -24.41 2.77
N ASP I 33 26.92 -23.11 2.95
CA ASP I 33 25.60 -22.47 2.81
C ASP I 33 24.54 -23.05 3.74
N SER I 34 24.92 -23.82 4.75
CA SER I 34 23.96 -24.17 5.79
C SER I 34 23.78 -22.98 6.72
N ASN I 35 22.60 -22.88 7.34
CA ASN I 35 22.27 -21.74 8.18
C ASN I 35 21.68 -22.22 9.50
N ILE I 36 22.26 -21.74 10.59
CA ILE I 36 21.88 -22.13 11.95
C ILE I 36 21.29 -20.91 12.64
N TRP I 37 20.00 -20.99 12.97
CA TRP I 37 19.24 -19.81 13.35
C TRP I 37 19.27 -19.59 14.86
N PHE I 38 18.59 -18.55 15.32
CA PHE I 38 18.81 -17.97 16.64
C PHE I 38 18.52 -18.96 17.78
N ASN I 39 19.46 -19.04 18.72
CA ASN I 39 19.35 -19.81 19.96
C ASN I 39 19.30 -21.32 19.77
N ALA I 40 19.65 -21.83 18.59
CA ALA I 40 19.78 -23.27 18.43
C ALA I 40 21.00 -23.78 19.18
N VAL I 41 20.92 -25.02 19.64
CA VAL I 41 22.01 -25.68 20.37
C VAL I 41 22.38 -26.94 19.62
N LEU I 42 23.64 -27.03 19.21
CA LEU I 42 24.19 -28.19 18.51
C LEU I 42 25.31 -28.73 19.39
N ARG I 43 25.02 -29.77 20.16
CA ARG I 43 25.92 -30.22 21.22
C ARG I 43 26.52 -31.56 20.81
N GLY I 44 27.74 -31.53 20.27
CA GLY I 44 28.38 -32.76 19.86
C GLY I 44 29.37 -33.30 20.88
N ASP I 45 28.92 -33.54 22.11
CA ASP I 45 29.83 -34.01 23.15
C ASP I 45 29.73 -35.52 23.40
N GLU I 46 28.57 -36.13 23.14
CA GLU I 46 28.45 -37.57 23.30
C GLU I 46 28.72 -38.31 22.00
N ASN I 47 28.46 -37.67 20.88
CA ASN I 47 28.67 -38.28 19.58
C ASN I 47 28.84 -37.14 18.59
N SER I 48 29.16 -37.49 17.35
CA SER I 48 29.36 -36.49 16.33
C SER I 48 28.02 -35.99 15.77
N ILE I 49 28.00 -34.72 15.39
CA ILE I 49 26.89 -34.14 14.66
C ILE I 49 27.43 -33.74 13.30
N LYS I 50 26.84 -34.28 12.25
CA LYS I 50 27.27 -33.97 10.88
C LYS I 50 26.08 -33.43 10.11
N ILE I 51 26.25 -32.25 9.53
CA ILE I 51 25.21 -31.52 8.82
C ILE I 51 25.71 -31.21 7.43
N GLY I 52 24.94 -31.59 6.42
CA GLY I 52 25.35 -31.40 5.04
C GLY I 52 25.36 -29.96 4.57
N ARG I 53 25.06 -29.77 3.29
CA ARG I 53 25.18 -28.47 2.66
C ARG I 53 23.81 -27.87 2.42
N GLY I 54 23.69 -26.56 2.60
CA GLY I 54 22.42 -25.88 2.38
C GLY I 54 21.28 -26.28 3.29
N THR I 55 21.56 -26.79 4.49
CA THR I 55 20.47 -27.16 5.39
C THR I 55 20.30 -26.13 6.50
N ASN I 56 19.06 -25.91 6.89
CA ASN I 56 18.73 -24.92 7.91
C ASN I 56 18.33 -25.62 9.20
N ILE I 57 18.94 -25.20 10.30
CA ILE I 57 18.52 -25.58 11.64
C ILE I 57 17.86 -24.35 12.25
N GLN I 58 16.54 -24.39 12.42
CA GLN I 58 15.82 -23.18 12.78
C GLN I 58 15.86 -22.92 14.29
N ASP I 59 15.20 -21.84 14.70
CA ASP I 59 15.48 -21.22 15.98
C ASP I 59 15.09 -22.12 17.14
N ASN I 60 15.88 -22.05 18.22
CA ASN I 60 15.54 -22.67 19.49
C ASN I 60 15.48 -24.18 19.39
N ALA I 61 16.05 -24.75 18.33
CA ALA I 61 16.12 -26.19 18.20
C ALA I 61 17.31 -26.72 18.98
N THR I 62 17.29 -28.04 19.23
CA THR I 62 18.37 -28.73 19.92
C THR I 62 18.79 -29.95 19.13
N LEU I 63 20.10 -30.09 18.92
CA LEU I 63 20.68 -31.29 18.32
C LEU I 63 21.63 -31.89 19.34
N HIS I 64 21.40 -33.16 19.69
CA HIS I 64 22.28 -33.88 20.60
C HIS I 64 22.31 -35.32 20.16
N ALA I 65 23.07 -36.13 20.89
CA ALA I 65 23.10 -37.58 20.69
C ALA I 65 23.30 -38.26 22.03
N SER I 66 23.17 -39.58 22.02
CA SER I 66 23.21 -40.36 23.25
C SER I 66 24.64 -40.86 23.51
N GLU I 67 24.83 -41.49 24.67
CA GLU I 67 26.14 -42.00 25.06
C GLU I 67 26.69 -42.97 24.01
N VAL I 68 28.00 -42.98 23.86
CA VAL I 68 28.68 -43.94 22.98
C VAL I 68 28.51 -45.36 23.52
N GLN I 76 23.22 -47.67 18.22
CA GLN I 76 23.33 -46.39 18.90
C GLN I 76 24.09 -45.41 18.00
N SER I 77 23.42 -44.36 17.53
CA SER I 77 23.89 -43.58 16.40
C SER I 77 24.39 -42.19 16.79
N PRO I 78 25.17 -41.57 15.91
CA PRO I 78 25.36 -40.11 15.99
C PRO I 78 24.27 -39.41 15.19
N THR I 79 24.38 -38.10 15.06
CA THR I 79 23.40 -37.31 14.33
C THR I 79 23.97 -36.95 12.97
N ILE I 80 23.35 -37.47 11.93
CA ILE I 80 23.79 -37.27 10.55
C ILE I 80 22.62 -36.68 9.79
N ILE I 81 22.77 -35.43 9.35
CA ILE I 81 21.76 -34.73 8.58
C ILE I 81 22.33 -34.45 7.19
N GLY I 82 21.55 -34.75 6.15
CA GLY I 82 22.00 -34.64 4.78
C GLY I 82 21.97 -33.20 4.28
N ASP I 83 21.90 -33.04 2.96
CA ASP I 83 21.88 -31.73 2.33
C ASP I 83 20.46 -31.23 2.07
N TYR I 84 20.30 -29.91 2.14
CA TYR I 84 19.04 -29.22 1.86
C TYR I 84 17.90 -29.67 2.78
N VAL I 85 18.24 -30.02 4.00
CA VAL I 85 17.26 -30.40 5.02
C VAL I 85 16.78 -29.14 5.75
N THR I 86 15.48 -29.09 6.05
CA THR I 86 14.88 -28.05 6.89
C THR I 86 14.47 -28.66 8.23
N VAL I 87 15.13 -28.26 9.32
CA VAL I 87 14.74 -28.65 10.67
C VAL I 87 14.01 -27.46 11.32
N GLY I 88 12.70 -27.63 11.57
CA GLY I 88 11.87 -26.53 12.04
C GLY I 88 12.19 -26.03 13.46
N HIS I 89 11.58 -24.88 13.78
CA HIS I 89 11.74 -24.25 15.08
C HIS I 89 11.48 -25.21 16.24
N ASN I 90 12.32 -25.12 17.27
CA ASN I 90 12.11 -25.82 18.53
C ASN I 90 12.06 -27.33 18.36
N CYS I 91 12.58 -27.86 17.26
CA CYS I 91 12.68 -29.30 17.09
C CYS I 91 13.73 -29.87 18.04
N ILE I 92 13.59 -31.16 18.36
CA ILE I 92 14.62 -31.91 19.05
C ILE I 92 15.07 -33.02 18.13
N ILE I 93 16.34 -32.98 17.73
CA ILE I 93 16.91 -33.89 16.76
C ILE I 93 17.99 -34.66 17.51
N HIS I 94 17.72 -35.92 17.81
CA HIS I 94 18.49 -36.64 18.81
C HIS I 94 19.00 -37.98 18.29
N GLY I 95 20.27 -38.02 17.85
CA GLY I 95 20.93 -39.25 17.45
C GLY I 95 20.33 -39.95 16.25
N CYS I 96 19.69 -39.20 15.35
CA CYS I 96 18.99 -39.78 14.22
C CYS I 96 19.72 -39.46 12.91
N LYS I 97 19.17 -39.97 11.81
CA LYS I 97 19.69 -39.70 10.47
C LYS I 97 18.56 -39.18 9.60
N ILE I 98 18.78 -38.04 8.95
CA ILE I 98 17.78 -37.38 8.14
C ILE I 98 18.32 -37.24 6.73
N GLY I 99 17.53 -37.63 5.75
CA GLY I 99 18.00 -37.66 4.38
C GLY I 99 17.80 -36.35 3.66
N ASP I 100 18.47 -36.24 2.52
CA ASP I 100 18.48 -35.03 1.72
C ASP I 100 17.07 -34.53 1.44
N TYR I 101 16.91 -33.20 1.43
CA TYR I 101 15.69 -32.49 1.05
C TYR I 101 14.50 -32.73 1.97
N SER I 102 14.70 -33.32 3.14
CA SER I 102 13.57 -33.61 4.00
C SER I 102 13.24 -32.42 4.91
N LEU I 103 11.98 -32.35 5.33
CA LEU I 103 11.45 -31.25 6.13
C LEU I 103 10.94 -31.82 7.45
N ILE I 104 11.57 -31.41 8.56
CA ILE I 104 11.10 -31.80 9.89
C ILE I 104 10.19 -30.68 10.41
N GLY I 105 8.91 -30.99 10.56
CA GLY I 105 7.95 -29.98 11.02
C GLY I 105 8.35 -29.42 12.38
N MET I 106 8.14 -28.12 12.54
CA MET I 106 8.55 -27.43 13.77
C MET I 106 7.95 -28.11 14.99
N GLY I 107 8.71 -28.11 16.08
CA GLY I 107 8.27 -28.73 17.30
C GLY I 107 8.27 -30.25 17.28
N SER I 108 8.91 -30.89 16.31
CA SER I 108 8.97 -32.35 16.26
C SER I 108 10.13 -32.88 17.09
N ILE I 109 10.07 -34.18 17.38
CA ILE I 109 11.05 -34.87 18.20
C ILE I 109 11.43 -36.16 17.46
N ILE I 110 12.71 -36.28 17.09
CA ILE I 110 13.24 -37.45 16.39
C ILE I 110 14.28 -38.10 17.28
N LEU I 111 14.04 -39.35 17.68
CA LEU I 111 14.87 -39.95 18.72
C LEU I 111 15.93 -40.87 18.12
N ASP I 112 16.72 -41.48 18.98
CA ASP I 112 17.97 -42.15 18.57
C ASP I 112 17.73 -43.32 17.62
N ASN I 113 18.61 -43.43 16.62
CA ASN I 113 18.63 -44.49 15.62
C ASN I 113 17.45 -44.45 14.68
N ALA I 114 16.64 -43.39 14.74
CA ALA I 114 15.62 -43.20 13.73
C ALA I 114 16.29 -42.81 12.42
N GLU I 115 15.64 -43.14 11.31
CA GLU I 115 16.11 -42.73 10.00
C GLU I 115 14.95 -42.18 9.20
N ILE I 116 15.08 -40.93 8.76
CA ILE I 116 14.14 -40.31 7.85
C ILE I 116 14.72 -40.43 6.45
N GLY I 117 13.96 -41.02 5.54
CA GLY I 117 14.39 -41.08 4.16
C GLY I 117 14.37 -39.70 3.52
N GLU I 118 15.02 -39.60 2.36
CA GLU I 118 15.09 -38.30 1.71
C GLU I 118 13.72 -37.89 1.16
N TYR I 119 13.58 -36.60 0.87
CA TYR I 119 12.35 -36.04 0.32
C TYR I 119 11.11 -36.44 1.11
N THR I 120 11.22 -36.40 2.45
CA THR I 120 10.12 -36.76 3.33
C THR I 120 9.72 -35.59 4.24
N ILE I 121 8.42 -35.43 4.44
CA ILE I 121 7.87 -34.39 5.31
C ILE I 121 7.42 -35.01 6.63
N ILE I 122 7.94 -34.49 7.73
CA ILE I 122 7.49 -34.82 9.09
C ILE I 122 6.57 -33.70 9.55
N GLY I 123 5.31 -34.03 9.88
CA GLY I 123 4.38 -33.01 10.32
C GLY I 123 4.81 -32.33 11.61
N ALA I 124 4.40 -31.07 11.76
CA ALA I 124 4.68 -30.30 12.98
C ALA I 124 4.23 -31.07 14.21
N GLY I 125 5.06 -31.00 15.26
CA GLY I 125 4.71 -31.58 16.53
C GLY I 125 4.64 -33.10 16.53
N SER I 126 5.42 -33.76 15.67
CA SER I 126 5.47 -35.21 15.62
C SER I 126 6.53 -35.75 16.57
N LEU I 127 6.32 -36.98 17.01
CA LEU I 127 7.32 -37.71 17.75
C LEU I 127 7.68 -38.95 16.93
N VAL I 128 8.95 -39.05 16.53
CA VAL I 128 9.47 -40.23 15.85
C VAL I 128 10.30 -41.00 16.85
N THR I 129 9.84 -42.22 17.17
CA THR I 129 10.36 -43.02 18.26
C THR I 129 11.69 -43.66 17.87
N GLN I 130 12.43 -44.14 18.86
CA GLN I 130 13.74 -44.75 18.63
C GLN I 130 13.63 -45.84 17.57
N ASN I 131 14.66 -45.91 16.72
CA ASN I 131 14.83 -46.97 15.73
C ASN I 131 13.78 -46.94 14.63
N LYS I 132 12.87 -45.98 14.65
CA LYS I 132 11.85 -45.93 13.60
C LYS I 132 12.51 -45.61 12.27
N LYS I 133 12.16 -46.38 11.23
CA LYS I 133 12.66 -46.15 9.88
C LYS I 133 11.51 -45.59 9.06
N ILE I 134 11.66 -44.33 8.63
CA ILE I 134 10.68 -43.66 7.78
C ILE I 134 11.19 -43.72 6.35
N PRO I 135 10.38 -44.17 5.39
CA PRO I 135 10.88 -44.29 4.01
C PRO I 135 10.95 -42.92 3.35
N PRO I 136 11.62 -42.83 2.21
CA PRO I 136 11.65 -41.56 1.47
C PRO I 136 10.31 -41.25 0.84
N ARG I 137 10.12 -39.96 0.56
CA ARG I 137 8.99 -39.45 -0.23
C ARG I 137 7.62 -39.74 0.41
N VAL I 138 7.54 -39.71 1.74
CA VAL I 138 6.26 -39.90 2.40
C VAL I 138 5.95 -38.72 3.30
N LEU I 139 4.68 -38.58 3.63
CA LEU I 139 4.21 -37.72 4.70
C LEU I 139 4.06 -38.58 5.95
N CYS I 140 4.61 -38.10 7.06
CA CYS I 140 4.66 -38.85 8.31
C CYS I 140 4.39 -37.88 9.45
N MET I 141 3.44 -38.22 10.32
CA MET I 141 3.07 -37.30 11.39
C MET I 141 2.39 -38.07 12.52
N GLY I 142 2.15 -37.37 13.62
CA GLY I 142 1.56 -37.94 14.82
C GLY I 142 2.59 -38.20 15.90
N SER I 143 2.09 -38.61 17.05
CA SER I 143 2.91 -38.93 18.21
C SER I 143 2.32 -40.19 18.84
N PRO I 144 2.93 -41.36 18.62
CA PRO I 144 4.12 -41.62 17.79
C PRO I 144 3.81 -41.50 16.30
N ALA I 145 4.77 -40.98 15.53
CA ALA I 145 4.54 -40.72 14.11
C ALA I 145 4.29 -42.01 13.35
N LYS I 146 3.44 -41.91 12.33
CA LYS I 146 3.17 -43.01 11.43
C LYS I 146 3.18 -42.50 10.00
N VAL I 147 3.59 -43.37 9.07
CA VAL I 147 3.57 -43.03 7.66
C VAL I 147 2.12 -42.82 7.22
N ILE I 148 1.84 -41.65 6.65
CA ILE I 148 0.48 -41.30 6.26
C ILE I 148 0.21 -41.70 4.81
N ARG I 149 1.09 -41.30 3.89
CA ARG I 149 0.87 -41.43 2.46
C ARG I 149 2.12 -41.03 1.72
N GLU I 150 2.19 -41.41 0.44
CA GLU I 150 3.24 -40.92 -0.44
C GLU I 150 3.11 -39.42 -0.62
N LEU I 151 4.24 -38.77 -0.90
CA LEU I 151 4.22 -37.35 -1.23
C LEU I 151 3.83 -37.16 -2.68
N THR I 152 3.01 -36.14 -2.93
CA THR I 152 2.69 -35.73 -4.28
C THR I 152 3.88 -35.02 -4.92
N GLU I 153 3.91 -35.02 -6.25
CA GLU I 153 5.00 -34.33 -6.96
C GLU I 153 4.98 -32.83 -6.69
N GLU I 154 3.80 -32.26 -6.39
CA GLU I 154 3.74 -30.86 -5.99
C GLU I 154 4.33 -30.63 -4.61
N GLU I 155 4.35 -31.66 -3.76
CA GLU I 155 5.02 -31.54 -2.46
C GLU I 155 6.52 -31.78 -2.57
N ILE I 156 6.93 -32.73 -3.42
CA ILE I 156 8.35 -32.90 -3.69
C ILE I 156 8.93 -31.64 -4.31
N GLU I 157 8.13 -30.92 -5.11
CA GLU I 157 8.57 -29.64 -5.65
C GLU I 157 8.85 -28.66 -4.54
N TYR I 158 7.95 -28.58 -3.57
CA TYR I 158 8.15 -27.71 -2.42
C TYR I 158 9.44 -28.05 -1.68
N LEU I 159 9.72 -29.35 -1.49
CA LEU I 159 10.91 -29.74 -0.76
C LEU I 159 12.18 -29.32 -1.48
N LYS I 160 12.16 -29.22 -2.80
CA LYS I 160 13.33 -28.80 -3.55
C LYS I 160 13.58 -27.30 -3.46
N ASN I 161 12.63 -26.53 -2.91
CA ASN I 161 12.77 -25.09 -2.71
C ASN I 161 13.03 -24.71 -1.26
N SER I 162 12.32 -25.34 -0.31
CA SER I 162 12.32 -24.95 1.10
C SER I 162 13.71 -24.59 1.62
N ALA I 163 14.67 -25.51 1.48
CA ALA I 163 16.01 -25.25 1.98
C ALA I 163 16.76 -24.28 1.08
N LYS I 164 16.41 -24.21 -0.21
CA LYS I 164 17.09 -23.28 -1.11
C LYS I 164 16.65 -21.86 -0.87
N HIS I 165 15.36 -21.66 -0.57
CA HIS I 165 14.89 -20.34 -0.19
C HIS I 165 15.47 -19.90 1.15
N ASN I 166 15.68 -20.85 2.07
CA ASN I 166 16.28 -20.49 3.35
C ASN I 166 17.75 -20.11 3.19
N ILE I 167 18.42 -20.65 2.17
CA ILE I 167 19.77 -20.18 1.83
C ILE I 167 19.71 -18.71 1.44
N GLU I 168 18.81 -18.37 0.50
CA GLU I 168 18.55 -16.99 0.12
C GLU I 168 18.35 -16.11 1.35
N LEU I 169 17.45 -16.54 2.25
CA LEU I 169 17.08 -15.72 3.40
C LEU I 169 18.29 -15.44 4.29
N SER I 170 19.12 -16.45 4.54
CA SER I 170 20.28 -16.26 5.40
C SER I 170 21.23 -15.19 4.85
N LYS I 171 21.32 -15.08 3.52
CA LYS I 171 22.26 -14.15 2.92
C LYS I 171 21.90 -12.69 3.18
N ASN I 172 20.62 -12.38 3.44
CA ASN I 172 20.24 -11.01 3.77
C ASN I 172 20.64 -10.60 5.19
N TYR I 173 21.30 -11.46 5.96
CA TYR I 173 21.76 -11.14 7.31
C TYR I 173 23.22 -10.69 7.24
N ARG I 174 23.88 -10.61 8.40
CA ARG I 174 25.31 -10.32 8.42
C ARG I 174 26.05 -11.50 7.82
N HIS I 175 26.15 -11.50 6.49
CA HIS I 175 26.48 -12.70 5.74
C HIS I 175 26.80 -12.35 4.28
N TRP J 1 -13.44 15.05 -30.19
CA TRP J 1 -12.66 16.26 -30.40
C TRP J 1 -13.25 17.08 -31.49
N VAL J 2 -12.67 18.27 -31.59
CA VAL J 2 -13.16 19.41 -32.36
C VAL J 2 -12.09 20.47 -32.28
N ALA J 3 -11.96 21.08 -31.10
CA ALA J 3 -10.77 21.86 -30.70
C ALA J 3 -10.16 22.66 -31.85
N VAL J 4 -9.53 21.95 -32.79
CA VAL J 4 -8.86 22.60 -33.91
C VAL J 4 -9.87 23.39 -34.70
N TRP J 5 -9.40 24.45 -35.34
CA TRP J 5 -10.21 25.24 -36.24
C TRP J 5 -9.45 25.19 -37.55
N GLY J 6 -9.72 24.15 -38.32
CA GLY J 6 -9.07 23.95 -39.59
C GLY J 6 -9.76 24.85 -40.56
N ASP J 7 -9.01 25.82 -41.11
CA ASP J 7 -9.36 26.70 -42.23
C ASP J 7 -10.15 27.91 -41.75
N ARG J 8 -11.03 28.43 -42.61
CA ARG J 8 -11.72 29.72 -42.41
C ARG J 8 -10.82 30.74 -41.75
#